data_1CIT
# 
_entry.id   1CIT 
# 
_audit_conform.dict_name       mmcif_pdbx.dic 
_audit_conform.dict_version    5.375 
_audit_conform.dict_location   http://mmcif.pdb.org/dictionaries/ascii/mmcif_pdbx.dic 
# 
loop_
_database_2.database_id 
_database_2.database_code 
_database_2.pdbx_database_accession 
_database_2.pdbx_DOI 
PDB   1CIT         pdb_00001cit 10.2210/pdb1cit/pdb 
NDB   PD0046       ?            ?                   
RCSB  RCSB000786   ?            ?                   
WWPDB D_1000000786 ?            ?                   
# 
_pdbx_database_status.status_code                     REL 
_pdbx_database_status.entry_id                        1CIT 
_pdbx_database_status.recvd_initial_deposition_date   1999-04-05 
_pdbx_database_status.deposit_site                    BNL 
_pdbx_database_status.process_site                    RCSB 
_pdbx_database_status.status_code_sf                  REL 
_pdbx_database_status.SG_entry                        . 
_pdbx_database_status.pdb_format_compatible           Y 
_pdbx_database_status.status_code_mr                  ? 
_pdbx_database_status.status_code_cs                  ? 
_pdbx_database_status.status_code_nmr_data            ? 
_pdbx_database_status.methods_development_category    ? 
# 
loop_
_audit_author.name 
_audit_author.pdbx_ordinal 
'Meinke, G.'   1 
'Sigler, P.B.' 2 
# 
_citation.id                        primary 
_citation.title                     'DNA-binding mechanism of the monomeric orphan nuclear receptor NGFI-B.' 
_citation.journal_abbrev            Nat.Struct.Biol. 
_citation.journal_volume            6 
_citation.page_first                471 
_citation.page_last                 477 
_citation.year                      1999 
_citation.journal_id_ASTM           NSBIEW 
_citation.country                   US 
_citation.journal_id_ISSN           1072-8368 
_citation.journal_id_CSD            2024 
_citation.book_publisher            ? 
_citation.pdbx_database_id_PubMed   10331876 
_citation.pdbx_database_id_DOI      10.1038/8276 
# 
loop_
_citation_author.citation_id 
_citation_author.name 
_citation_author.ordinal 
_citation_author.identifier_ORCID 
primary 'Meinke, G.'   1 ? 
primary 'Sigler, P.B.' 2 ? 
# 
_cell.entry_id           1CIT 
_cell.length_a           53.420 
_cell.length_b           34.240 
_cell.length_c           56.260 
_cell.angle_alpha        90.00 
_cell.angle_beta         109.13 
_cell.angle_gamma        90.00 
_cell.Z_PDB              2 
_cell.pdbx_unique_axis   ? 
# 
_symmetry.entry_id                         1CIT 
_symmetry.space_group_name_H-M             'P 1 21 1' 
_symmetry.pdbx_full_space_group_name_H-M   ? 
_symmetry.cell_setting                     ? 
_symmetry.Int_Tables_number                4 
# 
loop_
_entity.id 
_entity.type 
_entity.src_method 
_entity.pdbx_description 
_entity.formula_weight 
_entity.pdbx_number_of_molecules 
_entity.pdbx_ec 
_entity.pdbx_mutation 
_entity.pdbx_fragment 
_entity.details 
1 polymer     syn 
;DNA (5'-D(*CP*CP*GP*AP*AP*AP*AP*GP*GP*TP*CP*AP*TP*GP*CP*G)-3')
;
4932.218  1  ? ? ?                                             ? 
2 polymer     syn 
;DNA (5'-D(*CP*GP*CP*AP*TP*GP*AP*CP*CP*TP*TP*TP*TP*CP*GP*G)-3')
;
4865.152  1  ? ? ?                                             ? 
3 polymer     man 'PROTEIN (ORPHAN NUCLEAR RECEPTOR NGFI-B)'                       10098.962 1  ? ? 
'DNA-BINDING DOMAIN AND C-TERMINAL EXTENSION' ? 
4 non-polymer syn 'ZINC ION'                                                       65.409    2  ? ? ? ? 
5 water       nat water                                                            18.015    38 ? ? ? ? 
# 
_entity_name_com.entity_id   3 
_entity_name_com.name        NGFI-B 
# 
loop_
_entity_poly.entity_id 
_entity_poly.type 
_entity_poly.nstd_linkage 
_entity_poly.nstd_monomer 
_entity_poly.pdbx_seq_one_letter_code 
_entity_poly.pdbx_seq_one_letter_code_can 
_entity_poly.pdbx_strand_id 
_entity_poly.pdbx_target_identifier 
1 polydeoxyribonucleotide no no '(DC)(DC)(DG)(DA)(DA)(DA)(DA)(DG)(DG)(DT)(DC)(DA)(DT)(DG)(DC)(DG)'                           
CCGAAAAGGTCATGCG                                                                             B ? 
2 polydeoxyribonucleotide no no '(DC)(DG)(DC)(DA)(DT)(DG)(DA)(DC)(DC)(DT)(DT)(DT)(DT)(DC)(DG)(DG)'                           
CGCATGACCTTTTCGG                                                                             C ? 
3 'polypeptide(L)'        no no 
;GRCAVCGDNASCQHYGVRTCEGCKGFFKRTVQKSAKYICLANKDCPVDKRRRNRCQFCRFQKCLAVGMVKEVVRTDSLKG
RRGRLPSKP
;
;GRCAVCGDNASCQHYGVRTCEGCKGFFKRTVQKSAKYICLANKDCPVDKRRRNRCQFCRFQKCLAVGMVKEVVRTDSLKG
RRGRLPSKP
;
A ? 
# 
loop_
_entity_poly_seq.entity_id 
_entity_poly_seq.num 
_entity_poly_seq.mon_id 
_entity_poly_seq.hetero 
1 1  DC  n 
1 2  DC  n 
1 3  DG  n 
1 4  DA  n 
1 5  DA  n 
1 6  DA  n 
1 7  DA  n 
1 8  DG  n 
1 9  DG  n 
1 10 DT  n 
1 11 DC  n 
1 12 DA  n 
1 13 DT  n 
1 14 DG  n 
1 15 DC  n 
1 16 DG  n 
2 1  DC  n 
2 2  DG  n 
2 3  DC  n 
2 4  DA  n 
2 5  DT  n 
2 6  DG  n 
2 7  DA  n 
2 8  DC  n 
2 9  DC  n 
2 10 DT  n 
2 11 DT  n 
2 12 DT  n 
2 13 DT  n 
2 14 DC  n 
2 15 DG  n 
2 16 DG  n 
3 1  GLY n 
3 2  ARG n 
3 3  CYS n 
3 4  ALA n 
3 5  VAL n 
3 6  CYS n 
3 7  GLY n 
3 8  ASP n 
3 9  ASN n 
3 10 ALA n 
3 11 SER n 
3 12 CYS n 
3 13 GLN n 
3 14 HIS n 
3 15 TYR n 
3 16 GLY n 
3 17 VAL n 
3 18 ARG n 
3 19 THR n 
3 20 CYS n 
3 21 GLU n 
3 22 GLY n 
3 23 CYS n 
3 24 LYS n 
3 25 GLY n 
3 26 PHE n 
3 27 PHE n 
3 28 LYS n 
3 29 ARG n 
3 30 THR n 
3 31 VAL n 
3 32 GLN n 
3 33 LYS n 
3 34 SER n 
3 35 ALA n 
3 36 LYS n 
3 37 TYR n 
3 38 ILE n 
3 39 CYS n 
3 40 LEU n 
3 41 ALA n 
3 42 ASN n 
3 43 LYS n 
3 44 ASP n 
3 45 CYS n 
3 46 PRO n 
3 47 VAL n 
3 48 ASP n 
3 49 LYS n 
3 50 ARG n 
3 51 ARG n 
3 52 ARG n 
3 53 ASN n 
3 54 ARG n 
3 55 CYS n 
3 56 GLN n 
3 57 PHE n 
3 58 CYS n 
3 59 ARG n 
3 60 PHE n 
3 61 GLN n 
3 62 LYS n 
3 63 CYS n 
3 64 LEU n 
3 65 ALA n 
3 66 VAL n 
3 67 GLY n 
3 68 MET n 
3 69 VAL n 
3 70 LYS n 
3 71 GLU n 
3 72 VAL n 
3 73 VAL n 
3 74 ARG n 
3 75 THR n 
3 76 ASP n 
3 77 SER n 
3 78 LEU n 
3 79 LYS n 
3 80 GLY n 
3 81 ARG n 
3 82 ARG n 
3 83 GLY n 
3 84 ARG n 
3 85 LEU n 
3 86 PRO n 
3 87 SER n 
3 88 LYS n 
3 89 PRO n 
# 
_entity_src_gen.entity_id                          3 
_entity_src_gen.pdbx_src_id                        1 
_entity_src_gen.pdbx_alt_source_flag               sample 
_entity_src_gen.pdbx_seq_type                      ? 
_entity_src_gen.pdbx_beg_seq_num                   ? 
_entity_src_gen.pdbx_end_seq_num                   ? 
_entity_src_gen.gene_src_common_name               'Norway rat' 
_entity_src_gen.gene_src_genus                     Rattus 
_entity_src_gen.pdbx_gene_src_gene                 ? 
_entity_src_gen.gene_src_species                   ? 
_entity_src_gen.gene_src_strain                    ? 
_entity_src_gen.gene_src_tissue                    ? 
_entity_src_gen.gene_src_tissue_fraction           ? 
_entity_src_gen.gene_src_details                   ? 
_entity_src_gen.pdbx_gene_src_fragment             ? 
_entity_src_gen.pdbx_gene_src_scientific_name      'Rattus norvegicus' 
_entity_src_gen.pdbx_gene_src_ncbi_taxonomy_id     10116 
_entity_src_gen.pdbx_gene_src_variant              ? 
_entity_src_gen.pdbx_gene_src_cell_line            ? 
_entity_src_gen.pdbx_gene_src_atcc                 ? 
_entity_src_gen.pdbx_gene_src_organ                BRAIN 
_entity_src_gen.pdbx_gene_src_organelle            ? 
_entity_src_gen.pdbx_gene_src_cell                 ? 
_entity_src_gen.pdbx_gene_src_cellular_location    NUCLEUS 
_entity_src_gen.host_org_common_name               ? 
_entity_src_gen.pdbx_host_org_scientific_name      'Escherichia coli BL21(DE3)' 
_entity_src_gen.pdbx_host_org_ncbi_taxonomy_id     469008 
_entity_src_gen.host_org_genus                     Escherichia 
_entity_src_gen.pdbx_host_org_gene                 ? 
_entity_src_gen.pdbx_host_org_organ                ? 
_entity_src_gen.host_org_species                   'Escherichia coli' 
_entity_src_gen.pdbx_host_org_tissue               ? 
_entity_src_gen.pdbx_host_org_tissue_fraction      ? 
_entity_src_gen.pdbx_host_org_strain               'BL21(DE3)' 
_entity_src_gen.pdbx_host_org_variant              ? 
_entity_src_gen.pdbx_host_org_cell_line            ? 
_entity_src_gen.pdbx_host_org_atcc                 ? 
_entity_src_gen.pdbx_host_org_culture_collection   ? 
_entity_src_gen.pdbx_host_org_cell                 ? 
_entity_src_gen.pdbx_host_org_organelle            ? 
_entity_src_gen.pdbx_host_org_cellular_location    ? 
_entity_src_gen.pdbx_host_org_vector_type          ? 
_entity_src_gen.pdbx_host_org_vector               ? 
_entity_src_gen.host_org_details                   ? 
_entity_src_gen.expression_system_id               ? 
_entity_src_gen.plasmid_name                       PET11A 
_entity_src_gen.plasmid_details                    ? 
_entity_src_gen.pdbx_description                   ? 
# 
loop_
_struct_ref.id 
_struct_ref.db_name 
_struct_ref.db_code 
_struct_ref.entity_id 
_struct_ref.pdbx_db_accession 
_struct_ref.pdbx_align_begin 
_struct_ref.pdbx_seq_one_letter_code 
_struct_ref.pdbx_db_isoform 
1 UNP NR4A1_RAT 3 P22829 ? ? ? 
2 PDB 1CIT      1 1CIT   ? ? ? 
3 PDB 1CIT      2 1CIT   ? ? ? 
# 
loop_
_struct_ref_seq.align_id 
_struct_ref_seq.ref_id 
_struct_ref_seq.pdbx_PDB_id_code 
_struct_ref_seq.pdbx_strand_id 
_struct_ref_seq.seq_align_beg 
_struct_ref_seq.pdbx_seq_align_beg_ins_code 
_struct_ref_seq.seq_align_end 
_struct_ref_seq.pdbx_seq_align_end_ins_code 
_struct_ref_seq.pdbx_db_accession 
_struct_ref_seq.db_align_beg 
_struct_ref_seq.pdbx_db_align_beg_ins_code 
_struct_ref_seq.db_align_end 
_struct_ref_seq.pdbx_db_align_end_ins_code 
_struct_ref_seq.pdbx_auth_seq_align_beg 
_struct_ref_seq.pdbx_auth_seq_align_end 
1 1 1CIT A 1 ? 89 ? P22829 268 ? 356 ? 230 318 
2 2 1CIT B 1 ? 16 ? 1CIT   402 ? 417 ? 402 417 
3 3 1CIT C 1 ? 16 ? 1CIT   419 ? 434 ? 419 434 
# 
loop_
_chem_comp.id 
_chem_comp.type 
_chem_comp.mon_nstd_flag 
_chem_comp.name 
_chem_comp.pdbx_synonyms 
_chem_comp.formula 
_chem_comp.formula_weight 
ALA 'L-peptide linking' y ALANINE                              ? 'C3 H7 N O2'      89.093  
ARG 'L-peptide linking' y ARGININE                             ? 'C6 H15 N4 O2 1'  175.209 
ASN 'L-peptide linking' y ASPARAGINE                           ? 'C4 H8 N2 O3'     132.118 
ASP 'L-peptide linking' y 'ASPARTIC ACID'                      ? 'C4 H7 N O4'      133.103 
CYS 'L-peptide linking' y CYSTEINE                             ? 'C3 H7 N O2 S'    121.158 
DA  'DNA linking'       y "2'-DEOXYADENOSINE-5'-MONOPHOSPHATE" ? 'C10 H14 N5 O6 P' 331.222 
DC  'DNA linking'       y "2'-DEOXYCYTIDINE-5'-MONOPHOSPHATE"  ? 'C9 H14 N3 O7 P'  307.197 
DG  'DNA linking'       y "2'-DEOXYGUANOSINE-5'-MONOPHOSPHATE" ? 'C10 H14 N5 O7 P' 347.221 
DT  'DNA linking'       y "THYMIDINE-5'-MONOPHOSPHATE"         ? 'C10 H15 N2 O8 P' 322.208 
GLN 'L-peptide linking' y GLUTAMINE                            ? 'C5 H10 N2 O3'    146.144 
GLU 'L-peptide linking' y 'GLUTAMIC ACID'                      ? 'C5 H9 N O4'      147.129 
GLY 'peptide linking'   y GLYCINE                              ? 'C2 H5 N O2'      75.067  
HIS 'L-peptide linking' y HISTIDINE                            ? 'C6 H10 N3 O2 1'  156.162 
HOH non-polymer         . WATER                                ? 'H2 O'            18.015  
ILE 'L-peptide linking' y ISOLEUCINE                           ? 'C6 H13 N O2'     131.173 
LEU 'L-peptide linking' y LEUCINE                              ? 'C6 H13 N O2'     131.173 
LYS 'L-peptide linking' y LYSINE                               ? 'C6 H15 N2 O2 1'  147.195 
MET 'L-peptide linking' y METHIONINE                           ? 'C5 H11 N O2 S'   149.211 
PHE 'L-peptide linking' y PHENYLALANINE                        ? 'C9 H11 N O2'     165.189 
PRO 'L-peptide linking' y PROLINE                              ? 'C5 H9 N O2'      115.130 
SER 'L-peptide linking' y SERINE                               ? 'C3 H7 N O3'      105.093 
THR 'L-peptide linking' y THREONINE                            ? 'C4 H9 N O3'      119.119 
TYR 'L-peptide linking' y TYROSINE                             ? 'C9 H11 N O3'     181.189 
VAL 'L-peptide linking' y VALINE                               ? 'C5 H11 N O2'     117.146 
ZN  non-polymer         . 'ZINC ION'                           ? 'Zn 2'            65.409  
# 
_exptl.entry_id          1CIT 
_exptl.method            'X-RAY DIFFRACTION' 
_exptl.crystals_number   1 
# 
_exptl_crystal.id                    1 
_exptl_crystal.density_meas          ? 
_exptl_crystal.density_Matthews      2.4 
_exptl_crystal.density_percent_sol   53.0 
_exptl_crystal.description           ? 
# 
_exptl_crystal_grow.crystal_id      1 
_exptl_crystal_grow.method          ? 
_exptl_crystal_grow.temp            ? 
_exptl_crystal_grow.temp_details    ? 
_exptl_crystal_grow.pH              7.0 
_exptl_crystal_grow.pdbx_details    
;PROTEIN/DNA COMPLEX CRYSTALS WERE GROWN USING THE VAPOR DIFFUSION METHOD AT 27 
DEGREES CELSIUS. THE RESEVOIR CONTAINS 50 MM MORPHOLINO-SULFONIC ACID PH7.0, 
250MM AMMONIUM CHLORIDE, 30 % PEG 4000, 5 MM DTT. THE DROPS CONTAINED A 1:1 
RATIO OF PROTEIN-COMPLEX TO RESEVOIR.
;
_exptl_crystal_grow.pdbx_pH_range   ? 
# 
_diffrn.id                     1 
_diffrn.ambient_temp           100.0 
_diffrn.ambient_temp_details   ? 
_diffrn.crystal_id             1 
# 
_diffrn_detector.diffrn_id              1 
_diffrn_detector.detector               'IMAGE PLATE' 
_diffrn_detector.type                   MARRESEARCH 
_diffrn_detector.pdbx_collection_date   ? 
_diffrn_detector.details                MIRROR 
# 
_diffrn_radiation.diffrn_id                        1 
_diffrn_radiation.wavelength_id                    1 
_diffrn_radiation.pdbx_monochromatic_or_laue_m_l   M 
_diffrn_radiation.monochromator                    ? 
_diffrn_radiation.pdbx_diffrn_protocol             'SINGLE WAVELENGTH' 
_diffrn_radiation.pdbx_scattering_type             x-ray 
# 
_diffrn_radiation_wavelength.id           1 
_diffrn_radiation_wavelength.wavelength   0.98 
_diffrn_radiation_wavelength.wt           1.0 
# 
_diffrn_source.diffrn_id                   1 
_diffrn_source.source                      SYNCHROTRON 
_diffrn_source.type                        'NSLS BEAMLINE X12B' 
_diffrn_source.pdbx_synchrotron_site       NSLS 
_diffrn_source.pdbx_synchrotron_beamline   X12B 
_diffrn_source.pdbx_wavelength             0.98 
_diffrn_source.pdbx_wavelength_list        ? 
# 
_reflns.entry_id                     1CIT 
_reflns.observed_criterion_sigma_I   3.0 
_reflns.observed_criterion_sigma_F   ? 
_reflns.d_resolution_low             18.0 
_reflns.d_resolution_high            2.7 
_reflns.number_obs                   5200 
_reflns.number_all                   ? 
_reflns.percent_possible_obs         95.0 
_reflns.pdbx_Rmerge_I_obs            ? 
_reflns.pdbx_Rsym_value              0.073 
_reflns.pdbx_netI_over_sigmaI        14.5 
_reflns.B_iso_Wilson_estimate        80.3 
_reflns.pdbx_redundancy              2.3 
_reflns.R_free_details               ? 
_reflns.limit_h_max                  ? 
_reflns.limit_h_min                  ? 
_reflns.limit_k_max                  ? 
_reflns.limit_k_min                  ? 
_reflns.limit_l_max                  ? 
_reflns.limit_l_min                  ? 
_reflns.observed_criterion_F_max     ? 
_reflns.observed_criterion_F_min     ? 
_reflns.pdbx_diffrn_id               1 
_reflns.pdbx_ordinal                 1 
# 
_reflns_shell.d_res_high             2.7 
_reflns_shell.d_res_low              2.8 
_reflns_shell.percent_possible_all   96.9 
_reflns_shell.Rmerge_I_obs           ? 
_reflns_shell.pdbx_Rsym_value        0.368 
_reflns_shell.meanI_over_sigI_obs    3.1 
_reflns_shell.pdbx_redundancy        ? 
_reflns_shell.percent_possible_obs   ? 
_reflns_shell.number_unique_all      ? 
_reflns_shell.pdbx_diffrn_id         ? 
_reflns_shell.pdbx_ordinal           1 
# 
_refine.entry_id                                 1CIT 
_refine.ls_number_reflns_obs                     5200 
_refine.ls_number_reflns_all                     ? 
_refine.pdbx_ls_sigma_I                          ? 
_refine.pdbx_ls_sigma_F                          0.0 
_refine.pdbx_data_cutoff_high_absF               ? 
_refine.pdbx_data_cutoff_low_absF                ? 
_refine.pdbx_data_cutoff_high_rms_absF           401381.9 
_refine.ls_d_res_low                             18.0 
_refine.ls_d_res_high                            2.7 
_refine.ls_percent_reflns_obs                    95.0 
_refine.ls_R_factor_obs                          ? 
_refine.ls_R_factor_all                          ? 
_refine.ls_R_factor_R_work                       0.219 
_refine.ls_R_factor_R_free                       0.295 
_refine.ls_R_factor_R_free_error                 0.012 
_refine.ls_R_factor_R_free_error_details         ? 
_refine.ls_percent_reflns_R_free                 10.9 
_refine.ls_number_reflns_R_free                  568 
_refine.ls_number_parameters                     ? 
_refine.ls_number_restraints                     ? 
_refine.occupancy_min                            ? 
_refine.occupancy_max                            ? 
_refine.B_iso_mean                               32.8 
_refine.aniso_B[1][1]                            0.0 
_refine.aniso_B[2][2]                            0.0 
_refine.aniso_B[3][3]                            0.0 
_refine.aniso_B[1][2]                            0.0 
_refine.aniso_B[1][3]                            0.0 
_refine.aniso_B[2][3]                            0.0 
_refine.solvent_model_details                    'FLAT MODEL' 
_refine.solvent_model_param_ksol                 0.29 
_refine.solvent_model_param_bsol                 27.0 
_refine.pdbx_ls_cross_valid_method               THROUGHOUT 
_refine.details                                  'BULK SOLVENT MODEL USED' 
_refine.pdbx_starting_model                      'PDB ENTRY 1HCQ' 
_refine.pdbx_method_to_determine_struct          'MOLECULAR REPLACEMENT' 
_refine.pdbx_isotropic_thermal_model             RESTRAINED 
_refine.pdbx_stereochemistry_target_values       ? 
_refine.pdbx_stereochem_target_val_spec_case     ? 
_refine.pdbx_R_Free_selection_details            RANDOM 
_refine.pdbx_overall_ESU_R                       ? 
_refine.pdbx_overall_ESU_R_Free                  ? 
_refine.overall_SU_ML                            ? 
_refine.overall_SU_B                             ? 
_refine.ls_redundancy_reflns_obs                 ? 
_refine.B_iso_min                                ? 
_refine.B_iso_max                                ? 
_refine.pdbx_refine_id                           'X-RAY DIFFRACTION' 
_refine.pdbx_diffrn_id                           1 
_refine.pdbx_TLS_residual_ADP_flag               ? 
_refine.correlation_coeff_Fo_to_Fc               ? 
_refine.correlation_coeff_Fo_to_Fc_free          ? 
_refine.pdbx_solvent_vdw_probe_radii             ? 
_refine.pdbx_solvent_ion_probe_radii             ? 
_refine.pdbx_solvent_shrinkage_radii             ? 
_refine.pdbx_overall_phase_error                 ? 
_refine.overall_SU_R_Cruickshank_DPI             ? 
_refine.pdbx_overall_SU_R_free_Cruickshank_DPI   ? 
_refine.pdbx_overall_SU_R_Blow_DPI               ? 
_refine.pdbx_overall_SU_R_free_Blow_DPI          ? 
# 
_refine_analyze.entry_id                        1CIT 
_refine_analyze.Luzzati_coordinate_error_obs    0.35 
_refine_analyze.Luzzati_sigma_a_obs             0.51 
_refine_analyze.Luzzati_d_res_low_obs           5.0 
_refine_analyze.Luzzati_coordinate_error_free   0.45 
_refine_analyze.Luzzati_sigma_a_free            0.51 
_refine_analyze.Luzzati_d_res_low_free          ? 
_refine_analyze.number_disordered_residues      ? 
_refine_analyze.occupancy_sum_hydrogen          ? 
_refine_analyze.occupancy_sum_non_hydrogen      ? 
_refine_analyze.pdbx_Luzzati_d_res_high_obs     ? 
_refine_analyze.pdbx_refine_id                  'X-RAY DIFFRACTION' 
# 
_refine_hist.pdbx_refine_id                   'X-RAY DIFFRACTION' 
_refine_hist.cycle_id                         LAST 
_refine_hist.pdbx_number_atoms_protein        690 
_refine_hist.pdbx_number_atoms_nucleic_acid   650 
_refine_hist.pdbx_number_atoms_ligand         2 
_refine_hist.number_atoms_solvent             38 
_refine_hist.number_atoms_total               1380 
_refine_hist.d_res_high                       2.7 
_refine_hist.d_res_low                        18.0 
# 
loop_
_refine_ls_restr.type 
_refine_ls_restr.dev_ideal 
_refine_ls_restr.dev_ideal_target 
_refine_ls_restr.weight 
_refine_ls_restr.number 
_refine_ls_restr.pdbx_refine_id 
_refine_ls_restr.pdbx_restraint_function 
c_bond_d                0.016 ?   ? ? 'X-RAY DIFFRACTION' ? 
c_bond_d_na             ?     ?   ? ? 'X-RAY DIFFRACTION' ? 
c_bond_d_prot           ?     ?   ? ? 'X-RAY DIFFRACTION' ? 
c_angle_d               ?     ?   ? ? 'X-RAY DIFFRACTION' ? 
c_angle_d_na            ?     ?   ? ? 'X-RAY DIFFRACTION' ? 
c_angle_d_prot          ?     ?   ? ? 'X-RAY DIFFRACTION' ? 
c_angle_deg             2.4   ?   ? ? 'X-RAY DIFFRACTION' ? 
c_angle_deg_na          ?     ?   ? ? 'X-RAY DIFFRACTION' ? 
c_angle_deg_prot        ?     ?   ? ? 'X-RAY DIFFRACTION' ? 
c_dihedral_angle_d      21.6  ?   ? ? 'X-RAY DIFFRACTION' ? 
c_dihedral_angle_d_na   ?     ?   ? ? 'X-RAY DIFFRACTION' ? 
c_dihedral_angle_d_prot ?     ?   ? ? 'X-RAY DIFFRACTION' ? 
c_improper_angle_d      1.78  ?   ? ? 'X-RAY DIFFRACTION' ? 
c_improper_angle_d_na   ?     ?   ? ? 'X-RAY DIFFRACTION' ? 
c_improper_angle_d_prot ?     ?   ? ? 'X-RAY DIFFRACTION' ? 
c_mcbond_it             3.06  1.5 ? ? 'X-RAY DIFFRACTION' ? 
c_mcangle_it            4.83  2.0 ? ? 'X-RAY DIFFRACTION' ? 
c_scbond_it             4.36  2.0 ? ? 'X-RAY DIFFRACTION' ? 
c_scangle_it            6.34  2.5 ? ? 'X-RAY DIFFRACTION' ? 
# 
_refine_ls_shell.pdbx_total_number_of_bins_used   6 
_refine_ls_shell.d_res_high                       2.7 
_refine_ls_shell.d_res_low                        2.87 
_refine_ls_shell.number_reflns_R_work             787 
_refine_ls_shell.R_factor_R_work                  0.35 
_refine_ls_shell.percent_reflns_obs               97.0 
_refine_ls_shell.R_factor_R_free                  0.42 
_refine_ls_shell.R_factor_R_free_error            0.04 
_refine_ls_shell.percent_reflns_R_free            11.0 
_refine_ls_shell.number_reflns_R_free             97 
_refine_ls_shell.redundancy_reflns_obs            ? 
_refine_ls_shell.number_reflns_all                ? 
_refine_ls_shell.number_reflns_obs                ? 
_refine_ls_shell.pdbx_refine_id                   'X-RAY DIFFRACTION' 
_refine_ls_shell.R_factor_all                     ? 
# 
loop_
_pdbx_xplor_file.serial_no 
_pdbx_xplor_file.param_file 
_pdbx_xplor_file.topol_file 
_pdbx_xplor_file.pdbx_refine_id 
1 PROTEIN_REP.PARAM PROTEIN.TOP 'X-RAY DIFFRACTION' 
2 DNA-RNA_REP.PARAM DNA-RNA.TOP 'X-RAY DIFFRACTION' 
3 WATER_REP.PARAM   WATER.TOP   'X-RAY DIFFRACTION' 
4 ION.PARAM         ION.TOP     'X-RAY DIFFRACTION' 
# 
_struct.entry_id                  1CIT 
_struct.title                     'DNA-BINDING MECHANISM OF THE MONOMERIC ORPHAN NUCLEAR RECEPTOR NGFI-B' 
_struct.pdbx_model_details        ? 
_struct.pdbx_CASP_flag            ? 
_struct.pdbx_model_type_details   ? 
# 
_struct_keywords.entry_id        1CIT 
_struct_keywords.pdbx_keywords   TRANSCRIPTION/DNA 
_struct_keywords.text            
;ORPHAN NUCLEAR RECEPTOR, EARLY IMMEDIATE RESPONSE GENE PRODUCT, TRANSCRIPTION FACTOR, MONOMERIC PROTEIN-DNA COMPLEX, MINOR GROOVE INTERACTIONS, PROTEIN/DNA, TRANSCRIPTION-DNA COMPLEX
;
# 
loop_
_struct_asym.id 
_struct_asym.pdbx_blank_PDB_chainid_flag 
_struct_asym.pdbx_modified 
_struct_asym.entity_id 
_struct_asym.details 
A N N 1 ? 
B N N 2 ? 
C N N 3 ? 
D N N 4 ? 
E N N 4 ? 
F N N 5 ? 
G N N 5 ? 
H N N 5 ? 
# 
_struct_biol.id   1 
# 
loop_
_struct_conf.conf_type_id 
_struct_conf.id 
_struct_conf.pdbx_PDB_helix_id 
_struct_conf.beg_label_comp_id 
_struct_conf.beg_label_asym_id 
_struct_conf.beg_label_seq_id 
_struct_conf.pdbx_beg_PDB_ins_code 
_struct_conf.end_label_comp_id 
_struct_conf.end_label_asym_id 
_struct_conf.end_label_seq_id 
_struct_conf.pdbx_end_PDB_ins_code 
_struct_conf.beg_auth_comp_id 
_struct_conf.beg_auth_asym_id 
_struct_conf.beg_auth_seq_id 
_struct_conf.end_auth_comp_id 
_struct_conf.end_auth_asym_id 
_struct_conf.end_auth_seq_id 
_struct_conf.pdbx_PDB_helix_class 
_struct_conf.details 
_struct_conf.pdbx_PDB_helix_length 
HELX_P HELX_P1 1 GLU C 21 ? LYS C 33 ? GLU A 250 LYS A 262 1 ? 13 
HELX_P HELX_P2 2 GLN C 56 ? ALA C 65 ? GLN A 285 ALA A 294 1 ? 10 
HELX_P HELX_P3 3 LYS C 70 ? VAL C 72 ? LYS A 299 VAL A 301 5 ? 3  
HELX_P HELX_P4 4 ASP C 44 ? LEU C 78 ? ASP A 273 LEU A 307 5 ? 35 
# 
_struct_conf_type.id          HELX_P 
_struct_conf_type.criteria    ? 
_struct_conf_type.reference   ? 
# 
loop_
_struct_conn.id 
_struct_conn.conn_type_id 
_struct_conn.pdbx_leaving_atom_flag 
_struct_conn.pdbx_PDB_id 
_struct_conn.ptnr1_label_asym_id 
_struct_conn.ptnr1_label_comp_id 
_struct_conn.ptnr1_label_seq_id 
_struct_conn.ptnr1_label_atom_id 
_struct_conn.pdbx_ptnr1_label_alt_id 
_struct_conn.pdbx_ptnr1_PDB_ins_code 
_struct_conn.pdbx_ptnr1_standard_comp_id 
_struct_conn.ptnr1_symmetry 
_struct_conn.ptnr2_label_asym_id 
_struct_conn.ptnr2_label_comp_id 
_struct_conn.ptnr2_label_seq_id 
_struct_conn.ptnr2_label_atom_id 
_struct_conn.pdbx_ptnr2_label_alt_id 
_struct_conn.pdbx_ptnr2_PDB_ins_code 
_struct_conn.ptnr1_auth_asym_id 
_struct_conn.ptnr1_auth_comp_id 
_struct_conn.ptnr1_auth_seq_id 
_struct_conn.ptnr2_auth_asym_id 
_struct_conn.ptnr2_auth_comp_id 
_struct_conn.ptnr2_auth_seq_id 
_struct_conn.ptnr2_symmetry 
_struct_conn.pdbx_ptnr3_label_atom_id 
_struct_conn.pdbx_ptnr3_label_seq_id 
_struct_conn.pdbx_ptnr3_label_comp_id 
_struct_conn.pdbx_ptnr3_label_asym_id 
_struct_conn.pdbx_ptnr3_label_alt_id 
_struct_conn.pdbx_ptnr3_PDB_ins_code 
_struct_conn.details 
_struct_conn.pdbx_dist_value 
_struct_conn.pdbx_value_order 
_struct_conn.pdbx_role 
metalc1  metalc ? ? C CYS 3  SG ? ? ? 1_555 D ZN .  ZN ? ? A CYS 232 A ZN 398 1_555 ? ? ? ? ? ? ?            2.713 ? ? 
metalc2  metalc ? ? C CYS 6  SG ? ? ? 1_555 D ZN .  ZN ? ? A CYS 235 A ZN 398 1_555 ? ? ? ? ? ? ?            2.645 ? ? 
metalc3  metalc ? ? C CYS 20 SG ? ? ? 1_555 D ZN .  ZN ? ? A CYS 249 A ZN 398 1_555 ? ? ? ? ? ? ?            2.629 ? ? 
metalc4  metalc ? ? C CYS 23 SG ? ? ? 1_555 D ZN .  ZN ? ? A CYS 252 A ZN 398 1_555 ? ? ? ? ? ? ?            2.518 ? ? 
metalc5  metalc ? ? C CYS 39 SG ? ? ? 1_555 E ZN .  ZN ? ? A CYS 268 A ZN 399 1_555 ? ? ? ? ? ? ?            2.571 ? ? 
metalc6  metalc ? ? C CYS 45 SG ? ? ? 1_555 E ZN .  ZN ? ? A CYS 274 A ZN 399 1_555 ? ? ? ? ? ? ?            2.562 ? ? 
metalc7  metalc ? ? C CYS 55 SG ? ? ? 1_555 E ZN .  ZN ? ? A CYS 284 A ZN 399 1_555 ? ? ? ? ? ? ?            2.609 ? ? 
metalc8  metalc ? ? C CYS 58 SG ? ? ? 1_555 E ZN .  ZN ? ? A CYS 287 A ZN 399 1_555 ? ? ? ? ? ? ?            2.564 ? ? 
hydrog1  hydrog ? ? A DC  1  N3 ? ? ? 1_555 B DG 16 N1 ? ? B DC  402 C DG 434 1_555 ? ? ? ? ? ? WATSON-CRICK ?     ? ? 
hydrog2  hydrog ? ? A DC  1  N4 ? ? ? 1_555 B DG 16 O6 ? ? B DC  402 C DG 434 1_555 ? ? ? ? ? ? WATSON-CRICK ?     ? ? 
hydrog3  hydrog ? ? A DC  1  O2 ? ? ? 1_555 B DG 16 N2 ? ? B DC  402 C DG 434 1_555 ? ? ? ? ? ? WATSON-CRICK ?     ? ? 
hydrog4  hydrog ? ? A DC  2  N3 ? ? ? 1_555 B DG 15 N1 ? ? B DC  403 C DG 433 1_555 ? ? ? ? ? ? WATSON-CRICK ?     ? ? 
hydrog5  hydrog ? ? A DC  2  N4 ? ? ? 1_555 B DG 15 O6 ? ? B DC  403 C DG 433 1_555 ? ? ? ? ? ? WATSON-CRICK ?     ? ? 
hydrog6  hydrog ? ? A DC  2  O2 ? ? ? 1_555 B DG 15 N2 ? ? B DC  403 C DG 433 1_555 ? ? ? ? ? ? WATSON-CRICK ?     ? ? 
hydrog7  hydrog ? ? A DG  3  N1 ? ? ? 1_555 B DC 14 N3 ? ? B DG  404 C DC 432 1_555 ? ? ? ? ? ? WATSON-CRICK ?     ? ? 
hydrog8  hydrog ? ? A DG  3  N2 ? ? ? 1_555 B DC 14 O2 ? ? B DG  404 C DC 432 1_555 ? ? ? ? ? ? WATSON-CRICK ?     ? ? 
hydrog9  hydrog ? ? A DG  3  O6 ? ? ? 1_555 B DC 14 N4 ? ? B DG  404 C DC 432 1_555 ? ? ? ? ? ? WATSON-CRICK ?     ? ? 
hydrog10 hydrog ? ? A DA  4  N1 ? ? ? 1_555 B DT 13 N3 ? ? B DA  405 C DT 431 1_555 ? ? ? ? ? ? WATSON-CRICK ?     ? ? 
hydrog11 hydrog ? ? A DA  4  N6 ? ? ? 1_555 B DT 13 O4 ? ? B DA  405 C DT 431 1_555 ? ? ? ? ? ? WATSON-CRICK ?     ? ? 
hydrog12 hydrog ? ? A DA  5  N1 ? ? ? 1_555 B DT 12 N3 ? ? B DA  406 C DT 430 1_555 ? ? ? ? ? ? WATSON-CRICK ?     ? ? 
hydrog13 hydrog ? ? A DA  5  N6 ? ? ? 1_555 B DT 12 O4 ? ? B DA  406 C DT 430 1_555 ? ? ? ? ? ? WATSON-CRICK ?     ? ? 
hydrog14 hydrog ? ? A DA  6  N1 ? ? ? 1_555 B DT 11 N3 ? ? B DA  407 C DT 429 1_555 ? ? ? ? ? ? WATSON-CRICK ?     ? ? 
hydrog15 hydrog ? ? A DA  6  N6 ? ? ? 1_555 B DT 11 O4 ? ? B DA  407 C DT 429 1_555 ? ? ? ? ? ? WATSON-CRICK ?     ? ? 
hydrog16 hydrog ? ? A DA  7  N1 ? ? ? 1_555 B DT 10 N3 ? ? B DA  408 C DT 428 1_555 ? ? ? ? ? ? WATSON-CRICK ?     ? ? 
hydrog17 hydrog ? ? A DA  7  N6 ? ? ? 1_555 B DT 10 O4 ? ? B DA  408 C DT 428 1_555 ? ? ? ? ? ? WATSON-CRICK ?     ? ? 
hydrog18 hydrog ? ? A DG  8  N1 ? ? ? 1_555 B DC 9  N3 ? ? B DG  409 C DC 427 1_555 ? ? ? ? ? ? WATSON-CRICK ?     ? ? 
hydrog19 hydrog ? ? A DG  8  N2 ? ? ? 1_555 B DC 9  O2 ? ? B DG  409 C DC 427 1_555 ? ? ? ? ? ? WATSON-CRICK ?     ? ? 
hydrog20 hydrog ? ? A DG  8  O6 ? ? ? 1_555 B DC 9  N4 ? ? B DG  409 C DC 427 1_555 ? ? ? ? ? ? WATSON-CRICK ?     ? ? 
hydrog21 hydrog ? ? A DG  9  N1 ? ? ? 1_555 B DC 8  N3 ? ? B DG  410 C DC 426 1_555 ? ? ? ? ? ? WATSON-CRICK ?     ? ? 
hydrog22 hydrog ? ? A DG  9  N2 ? ? ? 1_555 B DC 8  O2 ? ? B DG  410 C DC 426 1_555 ? ? ? ? ? ? WATSON-CRICK ?     ? ? 
hydrog23 hydrog ? ? A DG  9  O6 ? ? ? 1_555 B DC 8  N4 ? ? B DG  410 C DC 426 1_555 ? ? ? ? ? ? WATSON-CRICK ?     ? ? 
hydrog24 hydrog ? ? A DT  10 N3 ? ? ? 1_555 B DA 7  N1 ? ? B DT  411 C DA 425 1_555 ? ? ? ? ? ? 'DT-DA PAIR' ?     ? ? 
hydrog25 hydrog ? ? A DC  11 O2 ? ? ? 1_555 B DG 6  N2 ? ? B DC  412 C DG 424 1_555 ? ? ? ? ? ? 'DC-DG PAIR' ?     ? ? 
hydrog26 hydrog ? ? A DA  12 N1 ? ? ? 1_555 B DT 5  N3 ? ? B DA  413 C DT 423 1_555 ? ? ? ? ? ? 'DA-DT PAIR' ?     ? ? 
hydrog27 hydrog ? ? A DT  13 N3 ? ? ? 1_555 B DA 4  N1 ? ? B DT  414 C DA 422 1_555 ? ? ? ? ? ? WATSON-CRICK ?     ? ? 
hydrog28 hydrog ? ? A DT  13 O4 ? ? ? 1_555 B DA 4  N6 ? ? B DT  414 C DA 422 1_555 ? ? ? ? ? ? WATSON-CRICK ?     ? ? 
hydrog29 hydrog ? ? A DG  14 N1 ? ? ? 1_555 B DC 3  N3 ? ? B DG  415 C DC 421 1_555 ? ? ? ? ? ? WATSON-CRICK ?     ? ? 
hydrog30 hydrog ? ? A DG  14 N2 ? ? ? 1_555 B DC 3  O2 ? ? B DG  415 C DC 421 1_555 ? ? ? ? ? ? WATSON-CRICK ?     ? ? 
hydrog31 hydrog ? ? A DG  14 O6 ? ? ? 1_555 B DC 3  N4 ? ? B DG  415 C DC 421 1_555 ? ? ? ? ? ? WATSON-CRICK ?     ? ? 
hydrog32 hydrog ? ? A DC  15 N4 ? ? ? 1_555 B DG 2  O6 ? ? B DC  416 C DG 420 1_555 ? ? ? ? ? ? 'DC-DG PAIR' ?     ? ? 
hydrog33 hydrog ? ? A DG  16 N1 ? ? ? 1_555 B DC 1  N3 ? ? B DG  417 C DC 419 1_555 ? ? ? ? ? ? WATSON-CRICK ?     ? ? 
hydrog34 hydrog ? ? A DG  16 N2 ? ? ? 1_555 B DC 1  O2 ? ? B DG  417 C DC 419 1_555 ? ? ? ? ? ? WATSON-CRICK ?     ? ? 
hydrog35 hydrog ? ? A DG  16 O6 ? ? ? 1_555 B DC 1  N4 ? ? B DG  417 C DC 419 1_555 ? ? ? ? ? ? WATSON-CRICK ?     ? ? 
# 
loop_
_struct_conn_type.id 
_struct_conn_type.criteria 
_struct_conn_type.reference 
metalc ? ? 
hydrog ? ? 
# 
_struct_sheet.id               A 
_struct_sheet.type             ? 
_struct_sheet.number_strands   2 
_struct_sheet.details          ? 
# 
_struct_sheet_order.sheet_id     A 
_struct_sheet_order.range_id_1   1 
_struct_sheet_order.range_id_2   2 
_struct_sheet_order.offset       ? 
_struct_sheet_order.sense        anti-parallel 
# 
loop_
_struct_sheet_range.sheet_id 
_struct_sheet_range.id 
_struct_sheet_range.beg_label_comp_id 
_struct_sheet_range.beg_label_asym_id 
_struct_sheet_range.beg_label_seq_id 
_struct_sheet_range.pdbx_beg_PDB_ins_code 
_struct_sheet_range.end_label_comp_id 
_struct_sheet_range.end_label_asym_id 
_struct_sheet_range.end_label_seq_id 
_struct_sheet_range.pdbx_end_PDB_ins_code 
_struct_sheet_range.beg_auth_comp_id 
_struct_sheet_range.beg_auth_asym_id 
_struct_sheet_range.beg_auth_seq_id 
_struct_sheet_range.end_auth_comp_id 
_struct_sheet_range.end_auth_asym_id 
_struct_sheet_range.end_auth_seq_id 
A 1 CYS C 12 ? HIS C 14 ? CYS A 241 HIS A 243 
A 2 VAL C 17 ? THR C 19 ? VAL A 246 THR A 248 
# 
_pdbx_struct_sheet_hbond.sheet_id                A 
_pdbx_struct_sheet_hbond.range_id_1              1 
_pdbx_struct_sheet_hbond.range_id_2              2 
_pdbx_struct_sheet_hbond.range_1_label_atom_id   O 
_pdbx_struct_sheet_hbond.range_1_label_comp_id   CYS 
_pdbx_struct_sheet_hbond.range_1_label_asym_id   C 
_pdbx_struct_sheet_hbond.range_1_label_seq_id    12 
_pdbx_struct_sheet_hbond.range_1_PDB_ins_code    ? 
_pdbx_struct_sheet_hbond.range_1_auth_atom_id    O 
_pdbx_struct_sheet_hbond.range_1_auth_comp_id    CYS 
_pdbx_struct_sheet_hbond.range_1_auth_asym_id    A 
_pdbx_struct_sheet_hbond.range_1_auth_seq_id     241 
_pdbx_struct_sheet_hbond.range_2_label_atom_id   N 
_pdbx_struct_sheet_hbond.range_2_label_comp_id   THR 
_pdbx_struct_sheet_hbond.range_2_label_asym_id   C 
_pdbx_struct_sheet_hbond.range_2_label_seq_id    19 
_pdbx_struct_sheet_hbond.range_2_PDB_ins_code    ? 
_pdbx_struct_sheet_hbond.range_2_auth_atom_id    N 
_pdbx_struct_sheet_hbond.range_2_auth_comp_id    THR 
_pdbx_struct_sheet_hbond.range_2_auth_asym_id    A 
_pdbx_struct_sheet_hbond.range_2_auth_seq_id     248 
# 
loop_
_struct_site.id 
_struct_site.pdbx_evidence_code 
_struct_site.pdbx_auth_asym_id 
_struct_site.pdbx_auth_comp_id 
_struct_site.pdbx_auth_seq_id 
_struct_site.pdbx_auth_ins_code 
_struct_site.pdbx_num_residues 
_struct_site.details 
ZNA Author   ? ?  ?   ? 5 'ZINC COORDINATED BY 4 CYSTEINES'   
ZNB Author   ? ?  ?   ? 5 'ZINC COORDINATED BY 4 CYSTEINES'   
AC1 Software A ZN 398 ? 4 'BINDING SITE FOR RESIDUE ZN A 398' 
AC2 Software A ZN 399 ? 4 'BINDING SITE FOR RESIDUE ZN A 399' 
# 
loop_
_struct_site_gen.id 
_struct_site_gen.site_id 
_struct_site_gen.pdbx_num_res 
_struct_site_gen.label_comp_id 
_struct_site_gen.label_asym_id 
_struct_site_gen.label_seq_id 
_struct_site_gen.pdbx_auth_ins_code 
_struct_site_gen.auth_comp_id 
_struct_site_gen.auth_asym_id 
_struct_site_gen.auth_seq_id 
_struct_site_gen.label_atom_id 
_struct_site_gen.label_alt_id 
_struct_site_gen.symmetry 
_struct_site_gen.details 
1  ZNA 5 ZN  D .  ? ZN  A 398 . ? 1_555 ? 
2  ZNA 5 CYS C 3  ? CYS A 232 . ? 1_555 ? 
3  ZNA 5 CYS C 6  ? CYS A 235 . ? 1_555 ? 
4  ZNA 5 CYS C 20 ? CYS A 249 . ? 1_555 ? 
5  ZNA 5 CYS C 23 ? CYS A 252 . ? 1_555 ? 
6  ZNB 5 ZN  E .  ? ZN  A 399 . ? 1_555 ? 
7  ZNB 5 CYS C 39 ? CYS A 268 . ? 1_555 ? 
8  ZNB 5 CYS C 45 ? CYS A 274 . ? 1_555 ? 
9  ZNB 5 CYS C 55 ? CYS A 284 . ? 1_555 ? 
10 ZNB 5 CYS C 58 ? CYS A 287 . ? 1_555 ? 
11 AC1 4 CYS C 3  ? CYS A 232 . ? 1_555 ? 
12 AC1 4 CYS C 6  ? CYS A 235 . ? 1_555 ? 
13 AC1 4 CYS C 20 ? CYS A 249 . ? 1_555 ? 
14 AC1 4 CYS C 23 ? CYS A 252 . ? 1_555 ? 
15 AC2 4 CYS C 39 ? CYS A 268 . ? 1_555 ? 
16 AC2 4 CYS C 45 ? CYS A 274 . ? 1_555 ? 
17 AC2 4 CYS C 55 ? CYS A 284 . ? 1_555 ? 
18 AC2 4 CYS C 58 ? CYS A 287 . ? 1_555 ? 
# 
_atom_sites.entry_id                    1CIT 
_atom_sites.fract_transf_matrix[1][1]   -0.00644024 
_atom_sites.fract_transf_matrix[1][2]   -0.00727282 
_atom_sites.fract_transf_matrix[1][3]   0.01726924 
_atom_sites.fract_transf_matrix[2][1]   0.01888933 
_atom_sites.fract_transf_matrix[2][2]   0.01711787 
_atom_sites.fract_transf_matrix[2][3]   0.01425350 
_atom_sites.fract_transf_matrix[3][1]   -0.01426816 
_atom_sites.fract_transf_matrix[3][2]   0.01057640 
_atom_sites.fract_transf_matrix[3][3]   0.00620694 
_atom_sites.fract_transf_vector[1]      -0.237299 
_atom_sites.fract_transf_vector[2]      -0.099094 
_atom_sites.fract_transf_vector[3]      0.360730 
# 
loop_
_atom_type.symbol 
C  
N  
O  
P  
S  
ZN 
# 
loop_
_atom_site.group_PDB 
_atom_site.id 
_atom_site.type_symbol 
_atom_site.label_atom_id 
_atom_site.label_alt_id 
_atom_site.label_comp_id 
_atom_site.label_asym_id 
_atom_site.label_entity_id 
_atom_site.label_seq_id 
_atom_site.pdbx_PDB_ins_code 
_atom_site.Cartn_x 
_atom_site.Cartn_y 
_atom_site.Cartn_z 
_atom_site.occupancy 
_atom_site.B_iso_or_equiv 
_atom_site.pdbx_formal_charge 
_atom_site.auth_seq_id 
_atom_site.auth_comp_id 
_atom_site.auth_asym_id 
_atom_site.auth_atom_id 
_atom_site.pdbx_PDB_model_num 
ATOM   1    O  "O5'" . DC  A 1 1  ? 18.781  -15.752 27.792  1.00 63.03 ? 402 DC  B "O5'" 1 
ATOM   2    C  "C5'" . DC  A 1 1  ? 19.257  -15.418 26.474  1.00 61.29 ? 402 DC  B "C5'" 1 
ATOM   3    C  "C4'" . DC  A 1 1  ? 19.136  -16.540 25.465  1.00 57.29 ? 402 DC  B "C4'" 1 
ATOM   4    O  "O4'" . DC  A 1 1  ? 17.768  -17.010 25.415  1.00 56.26 ? 402 DC  B "O4'" 1 
ATOM   5    C  "C3'" . DC  A 1 1  ? 19.479  -16.148 24.027  1.00 58.06 ? 402 DC  B "C3'" 1 
ATOM   6    O  "O3'" . DC  A 1 1  ? 20.030  -17.285 23.339  1.00 59.55 ? 402 DC  B "O3'" 1 
ATOM   7    C  "C2'" . DC  A 1 1  ? 18.123  -15.789 23.449  1.00 53.75 ? 402 DC  B "C2'" 1 
ATOM   8    C  "C1'" . DC  A 1 1  ? 17.247  -16.838 24.101  1.00 49.70 ? 402 DC  B "C1'" 1 
ATOM   9    N  N1    . DC  A 1 1  ? 15.833  -16.476 24.227  1.00 44.96 ? 402 DC  B N1    1 
ATOM   10   C  C2    . DC  A 1 1  ? 14.893  -17.129 23.419  1.00 45.29 ? 402 DC  B C2    1 
ATOM   11   O  O2    . DC  A 1 1  ? 15.294  -17.954 22.577  1.00 47.63 ? 402 DC  B O2    1 
ATOM   12   N  N3    . DC  A 1 1  ? 13.575  -16.840 23.571  1.00 37.93 ? 402 DC  B N3    1 
ATOM   13   C  C4    . DC  A 1 1  ? 13.194  -15.929 24.471  1.00 39.72 ? 402 DC  B C4    1 
ATOM   14   N  N4    . DC  A 1 1  ? 11.886  -15.674 24.597  1.00 40.55 ? 402 DC  B N4    1 
ATOM   15   C  C5    . DC  A 1 1  ? 14.136  -15.235 25.288  1.00 38.39 ? 402 DC  B C5    1 
ATOM   16   C  C6    . DC  A 1 1  ? 15.431  -15.535 25.131  1.00 39.35 ? 402 DC  B C6    1 
ATOM   17   P  P     . DC  A 1 2  ? 20.536  -17.140 21.818  1.00 62.46 ? 403 DC  B P     1 
ATOM   18   O  OP1   . DC  A 1 2  ? 21.877  -17.765 21.705  1.00 65.58 ? 403 DC  B OP1   1 
ATOM   19   O  OP2   . DC  A 1 2  ? 20.348  -15.724 21.417  1.00 65.04 ? 403 DC  B OP2   1 
ATOM   20   O  "O5'" . DC  A 1 2  ? 19.502  -18.009 20.973  1.00 62.35 ? 403 DC  B "O5'" 1 
ATOM   21   C  "C5'" . DC  A 1 2  ? 18.107  -17.748 21.073  1.00 63.98 ? 403 DC  B "C5'" 1 
ATOM   22   C  "C4'" . DC  A 1 2  ? 17.452  -17.819 19.714  1.00 63.15 ? 403 DC  B "C4'" 1 
ATOM   23   O  "O4'" . DC  A 1 2  ? 16.092  -17.353 19.864  1.00 59.11 ? 403 DC  B "O4'" 1 
ATOM   24   C  "C3'" . DC  A 1 2  ? 18.070  -16.916 18.649  1.00 63.49 ? 403 DC  B "C3'" 1 
ATOM   25   O  "O3'" . DC  A 1 2  ? 17.787  -17.484 17.363  1.00 67.42 ? 403 DC  B "O3'" 1 
ATOM   26   C  "C2'" . DC  A 1 2  ? 17.307  -15.619 18.831  1.00 59.23 ? 403 DC  B "C2'" 1 
ATOM   27   C  "C1'" . DC  A 1 2  ? 15.914  -16.125 19.169  1.00 55.44 ? 403 DC  B "C1'" 1 
ATOM   28   N  N1    . DC  A 1 2  ? 15.142  -15.235 20.043  1.00 48.37 ? 403 DC  B N1    1 
ATOM   29   C  C2    . DC  A 1 2  ? 13.769  -15.424 20.130  1.00 46.21 ? 403 DC  B C2    1 
ATOM   30   O  O2    . DC  A 1 2  ? 13.245  -16.310 19.439  1.00 50.55 ? 403 DC  B O2    1 
ATOM   31   N  N3    . DC  A 1 2  ? 13.045  -14.643 20.956  1.00 42.07 ? 403 DC  B N3    1 
ATOM   32   C  C4    . DC  A 1 2  ? 13.647  -13.687 21.665  1.00 43.74 ? 403 DC  B C4    1 
ATOM   33   N  N4    . DC  A 1 2  ? 12.893  -12.939 22.473  1.00 44.55 ? 403 DC  B N4    1 
ATOM   34   C  C5    . DC  A 1 2  ? 15.051  -13.456 21.580  1.00 40.40 ? 403 DC  B C5    1 
ATOM   35   C  C6    . DC  A 1 2  ? 15.753  -14.248 20.765  1.00 45.48 ? 403 DC  B C6    1 
ATOM   36   P  P     . DG  A 1 3  ? 18.373  -16.802 16.027  1.00 69.85 ? 404 DG  B P     1 
ATOM   37   O  OP1   . DG  A 1 3  ? 19.615  -17.521 15.655  1.00 72.01 ? 404 DG  B OP1   1 
ATOM   38   O  OP2   . DG  A 1 3  ? 18.406  -15.329 16.216  1.00 70.14 ? 404 DG  B OP2   1 
ATOM   39   O  "O5'" . DG  A 1 3  ? 17.261  -17.126 14.936  1.00 61.73 ? 404 DG  B "O5'" 1 
ATOM   40   C  "C5'" . DG  A 1 3  ? 16.336  -18.190 15.142  1.00 54.26 ? 404 DG  B "C5'" 1 
ATOM   41   C  "C4'" . DG  A 1 3  ? 14.924  -17.706 14.908  1.00 48.48 ? 404 DG  B "C4'" 1 
ATOM   42   O  "O4'" . DG  A 1 3  ? 14.541  -16.755 15.929  1.00 47.30 ? 404 DG  B "O4'" 1 
ATOM   43   C  "C3'" . DG  A 1 3  ? 14.715  -16.989 13.577  1.00 47.49 ? 404 DG  B "C3'" 1 
ATOM   44   O  "O3'" . DG  A 1 3  ? 13.409  -17.289 13.101  1.00 52.71 ? 404 DG  B "O3'" 1 
ATOM   45   C  "C2'" . DG  A 1 3  ? 14.785  -15.524 13.963  1.00 41.04 ? 404 DG  B "C2'" 1 
ATOM   46   C  "C1'" . DG  A 1 3  ? 14.099  -15.556 15.309  1.00 39.53 ? 404 DG  B "C1'" 1 
ATOM   47   N  N9    . DG  A 1 3  ? 14.400  -14.447 16.209  1.00 35.34 ? 404 DG  B N9    1 
ATOM   48   C  C8    . DG  A 1 3  ? 15.631  -13.901 16.476  1.00 37.76 ? 404 DG  B C8    1 
ATOM   49   N  N7    . DG  A 1 3  ? 15.586  -12.952 17.374  1.00 34.23 ? 404 DG  B N7    1 
ATOM   50   C  C5    . DG  A 1 3  ? 14.242  -12.862 17.713  1.00 28.22 ? 404 DG  B C5    1 
ATOM   51   C  C6    . DG  A 1 3  ? 13.586  -12.029 18.654  1.00 25.57 ? 404 DG  B C6    1 
ATOM   52   O  O6    . DG  A 1 3  ? 14.080  -11.187 19.419  1.00 26.35 ? 404 DG  B O6    1 
ATOM   53   N  N1    . DG  A 1 3  ? 12.217  -12.256 18.671  1.00 22.05 ? 404 DG  B N1    1 
ATOM   54   C  C2    . DG  A 1 3  ? 11.560  -13.171 17.890  1.00 23.81 ? 404 DG  B C2    1 
ATOM   55   N  N2    . DG  A 1 3  ? 10.226  -13.232 18.045  1.00 15.08 ? 404 DG  B N2    1 
ATOM   56   N  N3    . DG  A 1 3  ? 12.164  -13.968 17.020  1.00 27.82 ? 404 DG  B N3    1 
ATOM   57   C  C4    . DG  A 1 3  ? 13.494  -13.761 16.986  1.00 29.49 ? 404 DG  B C4    1 
ATOM   58   P  P     . DA  A 1 4  ? 13.075  -17.119 11.547  1.00 59.45 ? 405 DA  B P     1 
ATOM   59   O  OP1   . DA  A 1 4  ? 13.213  -18.462 10.925  1.00 57.08 ? 405 DA  B OP1   1 
ATOM   60   O  OP2   . DA  A 1 4  ? 13.879  -15.978 11.039  1.00 52.80 ? 405 DA  B OP2   1 
ATOM   61   O  "O5'" . DA  A 1 4  ? 11.537  -16.705 11.530  1.00 55.53 ? 405 DA  B "O5'" 1 
ATOM   62   C  "C5'" . DA  A 1 4  ? 10.559  -17.547 12.133  1.00 55.11 ? 405 DA  B "C5'" 1 
ATOM   63   C  "C4'" . DA  A 1 4  ? 9.326   -16.750 12.496  1.00 52.62 ? 405 DA  B "C4'" 1 
ATOM   64   O  "O4'" . DA  A 1 4  ? 9.679   -15.722 13.447  1.00 49.77 ? 405 DA  B "O4'" 1 
ATOM   65   C  "C3'" . DA  A 1 4  ? 8.636   -16.024 11.342  1.00 49.31 ? 405 DA  B "C3'" 1 
ATOM   66   O  "O3'" . DA  A 1 4  ? 7.230   -16.008 11.604  1.00 50.34 ? 405 DA  B "O3'" 1 
ATOM   67   C  "C2'" . DA  A 1 4  ? 9.219   -14.624 11.421  1.00 43.98 ? 405 DA  B "C2'" 1 
ATOM   68   C  "C1'" . DA  A 1 4  ? 9.376   -14.438 12.922  1.00 42.86 ? 405 DA  B "C1'" 1 
ATOM   69   N  N9    . DA  A 1 4  ? 10.456  -13.546 13.326  1.00 37.49 ? 405 DA  B N9    1 
ATOM   70   C  C8    . DA  A 1 4  ? 11.758  -13.545 12.893  1.00 36.17 ? 405 DA  B C8    1 
ATOM   71   N  N7    . DA  A 1 4  ? 12.516  -12.661 13.497  1.00 32.01 ? 405 DA  B N7    1 
ATOM   72   C  C5    . DA  A 1 4  ? 11.654  -12.032 14.384  1.00 31.11 ? 405 DA  B C5    1 
ATOM   73   C  C6    . DA  A 1 4  ? 11.854  -11.021 15.346  1.00 29.31 ? 405 DA  B C6    1 
ATOM   74   N  N6    . DA  A 1 4  ? 13.039  -10.471 15.603  1.00 13.71 ? 405 DA  B N6    1 
ATOM   75   N  N1    . DA  A 1 4  ? 10.778  -10.606 16.057  1.00 30.81 ? 405 DA  B N1    1 
ATOM   76   C  C2    . DA  A 1 4  ? 9.592   -11.195 15.826  1.00 35.22 ? 405 DA  B C2    1 
ATOM   77   N  N3    . DA  A 1 4  ? 9.286   -12.177 14.967  1.00 35.01 ? 405 DA  B N3    1 
ATOM   78   C  C4    . DA  A 1 4  ? 10.374  -12.552 14.270  1.00 35.65 ? 405 DA  B C4    1 
ATOM   79   P  P     . DA  A 1 5  ? 6.209   -15.532 10.464  1.00 51.02 ? 406 DA  B P     1 
ATOM   80   O  OP1   . DA  A 1 5  ? 5.103   -16.517 10.359  1.00 50.28 ? 406 DA  B OP1   1 
ATOM   81   O  OP2   . DA  A 1 5  ? 7.029   -15.207 9.270   1.00 52.45 ? 406 DA  B OP2   1 
ATOM   82   O  "O5'" . DA  A 1 5  ? 5.617   -14.182 11.053  1.00 45.25 ? 406 DA  B "O5'" 1 
ATOM   83   C  "C5'" . DA  A 1 5  ? 6.487   -13.260 11.691  1.00 41.44 ? 406 DA  B "C5'" 1 
ATOM   84   C  "C4'" . DA  A 1 5  ? 5.741   -12.014 12.096  1.00 32.57 ? 406 DA  B "C4'" 1 
ATOM   85   O  "O4'" . DA  A 1 5  ? 6.699   -11.177 12.778  1.00 28.73 ? 406 DA  B "O4'" 1 
ATOM   86   C  "C3'" . DA  A 1 5  ? 5.213   -11.192 10.926  1.00 29.57 ? 406 DA  B "C3'" 1 
ATOM   87   O  "O3'" . DA  A 1 5  ? 3.976   -10.560 11.276  1.00 30.66 ? 406 DA  B "O3'" 1 
ATOM   88   C  "C2'" . DA  A 1 5  ? 6.328   -10.197 10.661  1.00 29.81 ? 406 DA  B "C2'" 1 
ATOM   89   C  "C1'" . DA  A 1 5  ? 6.987   -10.014 12.023  1.00 27.20 ? 406 DA  B "C1'" 1 
ATOM   90   N  N9    . DA  A 1 5  ? 8.444   -9.870  11.980  1.00 27.30 ? 406 DA  B N9    1 
ATOM   91   C  C8    . DA  A 1 5  ? 9.345   -10.489 11.143  1.00 20.49 ? 406 DA  B C8    1 
ATOM   92   N  N7    . DA  A 1 5  ? 10.594  -10.133 11.357  1.00 22.91 ? 406 DA  B N7    1 
ATOM   93   C  C5    . DA  A 1 5  ? 10.507  -9.219  12.402  1.00 24.47 ? 406 DA  B C5    1 
ATOM   94   C  C6    . DA  A 1 5  ? 11.484  -8.454  13.098  1.00 26.97 ? 406 DA  B C6    1 
ATOM   95   N  N6    . DA  A 1 5  ? 12.791  -8.473  12.817  1.00 19.84 ? 406 DA  B N6    1 
ATOM   96   N  N1    . DA  A 1 5  ? 11.058  -7.645  14.098  1.00 26.88 ? 406 DA  B N1    1 
ATOM   97   C  C2    . DA  A 1 5  ? 9.748   -7.605  14.372  1.00 24.73 ? 406 DA  B C2    1 
ATOM   98   N  N3    . DA  A 1 5  ? 8.740   -8.265  13.787  1.00 25.87 ? 406 DA  B N3    1 
ATOM   99   C  C4    . DA  A 1 5  ? 9.191   -9.058  12.801  1.00 23.44 ? 406 DA  B C4    1 
ATOM   100  P  P     . DA  A 1 6  ? 3.196   -9.668  10.185  1.00 32.87 ? 407 DA  B P     1 
ATOM   101  O  OP1   . DA  A 1 6  ? 1.793   -9.436  10.635  1.00 20.22 ? 407 DA  B OP1   1 
ATOM   102  O  OP2   . DA  A 1 6  ? 3.439   -10.262 8.837   1.00 24.18 ? 407 DA  B OP2   1 
ATOM   103  O  "O5'" . DA  A 1 6  ? 3.977   -8.280  10.255  1.00 27.86 ? 407 DA  B "O5'" 1 
ATOM   104  C  "C5'" . DA  A 1 6  ? 3.630   -7.292  11.225  1.00 22.07 ? 407 DA  B "C5'" 1 
ATOM   105  C  "C4'" . DA  A 1 6  ? 4.434   -6.033  10.999  1.00 27.39 ? 407 DA  B "C4'" 1 
ATOM   106  O  "O4'" . DA  A 1 6  ? 5.852   -6.298  11.211  1.00 23.63 ? 407 DA  B "O4'" 1 
ATOM   107  C  "C3'" . DA  A 1 6  ? 4.322   -5.431  9.588   1.00 23.21 ? 407 DA  B "C3'" 1 
ATOM   108  O  "O3'" . DA  A 1 6  ? 4.386   -4.007  9.671   1.00 26.37 ? 407 DA  B "O3'" 1 
ATOM   109  C  "C2'" . DA  A 1 6  ? 5.622   -5.869  8.942   1.00 21.77 ? 407 DA  B "C2'" 1 
ATOM   110  C  "C1'" . DA  A 1 6  ? 6.555   -5.726  10.127  1.00 24.17 ? 407 DA  B "C1'" 1 
ATOM   111  N  N9    . DA  A 1 6  ? 7.877   -6.345  10.021  1.00 24.97 ? 407 DA  B N9    1 
ATOM   112  C  C8    . DA  A 1 6  ? 8.283   -7.411  9.253   1.00 27.17 ? 407 DA  B C8    1 
ATOM   113  N  N7    . DA  A 1 6  ? 9.571   -7.659  9.334   1.00 21.48 ? 407 DA  B N7    1 
ATOM   114  C  C5    . DA  A 1 6  ? 10.038  -6.701  10.221  1.00 19.47 ? 407 DA  B C5    1 
ATOM   115  C  C6    . DA  A 1 6  ? 11.322  -6.407  10.703  1.00 25.02 ? 407 DA  B C6    1 
ATOM   116  N  N6    . DA  A 1 6  ? 12.420  -7.054  10.318  1.00 24.70 ? 407 DA  B N6    1 
ATOM   117  N  N1    . DA  A 1 6  ? 11.446  -5.398  11.599  1.00 27.32 ? 407 DA  B N1    1 
ATOM   118  C  C2    . DA  A 1 6  ? 10.348  -4.728  11.959  1.00 24.19 ? 407 DA  B C2    1 
ATOM   119  N  N3    . DA  A 1 6  ? 9.088   -4.895  11.553  1.00 23.36 ? 407 DA  B N3    1 
ATOM   120  C  C4    . DA  A 1 6  ? 9.001   -5.907  10.674  1.00 20.97 ? 407 DA  B C4    1 
ATOM   121  P  P     . DA  A 1 7  ? 3.053   -3.118  9.520   1.00 34.43 ? 408 DA  B P     1 
ATOM   122  O  OP1   . DA  A 1 7  ? 2.124   -3.468  10.618  1.00 30.41 ? 408 DA  B OP1   1 
ATOM   123  O  OP2   . DA  A 1 7  ? 2.573   -3.176  8.118   1.00 34.17 ? 408 DA  B OP2   1 
ATOM   124  O  "O5'" . DA  A 1 7  ? 3.615   -1.644  9.763   1.00 27.25 ? 408 DA  B "O5'" 1 
ATOM   125  C  "C5'" . DA  A 1 7  ? 3.830   -1.158  11.083  1.00 31.80 ? 408 DA  B "C5'" 1 
ATOM   126  C  "C4'" . DA  A 1 7  ? 5.066   -0.288  11.145  1.00 28.99 ? 408 DA  B "C4'" 1 
ATOM   127  O  "O4'" . DA  A 1 7  ? 6.254   -1.105  11.316  1.00 28.40 ? 408 DA  B "O4'" 1 
ATOM   128  C  "C3'" . DA  A 1 7  ? 5.307   0.588   9.914   1.00 28.28 ? 408 DA  B "C3'" 1 
ATOM   129  O  "O3'" . DA  A 1 7  ? 5.652   1.932   10.231  1.00 25.88 ? 408 DA  B "O3'" 1 
ATOM   130  C  "C2'" . DA  A 1 7  ? 6.535   -0.024  9.285   1.00 34.82 ? 408 DA  B "C2'" 1 
ATOM   131  C  "C1'" . DA  A 1 7  ? 7.271   -0.595  10.482  1.00 26.77 ? 408 DA  B "C1'" 1 
ATOM   132  N  N9    . DA  A 1 7  ? 8.112   -1.697  10.031  1.00 21.96 ? 408 DA  B N9    1 
ATOM   133  C  C8    . DA  A 1 7  ? 7.729   -2.796  9.315   1.00 18.44 ? 408 DA  B C8    1 
ATOM   134  N  N7    . DA  A 1 7  ? 8.731   -3.524  8.892   1.00 18.86 ? 408 DA  B N7    1 
ATOM   135  C  C5    . DA  A 1 7  ? 9.844   -2.879  9.400   1.00 20.96 ? 408 DA  B C5    1 
ATOM   136  C  C6    . DA  A 1 7  ? 11.222  -3.141  9.298   1.00 24.29 ? 408 DA  B C6    1 
ATOM   137  N  N6    . DA  A 1 7  ? 11.743  -4.132  8.571   1.00 26.05 ? 408 DA  B N6    1 
ATOM   138  N  N1    . DA  A 1 7  ? 12.062  -2.325  9.964   1.00 26.52 ? 408 DA  B N1    1 
ATOM   139  C  C2    . DA  A 1 7  ? 11.545  -1.304  10.655  1.00 26.79 ? 408 DA  B C2    1 
ATOM   140  N  N3    . DA  A 1 7  ? 10.276  -0.941  10.802  1.00 24.81 ? 408 DA  B N3    1 
ATOM   141  C  C4    . DA  A 1 7  ? 9.470   -1.780  10.144  1.00 19.21 ? 408 DA  B C4    1 
ATOM   142  P  P     . DG  A 1 8  ? 5.693   3.032   9.051   1.00 27.15 ? 409 DG  B P     1 
ATOM   143  O  OP1   . DG  A 1 8  ? 4.686   4.063   9.393   1.00 25.11 ? 409 DG  B OP1   1 
ATOM   144  O  OP2   . DG  A 1 8  ? 5.608   2.334   7.746   1.00 19.38 ? 409 DG  B OP2   1 
ATOM   145  O  "O5'" . DG  A 1 8  ? 7.157   3.655   9.138   1.00 21.25 ? 409 DG  B "O5'" 1 
ATOM   146  C  "C5'" . DG  A 1 8  ? 7.665   4.158   10.366  1.00 19.33 ? 409 DG  B "C5'" 1 
ATOM   147  C  "C4'" . DG  A 1 8  ? 9.168   4.241   10.301  1.00 26.32 ? 409 DG  B "C4'" 1 
ATOM   148  O  "O4'" . DG  A 1 8  ? 9.691   2.910   10.050  1.00 26.77 ? 409 DG  B "O4'" 1 
ATOM   149  C  "C3'" . DG  A 1 8  ? 9.715   5.124   9.176   1.00 27.30 ? 409 DG  B "C3'" 1 
ATOM   150  O  "O3'" . DG  A 1 8  ? 10.919  5.767   9.615   1.00 31.20 ? 409 DG  B "O3'" 1 
ATOM   151  C  "C2'" . DG  A 1 8  ? 10.033  4.126   8.081   1.00 23.02 ? 409 DG  B "C2'" 1 
ATOM   152  C  "C1'" . DG  A 1 8  ? 10.502  2.929   8.884   1.00 26.77 ? 409 DG  B "C1'" 1 
ATOM   153  N  N9    . DG  A 1 8  ? 10.337  1.664   8.170   1.00 27.28 ? 409 DG  B N9    1 
ATOM   154  C  C8    . DG  A 1 8  ? 9.163   1.095   7.739   1.00 26.46 ? 409 DG  B C8    1 
ATOM   155  N  N7    . DG  A 1 8  ? 9.351   0.017   7.025   1.00 26.04 ? 409 DG  B N7    1 
ATOM   156  C  C5    . DG  A 1 8  ? 10.728  -0.147  7.005   1.00 24.03 ? 409 DG  B C5    1 
ATOM   157  C  C6    . DG  A 1 8  ? 11.530  -1.129  6.365   1.00 26.07 ? 409 DG  B C6    1 
ATOM   158  O  O6    . DG  A 1 8  ? 11.175  -2.079  5.667   1.00 22.96 ? 409 DG  B O6    1 
ATOM   159  N  N1    . DG  A 1 8  ? 12.881  -0.919  6.604   1.00 28.71 ? 409 DG  B N1    1 
ATOM   160  C  C2    . DG  A 1 8  ? 13.399  0.100   7.365   1.00 31.12 ? 409 DG  B C2    1 
ATOM   161  N  N2    . DG  A 1 8  ? 14.739  0.133   7.490   1.00 30.69 ? 409 DG  B N2    1 
ATOM   162  N  N3    . DG  A 1 8  ? 12.661  1.022   7.963   1.00 28.65 ? 409 DG  B N3    1 
ATOM   163  C  C4    . DG  A 1 8  ? 11.347  0.842   7.737   1.00 24.00 ? 409 DG  B C4    1 
ATOM   164  P  P     . DG  A 1 9  ? 11.797  6.640   8.582   1.00 33.95 ? 410 DG  B P     1 
ATOM   165  O  OP1   . DG  A 1 9  ? 12.342  7.808   9.330   1.00 31.33 ? 410 DG  B OP1   1 
ATOM   166  O  OP2   . DG  A 1 9  ? 11.011  6.873   7.343   1.00 30.17 ? 410 DG  B OP2   1 
ATOM   167  O  "O5'" . DG  A 1 9  ? 13.007  5.672   8.212   1.00 28.66 ? 410 DG  B "O5'" 1 
ATOM   168  C  "C5'" . DG  A 1 9  ? 13.992  5.327   9.181   1.00 26.68 ? 410 DG  B "C5'" 1 
ATOM   169  C  "C4'" . DG  A 1 9  ? 15.302  4.999   8.502   1.00 28.79 ? 410 DG  B "C4'" 1 
ATOM   170  O  "O4'" . DG  A 1 9  ? 15.186  3.759   7.764   1.00 30.75 ? 410 DG  B "O4'" 1 
ATOM   171  C  "C3'" . DG  A 1 9  ? 15.767  6.038   7.485   1.00 31.79 ? 410 DG  B "C3'" 1 
ATOM   172  O  "O3'" . DG  A 1 9  ? 17.195  6.124   7.517   1.00 30.77 ? 410 DG  B "O3'" 1 
ATOM   173  C  "C2'" . DG  A 1 9  ? 15.276  5.475   6.162   1.00 23.94 ? 410 DG  B "C2'" 1 
ATOM   174  C  "C1'" . DG  A 1 9  ? 15.419  3.981   6.379   1.00 24.01 ? 410 DG  B "C1'" 1 
ATOM   175  N  N9    . DG  A 1 9  ? 14.450  3.177   5.651   1.00 18.97 ? 410 DG  B N9    1 
ATOM   176  C  C8    . DG  A 1 9  ? 13.086  3.352   5.628   1.00 17.83 ? 410 DG  B C8    1 
ATOM   177  N  N7    . DG  A 1 9  ? 12.464  2.443   4.923   1.00 18.75 ? 410 DG  B N7    1 
ATOM   178  C  C5    . DG  A 1 9  ? 13.481  1.630   4.441   1.00 23.07 ? 410 DG  B C5    1 
ATOM   179  C  C6    . DG  A 1 9  ? 13.422  0.466   3.610   1.00 22.15 ? 410 DG  B C6    1 
ATOM   180  O  O6    . DG  A 1 9  ? 12.427  -0.089  3.118   1.00 18.77 ? 410 DG  B O6    1 
ATOM   181  N  N1    . DG  A 1 9  ? 14.691  -0.049  3.369   1.00 22.44 ? 410 DG  B N1    1 
ATOM   182  C  C2    . DG  A 1 9  ? 15.866  0.482   3.854   1.00 29.02 ? 410 DG  B C2    1 
ATOM   183  N  N2    . DG  A 1 9  ? 16.990  -0.166  3.501   1.00 24.83 ? 410 DG  B N2    1 
ATOM   184  N  N3    . DG  A 1 9  ? 15.935  1.566   4.626   1.00 24.40 ? 410 DG  B N3    1 
ATOM   185  C  C4    . DG  A 1 9  ? 14.716  2.081   4.876   1.00 20.79 ? 410 DG  B C4    1 
ATOM   186  P  P     . DT  A 1 10 ? 17.961  6.994   6.412   1.00 33.56 ? 411 DT  B P     1 
ATOM   187  O  OP1   . DT  A 1 10 ? 19.269  7.382   7.002   1.00 31.64 ? 411 DT  B OP1   1 
ATOM   188  O  OP2   . DT  A 1 10 ? 17.017  8.050   5.948   1.00 28.41 ? 411 DT  B OP2   1 
ATOM   189  O  "O5'" . DT  A 1 10 ? 18.234  5.943   5.241   1.00 28.63 ? 411 DT  B "O5'" 1 
ATOM   190  C  "C5'" . DT  A 1 10 ? 19.012  4.776   5.504   1.00 33.44 ? 411 DT  B "C5'" 1 
ATOM   191  C  "C4'" . DT  A 1 10 ? 19.440  4.102   4.220   1.00 38.81 ? 411 DT  B "C4'" 1 
ATOM   192  O  "O4'" . DT  A 1 10 ? 18.341  3.375   3.625   1.00 34.30 ? 411 DT  B "O4'" 1 
ATOM   193  C  "C3'" . DT  A 1 10 ? 20.008  5.005   3.117   1.00 42.19 ? 411 DT  B "C3'" 1 
ATOM   194  O  "O3'" . DT  A 1 10 ? 21.118  4.343   2.479   1.00 45.28 ? 411 DT  B "O3'" 1 
ATOM   195  C  "C2'" . DT  A 1 10 ? 18.850  5.108   2.138   1.00 38.54 ? 411 DT  B "C2'" 1 
ATOM   196  C  "C1'" . DT  A 1 10 ? 18.274  3.708   2.246   1.00 37.27 ? 411 DT  B "C1'" 1 
ATOM   197  N  N1    . DT  A 1 10 ? 16.885  3.529   1.815   1.00 34.03 ? 411 DT  B N1    1 
ATOM   198  C  C2    . DT  A 1 10 ? 16.611  2.467   0.979   1.00 36.07 ? 411 DT  B C2    1 
ATOM   199  O  O2    . DT  A 1 10 ? 17.486  1.736   0.527   1.00 39.29 ? 411 DT  B O2    1 
ATOM   200  N  N3    . DT  A 1 10 ? 15.278  2.291   0.695   1.00 24.89 ? 411 DT  B N3    1 
ATOM   201  C  C4    . DT  A 1 10 ? 14.233  3.065   1.148   1.00 25.77 ? 411 DT  B C4    1 
ATOM   202  O  O4    . DT  A 1 10 ? 13.088  2.767   0.860   1.00 31.61 ? 411 DT  B O4    1 
ATOM   203  C  C5    . DT  A 1 10 ? 14.603  4.193   1.966   1.00 26.44 ? 411 DT  B C5    1 
ATOM   204  C  C7    . DT  A 1 10 ? 13.533  5.122   2.444   1.00 27.38 ? 411 DT  B C7    1 
ATOM   205  C  C6    . DT  A 1 10 ? 15.894  4.365   2.258   1.00 28.22 ? 411 DT  B C6    1 
ATOM   206  P  P     . DC  A 1 11 ? 22.381  5.200   1.972   1.00 47.13 ? 412 DC  B P     1 
ATOM   207  O  OP1   . DC  A 1 11 ? 23.202  4.334   1.094   1.00 46.13 ? 412 DC  B OP1   1 
ATOM   208  O  OP2   . DC  A 1 11 ? 23.016  5.875   3.130   1.00 49.75 ? 412 DC  B OP2   1 
ATOM   209  O  "O5'" . DC  A 1 11 ? 21.707  6.344   1.104   1.00 44.60 ? 412 DC  B "O5'" 1 
ATOM   210  C  "C5'" . DC  A 1 11 ? 22.115  6.568   -0.228  1.00 47.70 ? 412 DC  B "C5'" 1 
ATOM   211  C  "C4'" . DC  A 1 11 ? 21.917  5.315   -1.043  1.00 46.68 ? 412 DC  B "C4'" 1 
ATOM   212  O  "O4'" . DC  A 1 11 ? 20.617  4.737   -0.766  1.00 45.22 ? 412 DC  B "O4'" 1 
ATOM   213  C  "C3'" . DC  A 1 11 ? 21.944  5.604   -2.536  1.00 46.81 ? 412 DC  B "C3'" 1 
ATOM   214  O  "O3'" . DC  A 1 11 ? 22.492  4.500   -3.243  1.00 51.89 ? 412 DC  B "O3'" 1 
ATOM   215  C  "C2'" . DC  A 1 11 ? 20.480  5.778   -2.867  1.00 45.26 ? 412 DC  B "C2'" 1 
ATOM   216  C  "C1'" . DC  A 1 11 ? 19.807  4.786   -1.936  1.00 42.22 ? 412 DC  B "C1'" 1 
ATOM   217  N  N1    . DC  A 1 11 ? 18.461  5.231   -1.545  1.00 34.89 ? 412 DC  B N1    1 
ATOM   218  C  C2    . DC  A 1 11 ? 17.355  4.459   -1.921  1.00 30.40 ? 412 DC  B C2    1 
ATOM   219  O  O2    . DC  A 1 11 ? 17.546  3.407   -2.538  1.00 29.17 ? 412 DC  B O2    1 
ATOM   220  N  N3    . DC  A 1 11 ? 16.112  4.884   -1.596  1.00 24.09 ? 412 DC  B N3    1 
ATOM   221  C  C4    . DC  A 1 11 ? 15.957  6.026   -0.918  1.00 24.52 ? 412 DC  B C4    1 
ATOM   222  N  N4    . DC  A 1 11 ? 14.717  6.415   -0.618  1.00 22.08 ? 412 DC  B N4    1 
ATOM   223  C  C5    . DC  A 1 11 ? 17.068  6.822   -0.514  1.00 23.73 ? 412 DC  B C5    1 
ATOM   224  C  C6    . DC  A 1 11 ? 18.288  6.392   -0.844  1.00 28.67 ? 412 DC  B C6    1 
ATOM   225  P  P     . DA  A 1 12 ? 23.750  4.732   -4.200  1.00 50.60 ? 413 DA  B P     1 
ATOM   226  O  OP1   . DA  A 1 12 ? 24.982  4.452   -3.416  1.00 47.26 ? 413 DA  B OP1   1 
ATOM   227  O  OP2   . DA  A 1 12 ? 23.563  6.055   -4.842  1.00 47.56 ? 413 DA  B OP2   1 
ATOM   228  O  "O5'" . DA  A 1 12 ? 23.598  3.609   -5.307  1.00 44.05 ? 413 DA  B "O5'" 1 
ATOM   229  C  "C5'" . DA  A 1 12 ? 23.578  2.235   -4.950  1.00 45.59 ? 413 DA  B "C5'" 1 
ATOM   230  C  "C4'" . DA  A 1 12 ? 22.670  1.489   -5.893  1.00 50.85 ? 413 DA  B "C4'" 1 
ATOM   231  O  "O4'" . DA  A 1 12 ? 21.301  1.898   -5.643  1.00 52.01 ? 413 DA  B "O4'" 1 
ATOM   232  C  "C3'" . DA  A 1 12 ? 22.953  1.835   -7.351  1.00 52.93 ? 413 DA  B "C3'" 1 
ATOM   233  O  "O3'" . DA  A 1 12 ? 22.800  0.686   -8.182  1.00 55.07 ? 413 DA  B "O3'" 1 
ATOM   234  C  "C2'" . DA  A 1 12 ? 21.935  2.916   -7.675  1.00 49.23 ? 413 DA  B "C2'" 1 
ATOM   235  C  "C1'" . DA  A 1 12 ? 20.760  2.585   -6.766  1.00 46.60 ? 413 DA  B "C1'" 1 
ATOM   236  N  N9    . DA  A 1 12 ? 20.066  3.767   -6.254  1.00 44.56 ? 413 DA  B N9    1 
ATOM   237  C  C8    . DA  A 1 12 ? 20.639  4.923   -5.782  1.00 40.96 ? 413 DA  B C8    1 
ATOM   238  N  N7    . DA  A 1 12 ? 19.768  5.810   -5.360  1.00 36.94 ? 413 DA  B N7    1 
ATOM   239  C  C5    . DA  A 1 12 ? 18.540  5.200   -5.569  1.00 36.58 ? 413 DA  B C5    1 
ATOM   240  C  C6    . DA  A 1 12 ? 17.218  5.620   -5.317  1.00 37.03 ? 413 DA  B C6    1 
ATOM   241  N  N6    . DA  A 1 12 ? 16.909  6.792   -4.756  1.00 29.90 ? 413 DA  B N6    1 
ATOM   242  N  N1    . DA  A 1 12 ? 16.214  4.780   -5.656  1.00 34.80 ? 413 DA  B N1    1 
ATOM   243  C  C2    . DA  A 1 12 ? 16.533  3.593   -6.200  1.00 36.78 ? 413 DA  B C2    1 
ATOM   244  N  N3    . DA  A 1 12 ? 17.737  3.082   -6.476  1.00 30.46 ? 413 DA  B N3    1 
ATOM   245  C  C4    . DA  A 1 12 ? 18.707  3.945   -6.131  1.00 36.95 ? 413 DA  B C4    1 
ATOM   246  P  P     . DT  A 1 13 ? 22.811  0.864   -9.773  1.00 57.55 ? 414 DT  B P     1 
ATOM   247  O  OP1   . DT  A 1 13 ? 23.137  -0.438  -10.407 1.00 57.15 ? 414 DT  B OP1   1 
ATOM   248  O  OP2   . DT  A 1 13 ? 23.631  2.066   -10.085 1.00 58.45 ? 414 DT  B OP2   1 
ATOM   249  O  "O5'" . DT  A 1 13 ? 21.295  1.206   -10.086 1.00 55.65 ? 414 DT  B "O5'" 1 
ATOM   250  C  "C5'" . DT  A 1 13 ? 20.277  0.271   -9.769  1.00 52.10 ? 414 DT  B "C5'" 1 
ATOM   251  C  "C4'" . DT  A 1 13 ? 19.026  0.613   -10.534 1.00 48.21 ? 414 DT  B "C4'" 1 
ATOM   252  O  "O4'" . DT  A 1 13 ? 18.332  1.702   -9.879  1.00 43.85 ? 414 DT  B "O4'" 1 
ATOM   253  C  "C3'" . DT  A 1 13 ? 19.322  1.084   -11.954 1.00 47.92 ? 414 DT  B "C3'" 1 
ATOM   254  O  "O3'" . DT  A 1 13 ? 18.382  0.503   -12.849 1.00 52.28 ? 414 DT  B "O3'" 1 
ATOM   255  C  "C2'" . DT  A 1 13 ? 19.148  2.593   -11.871 1.00 46.87 ? 414 DT  B "C2'" 1 
ATOM   256  C  "C1'" . DT  A 1 13 ? 18.070  2.733   -10.810 1.00 40.24 ? 414 DT  B "C1'" 1 
ATOM   257  N  N1    . DT  A 1 13 ? 18.043  4.013   -10.070 1.00 33.44 ? 414 DT  B N1    1 
ATOM   258  C  C2    . DT  A 1 13 ? 16.814  4.521   -9.699  1.00 30.79 ? 414 DT  B C2    1 
ATOM   259  O  O2    . DT  A 1 13 ? 15.753  3.989   -9.984  1.00 28.85 ? 414 DT  B O2    1 
ATOM   260  N  N3    . DT  A 1 13 ? 16.869  5.685   -8.980  1.00 29.34 ? 414 DT  B N3    1 
ATOM   261  C  C4    . DT  A 1 13 ? 17.997  6.384   -8.605  1.00 33.01 ? 414 DT  B C4    1 
ATOM   262  O  O4    . DT  A 1 13 ? 17.883  7.417   -7.937  1.00 29.89 ? 414 DT  B O4    1 
ATOM   263  C  C5    . DT  A 1 13 ? 19.252  5.809   -9.050  1.00 33.93 ? 414 DT  B C5    1 
ATOM   264  C  C7    . DT  A 1 13 ? 20.533  6.507   -8.713  1.00 34.11 ? 414 DT  B C7    1 
ATOM   265  C  C6    . DT  A 1 13 ? 19.210  4.668   -9.749  1.00 33.95 ? 414 DT  B C6    1 
ATOM   266  P  P     . DG  A 1 14 ? 18.713  0.440   -14.414 1.00 54.55 ? 415 DG  B P     1 
ATOM   267  O  OP1   . DG  A 1 14 ? 18.607  -0.969  -14.876 1.00 46.98 ? 415 DG  B OP1   1 
ATOM   268  O  OP2   . DG  A 1 14 ? 19.972  1.205   -14.636 1.00 54.47 ? 415 DG  B OP2   1 
ATOM   269  O  "O5'" . DG  A 1 14 ? 17.512  1.251   -15.056 1.00 55.85 ? 415 DG  B "O5'" 1 
ATOM   270  C  "C5'" . DG  A 1 14 ? 16.179  1.029   -14.621 1.00 57.01 ? 415 DG  B "C5'" 1 
ATOM   271  C  "C4'" . DG  A 1 14 ? 15.337  2.245   -14.920 1.00 63.44 ? 415 DG  B "C4'" 1 
ATOM   272  O  "O4'" . DG  A 1 14 ? 15.530  3.276   -13.918 1.00 64.82 ? 415 DG  B "O4'" 1 
ATOM   273  C  "C3'" . DG  A 1 14 ? 15.675  2.892   -16.266 1.00 64.48 ? 415 DG  B "C3'" 1 
ATOM   274  O  "O3'" . DG  A 1 14 ? 14.477  3.285   -16.920 1.00 70.90 ? 415 DG  B "O3'" 1 
ATOM   275  C  "C2'" . DG  A 1 14 ? 16.450  4.132   -15.872 1.00 61.21 ? 415 DG  B "C2'" 1 
ATOM   276  C  "C1'" . DG  A 1 14 ? 15.742  4.505   -14.587 1.00 61.99 ? 415 DG  B "C1'" 1 
ATOM   277  N  N9    . DG  A 1 14 ? 16.496  5.399   -13.715 1.00 59.10 ? 415 DG  B N9    1 
ATOM   278  C  C8    . DG  A 1 14 ? 17.863  5.520   -13.643 1.00 59.42 ? 415 DG  B C8    1 
ATOM   279  N  N7    . DG  A 1 14 ? 18.251  6.479   -12.848 1.00 55.84 ? 415 DG  B N7    1 
ATOM   280  C  C5    . DG  A 1 14 ? 17.072  7.010   -12.347 1.00 51.55 ? 415 DG  B C5    1 
ATOM   281  C  C6    . DG  A 1 14 ? 16.869  8.078   -11.458 1.00 51.54 ? 415 DG  B C6    1 
ATOM   282  O  O6    . DG  A 1 14 ? 17.719  8.809   -10.932 1.00 50.97 ? 415 DG  B O6    1 
ATOM   283  N  N1    . DG  A 1 14 ? 15.516  8.281   -11.197 1.00 51.62 ? 415 DG  B N1    1 
ATOM   284  C  C2    . DG  A 1 14 ? 14.486  7.548   -11.737 1.00 52.65 ? 415 DG  B C2    1 
ATOM   285  N  N2    . DG  A 1 14 ? 13.242  7.907   -11.356 1.00 45.86 ? 415 DG  B N2    1 
ATOM   286  N  N3    . DG  A 1 14 ? 14.665  6.543   -12.587 1.00 50.56 ? 415 DG  B N3    1 
ATOM   287  C  C4    . DG  A 1 14 ? 15.977  6.335   -12.847 1.00 53.44 ? 415 DG  B C4    1 
ATOM   288  P  P     . DC  A 1 15 ? 14.136  2.692   -18.368 1.00 75.86 ? 416 DC  B P     1 
ATOM   289  O  OP1   . DC  A 1 15 ? 14.689  1.314   -18.471 1.00 75.83 ? 416 DC  B OP1   1 
ATOM   290  O  OP2   . DC  A 1 15 ? 14.528  3.720   -19.366 1.00 73.50 ? 416 DC  B OP2   1 
ATOM   291  O  "O5'" . DC  A 1 15 ? 12.553  2.591   -18.330 1.00 72.41 ? 416 DC  B "O5'" 1 
ATOM   292  C  "C5'" . DC  A 1 15 ? 11.841  2.979   -17.162 1.00 66.41 ? 416 DC  B "C5'" 1 
ATOM   293  C  "C4'" . DC  A 1 15 ? 11.190  4.322   -17.384 1.00 64.79 ? 416 DC  B "C4'" 1 
ATOM   294  O  "O4'" . DC  A 1 15 ? 11.701  5.297   -16.433 1.00 61.54 ? 416 DC  B "O4'" 1 
ATOM   295  C  "C3'" . DC  A 1 15 ? 11.402  4.920   -18.780 1.00 63.82 ? 416 DC  B "C3'" 1 
ATOM   296  O  "O3'" . DC  A 1 15 ? 10.145  5.369   -19.306 1.00 66.42 ? 416 DC  B "O3'" 1 
ATOM   297  C  "C2'" . DC  A 1 15 ? 12.360  6.070   -18.530 1.00 58.34 ? 416 DC  B "C2'" 1 
ATOM   298  C  "C1'" . DC  A 1 15 ? 12.004  6.500   -17.117 1.00 55.33 ? 416 DC  B "C1'" 1 
ATOM   299  N  N1    . DC  A 1 15 ? 13.099  7.186   -16.400 1.00 48.06 ? 416 DC  B N1    1 
ATOM   300  C  C2    . DC  A 1 15 ? 12.789  8.146   -15.419 1.00 45.00 ? 416 DC  B C2    1 
ATOM   301  O  O2    . DC  A 1 15 ? 11.595  8.365   -15.141 1.00 39.94 ? 416 DC  B O2    1 
ATOM   302  N  N3    . DC  A 1 15 ? 13.804  8.805   -14.801 1.00 38.18 ? 416 DC  B N3    1 
ATOM   303  C  C4    . DC  A 1 15 ? 15.074  8.527   -15.126 1.00 39.59 ? 416 DC  B C4    1 
ATOM   304  N  N4    . DC  A 1 15 ? 16.048  9.193   -14.508 1.00 35.35 ? 416 DC  B N4    1 
ATOM   305  C  C5    . DC  A 1 15 ? 15.406  7.549   -16.099 1.00 37.21 ? 416 DC  B C5    1 
ATOM   306  C  C6    . DC  A 1 15 ? 14.402  6.907   -16.702 1.00 44.52 ? 416 DC  B C6    1 
ATOM   307  P  P     . DG  A 1 16 ? 10.098  6.475   -20.474 1.00 65.92 ? 417 DG  B P     1 
ATOM   308  O  OP1   . DG  A 1 16 ? 9.099   6.034   -21.482 1.00 65.27 ? 417 DG  B OP1   1 
ATOM   309  O  OP2   . DG  A 1 16 ? 11.487  6.776   -20.908 1.00 66.24 ? 417 DG  B OP2   1 
ATOM   310  O  "O5'" . DG  A 1 16 ? 9.491   7.733   -19.708 0.00 63.27 ? 417 DG  B "O5'" 1 
ATOM   311  C  "C5'" . DG  A 1 16 ? 8.571   7.528   -18.633 0.00 59.69 ? 417 DG  B "C5'" 1 
ATOM   312  C  "C4'" . DG  A 1 16 ? 8.593   8.693   -17.671 0.00 57.11 ? 417 DG  B "C4'" 1 
ATOM   313  O  "O4'" . DG  A 1 16 ? 9.953   8.927   -17.228 0.00 56.12 ? 417 DG  B "O4'" 1 
ATOM   314  C  "C3'" . DG  A 1 16 ? 8.115   10.023  -18.247 0.00 56.11 ? 417 DG  B "C3'" 1 
ATOM   315  O  "O3'" . DG  A 1 16 ? 7.603   10.801  -17.159 1.00 54.87 ? 417 DG  B "O3'" 1 
ATOM   316  C  "C2'" . DG  A 1 16 ? 9.408   10.669  -18.704 0.00 55.44 ? 417 DG  B "C2'" 1 
ATOM   317  C  "C1'" . DG  A 1 16 ? 10.377  10.226  -17.624 0.00 54.75 ? 417 DG  B "C1'" 1 
ATOM   318  N  N9    . DG  A 1 16 ? 11.775  10.133  -18.039 1.00 54.37 ? 417 DG  B N9    1 
ATOM   319  C  C8    . DG  A 1 16 ? 12.315  9.262   -18.961 1.00 53.16 ? 417 DG  B C8    1 
ATOM   320  N  N7    . DG  A 1 16 ? 13.610  9.383   -19.083 1.00 49.36 ? 417 DG  B N7    1 
ATOM   321  C  C5    . DG  A 1 16 ? 13.947  10.402  -18.202 1.00 48.61 ? 417 DG  B C5    1 
ATOM   322  C  C6    . DG  A 1 16 ? 15.210  10.970  -17.897 1.00 47.96 ? 417 DG  B C6    1 
ATOM   323  O  O6    . DG  A 1 16 ? 16.328  10.666  -18.352 1.00 45.31 ? 417 DG  B O6    1 
ATOM   324  N  N1    . DG  A 1 16 ? 15.095  11.989  -16.956 1.00 46.61 ? 417 DG  B N1    1 
ATOM   325  C  C2    . DG  A 1 16 ? 13.916  12.412  -16.382 1.00 48.49 ? 417 DG  B C2    1 
ATOM   326  N  N2    . DG  A 1 16 ? 14.005  13.443  -15.513 1.00 47.42 ? 417 DG  B N2    1 
ATOM   327  N  N3    . DG  A 1 16 ? 12.736  11.880  -16.646 1.00 48.80 ? 417 DG  B N3    1 
ATOM   328  C  C4    . DG  A 1 16 ? 12.824  10.887  -17.559 1.00 50.96 ? 417 DG  B C4    1 
ATOM   329  O  "O5'" . DC  B 2 1  ? 22.441  18.329  -13.416 0.00 48.74 ? 419 DC  C "O5'" 1 
ATOM   330  C  "C5'" . DC  B 2 1  ? 21.451  17.665  -14.207 0.00 48.87 ? 419 DC  C "C5'" 1 
ATOM   331  C  "C4'" . DC  B 2 1  ? 20.047  18.029  -13.780 0.00 49.16 ? 419 DC  C "C4'" 1 
ATOM   332  O  "O4'" . DC  B 2 1  ? 19.094  17.258  -14.549 0.00 47.22 ? 419 DC  C "O4'" 1 
ATOM   333  C  "C3'" . DC  B 2 1  ? 19.732  17.724  -12.319 0.00 50.63 ? 419 DC  C "C3'" 1 
ATOM   334  O  "O3'" . DC  B 2 1  ? 18.809  18.697  -11.820 1.00 55.74 ? 419 DC  C "O3'" 1 
ATOM   335  C  "C2'" . DC  B 2 1  ? 19.097  16.347  -12.382 0.00 48.17 ? 419 DC  C "C2'" 1 
ATOM   336  C  "C1'" . DC  B 2 1  ? 18.341  16.402  -13.697 0.00 45.38 ? 419 DC  C "C1'" 1 
ATOM   337  N  N1    . DC  B 2 1  ? 18.216  15.110  -14.383 1.00 41.17 ? 419 DC  C N1    1 
ATOM   338  C  C2    . DC  B 2 1  ? 16.936  14.605  -14.666 1.00 39.90 ? 419 DC  C C2    1 
ATOM   339  O  O2    . DC  B 2 1  ? 15.940  15.212  -14.247 1.00 41.51 ? 419 DC  C O2    1 
ATOM   340  N  N3    . DC  B 2 1  ? 16.820  13.463  -15.387 1.00 38.04 ? 419 DC  C N3    1 
ATOM   341  C  C4    . DC  B 2 1  ? 17.919  12.823  -15.806 1.00 37.73 ? 419 DC  C C4    1 
ATOM   342  N  N4    . DC  B 2 1  ? 17.756  11.728  -16.554 1.00 31.42 ? 419 DC  C N4    1 
ATOM   343  C  C5    . DC  B 2 1  ? 19.233  13.286  -15.485 1.00 39.28 ? 419 DC  C C5    1 
ATOM   344  C  C6    . DC  B 2 1  ? 19.334  14.422  -14.776 1.00 41.77 ? 419 DC  C C6    1 
ATOM   345  P  P     . DG  B 2 2  ? 17.925  18.361  -10.524 1.00 59.37 ? 420 DG  C P     1 
ATOM   346  O  OP1   . DG  B 2 2  ? 17.477  19.634  -9.903  1.00 58.87 ? 420 DG  C OP1   1 
ATOM   347  O  OP2   . DG  B 2 2  ? 18.659  17.363  -9.701  1.00 53.26 ? 420 DG  C OP2   1 
ATOM   348  O  "O5'" . DG  B 2 2  ? 16.651  17.644  -11.144 1.00 56.97 ? 420 DG  C "O5'" 1 
ATOM   349  C  "C5'" . DG  B 2 2  ? 15.490  18.392  -11.487 1.00 52.17 ? 420 DG  C "C5'" 1 
ATOM   350  C  "C4'" . DG  B 2 2  ? 14.270  17.730  -10.897 1.00 50.50 ? 420 DG  C "C4'" 1 
ATOM   351  O  "O4'" . DG  B 2 2  ? 14.171  16.399  -11.460 1.00 48.81 ? 420 DG  C "O4'" 1 
ATOM   352  C  "C3'" . DG  B 2 2  ? 14.335  17.542  -9.382  1.00 46.65 ? 420 DG  C "C3'" 1 
ATOM   353  O  "O3'" . DG  B 2 2  ? 13.026  17.650  -8.817  1.00 49.32 ? 420 DG  C "O3'" 1 
ATOM   354  C  "C2'" . DG  B 2 2  ? 14.886  16.139  -9.225  1.00 41.15 ? 420 DG  C "C2'" 1 
ATOM   355  C  "C1'" . DG  B 2 2  ? 14.354  15.410  -10.451 1.00 40.55 ? 420 DG  C "C1'" 1 
ATOM   356  N  N9    . DG  B 2 2  ? 15.295  14.430  -10.977 1.00 31.46 ? 420 DG  C N9    1 
ATOM   357  C  C8    . DG  B 2 2  ? 16.658  14.448  -10.822 1.00 30.12 ? 420 DG  C C8    1 
ATOM   358  N  N7    . DG  B 2 2  ? 17.255  13.452  -11.415 1.00 29.78 ? 420 DG  C N7    1 
ATOM   359  C  C5    . DG  B 2 2  ? 16.224  12.728  -11.990 1.00 29.44 ? 420 DG  C C5    1 
ATOM   360  C  C6    . DG  B 2 2  ? 16.261  11.540  -12.757 1.00 31.44 ? 420 DG  C C6    1 
ATOM   361  O  O6    . DG  B 2 2  ? 17.250  10.874  -13.102 1.00 32.30 ? 420 DG  C O6    1 
ATOM   362  N  N1    . DG  B 2 2  ? 14.986  11.138  -13.136 1.00 30.83 ? 420 DG  C N1    1 
ATOM   363  C  C2    . DG  B 2 2  ? 13.825  11.803  -12.830 1.00 29.40 ? 420 DG  C C2    1 
ATOM   364  N  N2    . DG  B 2 2  ? 12.698  11.258  -13.316 1.00 32.82 ? 420 DG  C N2    1 
ATOM   365  N  N3    . DG  B 2 2  ? 13.776  12.916  -12.112 1.00 24.73 ? 420 DG  C N3    1 
ATOM   366  C  C4    . DG  B 2 2  ? 15.004  13.317  -11.728 1.00 28.68 ? 420 DG  C C4    1 
ATOM   367  P  P     . DC  B 2 3  ? 12.777  17.232  -7.287  1.00 59.63 ? 421 DC  C P     1 
ATOM   368  O  OP1   . DC  B 2 3  ? 11.972  18.297  -6.637  1.00 60.45 ? 421 DC  C OP1   1 
ATOM   369  O  OP2   . DC  B 2 3  ? 14.073  16.826  -6.690  1.00 60.60 ? 421 DC  C OP2   1 
ATOM   370  O  "O5'" . DC  B 2 3  ? 11.873  15.930  -7.411  1.00 57.73 ? 421 DC  C "O5'" 1 
ATOM   371  C  "C5'" . DC  B 2 3  ? 10.849  15.870  -8.394  1.00 53.12 ? 421 DC  C "C5'" 1 
ATOM   372  C  "C4'" . DC  B 2 3  ? 10.331  14.459  -8.533  1.00 51.56 ? 421 DC  C "C4'" 1 
ATOM   373  O  "O4'" . DC  B 2 3  ? 11.330  13.601  -9.136  1.00 49.74 ? 421 DC  C "O4'" 1 
ATOM   374  C  "C3'" . DC  B 2 3  ? 9.912   13.772  -7.232  1.00 50.96 ? 421 DC  C "C3'" 1 
ATOM   375  O  "O3'" . DC  B 2 3  ? 8.689   13.065  -7.474  1.00 52.34 ? 421 DC  C "O3'" 1 
ATOM   376  C  "C2'" . DC  B 2 3  ? 11.049  12.800  -6.971  1.00 45.40 ? 421 DC  C "C2'" 1 
ATOM   377  C  "C1'" . DC  B 2 3  ? 11.427  12.405  -8.384  1.00 46.91 ? 421 DC  C "C1'" 1 
ATOM   378  N  N1    . DC  B 2 3  ? 12.789  11.878  -8.538  1.00 45.19 ? 421 DC  C N1    1 
ATOM   379  C  C2    . DC  B 2 3  ? 12.994  10.759  -9.350  1.00 45.55 ? 421 DC  C C2    1 
ATOM   380  O  O2    . DC  B 2 3  ? 12.024  10.248  -9.924  1.00 49.34 ? 421 DC  C O2    1 
ATOM   381  N  N3    . DC  B 2 3  ? 14.241  10.265  -9.487  1.00 45.70 ? 421 DC  C N3    1 
ATOM   382  C  C4    . DC  B 2 3  ? 15.260  10.843  -8.848  1.00 45.50 ? 421 DC  C C4    1 
ATOM   383  N  N4    . DC  B 2 3  ? 16.478  10.317  -8.999  1.00 46.82 ? 421 DC  C N4    1 
ATOM   384  C  C5    . DC  B 2 3  ? 15.080  11.984  -8.022  1.00 44.72 ? 421 DC  C C5    1 
ATOM   385  C  C6    . DC  B 2 3  ? 13.841  12.466  -7.898  1.00 45.17 ? 421 DC  C C6    1 
ATOM   386  P  P     . DA  B 2 4  ? 8.049   12.138  -6.328  1.00 49.90 ? 422 DA  C P     1 
ATOM   387  O  OP1   . DA  B 2 4  ? 6.624   12.531  -6.190  1.00 47.41 ? 422 DA  C OP1   1 
ATOM   388  O  OP2   . DA  B 2 4  ? 8.933   12.132  -5.129  1.00 47.71 ? 422 DA  C OP2   1 
ATOM   389  O  "O5'" . DA  B 2 4  ? 8.089   10.690  -6.983  1.00 38.38 ? 422 DA  C "O5'" 1 
ATOM   390  C  "C5'" . DA  B 2 4  ? 7.445   10.454  -8.222  1.00 25.06 ? 422 DA  C "C5'" 1 
ATOM   391  C  "C4'" . DA  B 2 4  ? 7.515   8.988   -8.564  1.00 26.30 ? 422 DA  C "C4'" 1 
ATOM   392  O  "O4'" . DA  B 2 4  ? 8.900   8.634   -8.801  1.00 27.76 ? 422 DA  C "O4'" 1 
ATOM   393  C  "C3'" . DA  B 2 4  ? 7.010   8.056   -7.462  1.00 24.20 ? 422 DA  C "C3'" 1 
ATOM   394  O  "O3'" . DA  B 2 4  ? 6.272   6.980   -8.047  1.00 20.50 ? 422 DA  C "O3'" 1 
ATOM   395  C  "C2'" . DA  B 2 4  ? 8.285   7.584   -6.779  1.00 22.50 ? 422 DA  C "C2'" 1 
ATOM   396  C  "C1'" . DA  B 2 4  ? 9.331   7.636   -7.888  1.00 23.40 ? 422 DA  C "C1'" 1 
ATOM   397  N  N9    . DA  B 2 4  ? 10.665  8.022   -7.430  1.00 22.00 ? 422 DA  C N9    1 
ATOM   398  C  C8    . DA  B 2 4  ? 10.998  9.047   -6.575  1.00 23.00 ? 422 DA  C C8    1 
ATOM   399  N  N7    . DA  B 2 4  ? 12.289  9.164   -6.364  1.00 18.41 ? 422 DA  C N7    1 
ATOM   400  C  C5    . DA  B 2 4  ? 12.842  8.149   -7.129  1.00 15.14 ? 422 DA  C C5    1 
ATOM   401  C  C6    . DA  B 2 4  ? 14.165  7.756   -7.348  1.00 13.06 ? 422 DA  C C6    1 
ATOM   402  N  N6    . DA  B 2 4  ? 15.218  8.382   -6.825  1.00 16.96 ? 422 DA  C N6    1 
ATOM   403  N  N1    . DA  B 2 4  ? 14.377  6.696   -8.152  1.00 14.19 ? 422 DA  C N1    1 
ATOM   404  C  C2    . DA  B 2 4  ? 13.322  6.096   -8.715  1.00 15.99 ? 422 DA  C C2    1 
ATOM   405  N  N3    . DA  B 2 4  ? 12.033  6.385   -8.604  1.00 16.23 ? 422 DA  C N3    1 
ATOM   406  C  C4    . DA  B 2 4  ? 11.856  7.433   -7.783  1.00 18.38 ? 422 DA  C C4    1 
ATOM   407  P  P     . DT  B 2 5  ? 5.689   5.805   -7.120  1.00 27.14 ? 423 DT  C P     1 
ATOM   408  O  OP1   . DT  B 2 5  ? 4.363   5.437   -7.667  1.00 24.86 ? 423 DT  C OP1   1 
ATOM   409  O  OP2   . DT  B 2 5  ? 5.813   6.203   -5.693  1.00 23.09 ? 423 DT  C OP2   1 
ATOM   410  O  "O5'" . DT  B 2 5  ? 6.693   4.597   -7.384  1.00 27.75 ? 423 DT  C "O5'" 1 
ATOM   411  C  "C5'" . DT  B 2 5  ? 7.020   4.217   -8.724  1.00 29.01 ? 423 DT  C "C5'" 1 
ATOM   412  C  "C4'" . DT  B 2 5  ? 8.079   3.137   -8.739  1.00 32.99 ? 423 DT  C "C4'" 1 
ATOM   413  O  "O4'" . DT  B 2 5  ? 9.374   3.690   -8.396  1.00 32.73 ? 423 DT  C "O4'" 1 
ATOM   414  C  "C3'" . DT  B 2 5  ? 7.840   1.963   -7.788  1.00 34.82 ? 423 DT  C "C3'" 1 
ATOM   415  O  "O3'" . DT  B 2 5  ? 7.961   0.723   -8.474  1.00 36.18 ? 423 DT  C "O3'" 1 
ATOM   416  C  "C2'" . DT  B 2 5  ? 8.938   2.096   -6.745  1.00 36.18 ? 423 DT  C "C2'" 1 
ATOM   417  C  "C1'" . DT  B 2 5  ? 10.041  2.832   -7.487  1.00 33.42 ? 423 DT  C "C1'" 1 
ATOM   418  N  N1    . DT  B 2 5  ? 10.912  3.670   -6.624  1.00 34.78 ? 423 DT  C N1    1 
ATOM   419  C  C2    . DT  B 2 5  ? 12.268  3.448   -6.657  1.00 31.64 ? 423 DT  C C2    1 
ATOM   420  O  O2    . DT  B 2 5  ? 12.779  2.590   -7.354  1.00 35.05 ? 423 DT  C O2    1 
ATOM   421  N  N3    . DT  B 2 5  ? 13.010  4.273   -5.838  1.00 29.38 ? 423 DT  C N3    1 
ATOM   422  C  C4    . DT  B 2 5  ? 12.536  5.279   -5.013  1.00 29.74 ? 423 DT  C C4    1 
ATOM   423  O  O4    . DT  B 2 5  ? 13.321  5.966   -4.357  1.00 32.93 ? 423 DT  C O4    1 
ATOM   424  C  C5    . DT  B 2 5  ? 11.104  5.444   -5.009  1.00 30.94 ? 423 DT  C C5    1 
ATOM   425  C  C7    . DT  B 2 5  ? 10.503  6.486   -4.118  1.00 22.23 ? 423 DT  C C7    1 
ATOM   426  C  C6    . DT  B 2 5  ? 10.372  4.647   -5.808  1.00 35.47 ? 423 DT  C C6    1 
ATOM   427  P  P     . DG  B 2 6  ? 7.481   -0.627  -7.754  1.00 40.03 ? 424 DG  C P     1 
ATOM   428  O  OP1   . DG  B 2 6  ? 7.138   -1.622  -8.805  1.00 41.90 ? 424 DG  C OP1   1 
ATOM   429  O  OP2   . DG  B 2 6  ? 6.472   -0.270  -6.733  1.00 38.04 ? 424 DG  C OP2   1 
ATOM   430  O  "O5'" . DG  B 2 6  ? 8.800   -1.123  -7.022  1.00 35.47 ? 424 DG  C "O5'" 1 
ATOM   431  C  "C5'" . DG  B 2 6  ? 9.963   -1.412  -7.783  1.00 35.38 ? 424 DG  C "C5'" 1 
ATOM   432  C  "C4'" . DG  B 2 6  ? 11.058  -1.942  -6.890  1.00 37.03 ? 424 DG  C "C4'" 1 
ATOM   433  O  "O4'" . DG  B 2 6  ? 11.637  -0.891  -6.084  1.00 35.50 ? 424 DG  C "O4'" 1 
ATOM   434  C  "C3'" . DG  B 2 6  ? 10.614  -3.016  -5.907  1.00 37.03 ? 424 DG  C "C3'" 1 
ATOM   435  O  "O3'" . DG  B 2 6  ? 11.729  -3.874  -5.712  1.00 43.14 ? 424 DG  C "O3'" 1 
ATOM   436  C  "C2'" . DG  B 2 6  ? 10.386  -2.222  -4.634  1.00 32.12 ? 424 DG  C "C2'" 1 
ATOM   437  C  "C1'" . DG  B 2 6  ? 11.532  -1.234  -4.714  1.00 27.37 ? 424 DG  C "C1'" 1 
ATOM   438  N  N9    . DG  B 2 6  ? 11.334  0.003   -3.976  1.00 26.86 ? 424 DG  C N9    1 
ATOM   439  C  C8    . DG  B 2 6  ? 10.142  0.574   -3.618  1.00 21.68 ? 424 DG  C C8    1 
ATOM   440  N  N7    . DG  B 2 6  ? 10.288  1.711   -2.997  1.00 22.19 ? 424 DG  C N7    1 
ATOM   441  C  C5    . DG  B 2 6  ? 11.660  1.896   -2.935  1.00 23.02 ? 424 DG  C C5    1 
ATOM   442  C  C6    . DG  B 2 6  ? 12.421  2.966   -2.392  1.00 26.29 ? 424 DG  C C6    1 
ATOM   443  O  O6    . DG  B 2 6  ? 12.019  3.998   -1.835  1.00 25.30 ? 424 DG  C O6    1 
ATOM   444  N  N1    . DG  B 2 6  ? 13.785  2.754   -2.549  1.00 25.51 ? 424 DG  C N1    1 
ATOM   445  C  C2    . DG  B 2 6  ? 14.347  1.659   -3.153  1.00 28.07 ? 424 DG  C C2    1 
ATOM   446  N  N2    . DG  B 2 6  ? 15.688  1.645   -3.208  1.00 26.87 ? 424 DG  C N2    1 
ATOM   447  N  N3    . DG  B 2 6  ? 13.649  0.654   -3.665  1.00 26.15 ? 424 DG  C N3    1 
ATOM   448  C  C4    . DG  B 2 6  ? 12.319  0.843   -3.524  1.00 25.37 ? 424 DG  C C4    1 
ATOM   449  P  P     . DA  B 2 7  ? 11.553  -5.458  -5.821  1.00 39.36 ? 425 DA  C P     1 
ATOM   450  O  OP1   . DA  B 2 7  ? 11.267  -5.764  -7.241  1.00 37.71 ? 425 DA  C OP1   1 
ATOM   451  O  OP2   . DA  B 2 7  ? 10.600  -5.902  -4.764  1.00 37.48 ? 425 DA  C OP2   1 
ATOM   452  O  "O5'" . DA  B 2 7  ? 13.017  -5.958  -5.453  1.00 32.25 ? 425 DA  C "O5'" 1 
ATOM   453  C  "C5'" . DA  B 2 7  ? 14.143  -5.495  -6.198  1.00 30.60 ? 425 DA  C "C5'" 1 
ATOM   454  C  "C4'" . DA  B 2 7  ? 15.372  -5.450  -5.321  1.00 31.84 ? 425 DA  C "C4'" 1 
ATOM   455  O  "O4'" . DA  B 2 7  ? 15.367  -4.268  -4.486  1.00 35.16 ? 425 DA  C "O4'" 1 
ATOM   456  C  "C3'" . DA  B 2 7  ? 15.527  -6.637  -4.374  1.00 32.90 ? 425 DA  C "C3'" 1 
ATOM   457  O  "O3'" . DA  B 2 7  ? 16.899  -6.993  -4.306  1.00 34.47 ? 425 DA  C "O3'" 1 
ATOM   458  C  "C2'" . DA  B 2 7  ? 15.030  -6.100  -3.044  1.00 32.85 ? 425 DA  C "C2'" 1 
ATOM   459  C  "C1'" . DA  B 2 7  ? 15.374  -4.619  -3.105  1.00 31.35 ? 425 DA  C "C1'" 1 
ATOM   460  N  N9    . DA  B 2 7  ? 14.366  -3.790  -2.455  1.00 31.62 ? 425 DA  C N9    1 
ATOM   461  C  C8    . DA  B 2 7  ? 13.016  -4.035  -2.420  1.00 33.46 ? 425 DA  C C8    1 
ATOM   462  N  N7    . DA  B 2 7  ? 12.323  -3.100  -1.812  1.00 32.64 ? 425 DA  C N7    1 
ATOM   463  C  C5    . DA  B 2 7  ? 13.283  -2.183  -1.410  1.00 27.21 ? 425 DA  C C5    1 
ATOM   464  C  C6    . DA  B 2 7  ? 13.188  -0.965  -0.726  1.00 26.37 ? 425 DA  C C6    1 
ATOM   465  N  N6    . DA  B 2 7  ? 12.030  -0.434  -0.324  1.00 28.82 ? 425 DA  C N6    1 
ATOM   466  N  N1    . DA  B 2 7  ? 14.332  -0.293  -0.471  1.00 25.50 ? 425 DA  C N1    1 
ATOM   467  C  C2    . DA  B 2 7  ? 15.487  -0.822  -0.897  1.00 28.04 ? 425 DA  C C2    1 
ATOM   468  N  N3    . DA  B 2 7  ? 15.703  -1.961  -1.559  1.00 28.88 ? 425 DA  C N3    1 
ATOM   469  C  C4    . DA  B 2 7  ? 14.548  -2.601  -1.788  1.00 28.06 ? 425 DA  C C4    1 
ATOM   470  P  P     . DC  B 2 8  ? 17.394  -8.063  -3.228  1.00 41.17 ? 426 DC  C P     1 
ATOM   471  O  OP1   . DC  B 2 8  ? 18.680  -8.606  -3.730  1.00 45.70 ? 426 DC  C OP1   1 
ATOM   472  O  OP2   . DC  B 2 8  ? 16.284  -8.991  -2.908  1.00 41.29 ? 426 DC  C OP2   1 
ATOM   473  O  "O5'" . DC  B 2 8  ? 17.725  -7.143  -1.981  1.00 36.77 ? 426 DC  C "O5'" 1 
ATOM   474  C  "C5'" . DC  B 2 8  ? 18.707  -6.133  -2.115  1.00 36.18 ? 426 DC  C "C5'" 1 
ATOM   475  C  "C4'" . DC  B 2 8  ? 19.037  -5.537  -0.771  1.00 37.03 ? 426 DC  C "C4'" 1 
ATOM   476  O  "O4'" . DC  B 2 8  ? 18.030  -4.568  -0.402  1.00 35.89 ? 426 DC  C "O4'" 1 
ATOM   477  C  "C3'" . DC  B 2 8  ? 19.138  -6.531  0.390   1.00 36.90 ? 426 DC  C "C3'" 1 
ATOM   478  O  "O3'" . DC  B 2 8  ? 20.275  -6.169  1.180   1.00 41.96 ? 426 DC  C "O3'" 1 
ATOM   479  C  "C2'" . DC  B 2 8  ? 17.848  -6.298  1.153   1.00 33.67 ? 426 DC  C "C2'" 1 
ATOM   480  C  "C1'" . DC  B 2 8  ? 17.650  -4.812  0.936   1.00 37.63 ? 426 DC  C "C1'" 1 
ATOM   481  N  N1    . DC  B 2 8  ? 16.290  -4.283  1.140   1.00 36.70 ? 426 DC  C N1    1 
ATOM   482  C  C2    . DC  B 2 8  ? 16.168  -3.002  1.659   1.00 32.42 ? 426 DC  C C2    1 
ATOM   483  O  O2    . DC  B 2 8  ? 17.198  -2.355  1.891   1.00 30.64 ? 426 DC  C O2    1 
ATOM   484  N  N3    . DC  B 2 8  ? 14.943  -2.499  1.904   1.00 32.04 ? 426 DC  C N3    1 
ATOM   485  C  C4    . DC  B 2 8  ? 13.862  -3.227  1.649   1.00 30.68 ? 426 DC  C C4    1 
ATOM   486  N  N4    . DC  B 2 8  ? 12.676  -2.682  1.925   1.00 30.39 ? 426 DC  C N4    1 
ATOM   487  C  C5    . DC  B 2 8  ? 13.949  -4.542  1.101   1.00 30.33 ? 426 DC  C C5    1 
ATOM   488  C  C6    . DC  B 2 8  ? 15.174  -5.024  0.856   1.00 35.15 ? 426 DC  C C6    1 
ATOM   489  P  P     . DC  B 2 9  ? 20.539  -6.866  2.601   1.00 44.44 ? 427 DC  C P     1 
ATOM   490  O  OP1   . DC  B 2 9  ? 21.967  -7.229  2.654   1.00 45.74 ? 427 DC  C OP1   1 
ATOM   491  O  OP2   . DC  B 2 9  ? 19.514  -7.908  2.854   1.00 48.41 ? 427 DC  C OP2   1 
ATOM   492  O  "O5'" . DC  B 2 9  ? 20.330  -5.653  3.603   1.00 40.94 ? 427 DC  C "O5'" 1 
ATOM   493  C  "C5'" . DC  B 2 9  ? 20.987  -4.417  3.358   1.00 42.12 ? 427 DC  C "C5'" 1 
ATOM   494  C  "C4'" . DC  B 2 9  ? 20.711  -3.440  4.475   1.00 43.18 ? 427 DC  C "C4'" 1 
ATOM   495  O  "O4'" . DC  B 2 9  ? 19.366  -2.907  4.373   1.00 41.36 ? 427 DC  C "O4'" 1 
ATOM   496  C  "C3'" . DC  B 2 9  ? 20.830  -4.040  5.874   1.00 44.24 ? 427 DC  C "C3'" 1 
ATOM   497  O  "O3'" . DC  B 2 9  ? 21.477  -3.112  6.738   1.00 45.21 ? 427 DC  C "O3'" 1 
ATOM   498  C  "C2'" . DC  B 2 9  ? 19.388  -4.224  6.300   1.00 40.00 ? 427 DC  C "C2'" 1 
ATOM   499  C  "C1'" . DC  B 2 9  ? 18.713  -3.047  5.618   1.00 39.68 ? 427 DC  C "C1'" 1 
ATOM   500  N  N1    . DC  B 2 9  ? 17.273  -3.231  5.372   1.00 36.67 ? 427 DC  C N1    1 
ATOM   501  C  C2    . DC  B 2 9  ? 16.377  -2.348  5.981   1.00 35.55 ? 427 DC  C C2    1 
ATOM   502  O  O2    . DC  B 2 9  ? 16.831  -1.404  6.647   1.00 38.37 ? 427 DC  C O2    1 
ATOM   503  N  N3    . DC  B 2 9  ? 15.047  -2.541  5.828   1.00 34.57 ? 427 DC  C N3    1 
ATOM   504  C  C4    . DC  B 2 9  ? 14.604  -3.563  5.096   1.00 35.16 ? 427 DC  C C4    1 
ATOM   505  N  N4    . DC  B 2 9  ? 13.285  -3.740  5.009   1.00 34.18 ? 427 DC  C N4    1 
ATOM   506  C  C5    . DC  B 2 9  ? 15.494  -4.457  4.431   1.00 33.18 ? 427 DC  C C5    1 
ATOM   507  C  C6    . DC  B 2 9  ? 16.809  -4.255  4.593   1.00 34.58 ? 427 DC  C C6    1 
ATOM   508  P  P     . DT  B 2 10 ? 21.940  -3.580  8.198   1.00 47.12 ? 428 DT  C P     1 
ATOM   509  O  OP1   . DT  B 2 10 ? 23.328  -3.090  8.385   1.00 44.03 ? 428 DT  C OP1   1 
ATOM   510  O  OP2   . DT  B 2 10 ? 21.630  -5.027  8.385   1.00 41.00 ? 428 DT  C OP2   1 
ATOM   511  O  "O5'" . DT  B 2 10 ? 20.998  -2.729  9.146   1.00 43.93 ? 428 DT  C "O5'" 1 
ATOM   512  C  "C5'" . DT  B 2 10 ? 21.001  -1.318  9.038   1.00 42.08 ? 428 DT  C "C5'" 1 
ATOM   513  C  "C4'" . DT  B 2 10 ? 19.988  -0.728  9.983   1.00 41.98 ? 428 DT  C "C4'" 1 
ATOM   514  O  "O4'" . DT  B 2 10 ? 18.657  -1.087  9.545   1.00 39.38 ? 428 DT  C "O4'" 1 
ATOM   515  C  "C3'" . DT  B 2 10 ? 20.109  -1.218  11.425  1.00 39.87 ? 428 DT  C "C3'" 1 
ATOM   516  O  "O3'" . DT  B 2 10 ? 19.788  -0.116  12.278  1.00 39.40 ? 428 DT  C "O3'" 1 
ATOM   517  C  "C2'" . DT  B 2 10 ? 19.048  -2.302  11.507  1.00 39.88 ? 428 DT  C "C2'" 1 
ATOM   518  C  "C1'" . DT  B 2 10 ? 17.972  -1.734  10.599  1.00 37.43 ? 428 DT  C "C1'" 1 
ATOM   519  N  N1    . DT  B 2 10 ? 17.036  -2.693  9.994   1.00 36.45 ? 428 DT  C N1    1 
ATOM   520  C  C2    . DT  B 2 10 ? 15.703  -2.363  10.039  1.00 35.22 ? 428 DT  C C2    1 
ATOM   521  O  O2    . DT  B 2 10 ? 15.289  -1.384  10.622  1.00 38.79 ? 428 DT  C O2    1 
ATOM   522  N  N3    . DT  B 2 10 ? 14.872  -3.227  9.384   1.00 33.55 ? 428 DT  C N3    1 
ATOM   523  C  C4    . DT  B 2 10 ? 15.231  -4.379  8.722   1.00 30.42 ? 428 DT  C C4    1 
ATOM   524  O  O4    . DT  B 2 10 ? 14.379  -5.039  8.144   1.00 31.98 ? 428 DT  C O4    1 
ATOM   525  C  C5    . DT  B 2 10 ? 16.636  -4.703  8.764   1.00 30.02 ? 428 DT  C C5    1 
ATOM   526  C  C7    . DT  B 2 10 ? 17.096  -5.969  8.119   1.00 28.98 ? 428 DT  C C7    1 
ATOM   527  C  C6    . DT  B 2 10 ? 17.466  -3.850  9.386   1.00 31.14 ? 428 DT  C C6    1 
ATOM   528  P  P     . DT  B 2 11 ? 19.943  -0.251  13.863  1.00 36.42 ? 429 DT  C P     1 
ATOM   529  O  OP1   . DT  B 2 11 ? 20.677  0.961   14.314  1.00 37.37 ? 429 DT  C OP1   1 
ATOM   530  O  OP2   . DT  B 2 11 ? 20.455  -1.601  14.199  1.00 35.83 ? 429 DT  C OP2   1 
ATOM   531  O  "O5'" . DT  B 2 11 ? 18.449  -0.130  14.374  1.00 37.72 ? 429 DT  C "O5'" 1 
ATOM   532  C  "C5'" . DT  B 2 11 ? 17.651  0.960   13.937  1.00 40.01 ? 429 DT  C "C5'" 1 
ATOM   533  C  "C4'" . DT  B 2 11 ? 16.196  0.725   14.267  1.00 36.79 ? 429 DT  C "C4'" 1 
ATOM   534  O  "O4'" . DT  B 2 11 ? 15.621  -0.304  13.419  1.00 36.41 ? 429 DT  C "O4'" 1 
ATOM   535  C  "C3'" . DT  B 2 11 ? 15.918  0.308   15.708  1.00 32.52 ? 429 DT  C "C3'" 1 
ATOM   536  O  "O3'" . DT  B 2 11 ? 14.813  1.068   16.180  1.00 38.72 ? 429 DT  C "O3'" 1 
ATOM   537  C  "C2'" . DT  B 2 11 ? 15.545  -1.163  15.582  1.00 34.64 ? 429 DT  C "C2'" 1 
ATOM   538  C  "C1'" . DT  B 2 11 ? 14.874  -1.203  14.220  1.00 31.25 ? 429 DT  C "C1'" 1 
ATOM   539  N  N1    . DT  B 2 11 ? 14.831  -2.517  13.531  1.00 27.36 ? 429 DT  C N1    1 
ATOM   540  C  C2    . DT  B 2 11 ? 13.598  -2.957  13.101  1.00 27.75 ? 429 DT  C C2    1 
ATOM   541  O  O2    . DT  B 2 11 ? 12.565  -2.322  13.258  1.00 24.67 ? 429 DT  C O2    1 
ATOM   542  N  N3    . DT  B 2 11 ? 13.611  -4.175  12.475  1.00 27.28 ? 429 DT  C N3    1 
ATOM   543  C  C4    . DT  B 2 11 ? 14.698  -4.983  12.242  1.00 23.76 ? 429 DT  C C4    1 
ATOM   544  O  O4    . DT  B 2 11 ? 14.543  -6.067  11.684  1.00 22.37 ? 429 DT  C O4    1 
ATOM   545  C  C5    . DT  B 2 11 ? 15.960  -4.461  12.707  1.00 22.58 ? 429 DT  C C5    1 
ATOM   546  C  C7    . DT  B 2 11 ? 17.198  -5.269  12.480  1.00 21.18 ? 429 DT  C C7    1 
ATOM   547  C  C6    . DT  B 2 11 ? 15.964  -3.268  13.324  1.00 20.32 ? 429 DT  C C6    1 
ATOM   548  P  P     . DT  B 2 12 ? 14.888  1.777   17.614  1.00 46.20 ? 430 DT  C P     1 
ATOM   549  O  OP1   . DT  B 2 12 ? 14.251  3.118   17.526  1.00 43.80 ? 430 DT  C OP1   1 
ATOM   550  O  OP2   . DT  B 2 12 ? 16.282  1.651   18.104  1.00 47.65 ? 430 DT  C OP2   1 
ATOM   551  O  "O5'" . DT  B 2 12 ? 13.973  0.839   18.503  1.00 40.42 ? 430 DT  C "O5'" 1 
ATOM   552  C  "C5'" . DT  B 2 12 ? 13.680  -0.457  18.044  1.00 36.42 ? 430 DT  C "C5'" 1 
ATOM   553  C  "C4'" . DT  B 2 12 ? 12.248  -0.804  18.344  1.00 36.32 ? 430 DT  C "C4'" 1 
ATOM   554  O  "O4'" . DT  B 2 12 ? 11.842  -1.794  17.374  1.00 38.01 ? 430 DT  C "O4'" 1 
ATOM   555  C  "C3'" . DT  B 2 12 ? 12.050  -1.435  19.719  1.00 35.01 ? 430 DT  C "C3'" 1 
ATOM   556  O  "O3'" . DT  B 2 12 ? 10.768  -1.070  20.246  1.00 36.78 ? 430 DT  C "O3'" 1 
ATOM   557  C  "C2'" . DT  B 2 12 ? 12.158  -2.920  19.425  1.00 31.35 ? 430 DT  C "C2'" 1 
ATOM   558  C  "C1'" . DT  B 2 12 ? 11.603  -3.033  18.008  1.00 36.18 ? 430 DT  C "C1'" 1 
ATOM   559  N  N1    . DT  B 2 12 ? 12.225  -4.082  17.175  1.00 30.85 ? 430 DT  C N1    1 
ATOM   560  C  C2    . DT  B 2 12 ? 11.403  -4.875  16.410  1.00 27.23 ? 430 DT  C C2    1 
ATOM   561  O  O2    . DT  B 2 12 ? 10.197  -4.731  16.360  1.00 33.34 ? 430 DT  C O2    1 
ATOM   562  N  N3    . DT  B 2 12 ? 12.047  -5.848  15.702  1.00 31.60 ? 430 DT  C N3    1 
ATOM   563  C  C4    . DT  B 2 12 ? 13.407  -6.103  15.677  1.00 34.75 ? 430 DT  C C4    1 
ATOM   564  O  O4    . DT  B 2 12 ? 13.843  -7.033  15.001  1.00 36.10 ? 430 DT  C O4    1 
ATOM   565  C  C5    . DT  B 2 12 ? 14.214  -5.216  16.484  1.00 33.56 ? 430 DT  C C5    1 
ATOM   566  C  C7    . DT  B 2 12 ? 15.699  -5.398  16.506  1.00 28.61 ? 430 DT  C C7    1 
ATOM   567  C  C6    . DT  B 2 12 ? 13.588  -4.262  17.183  1.00 32.97 ? 430 DT  C C6    1 
ATOM   568  P  P     . DT  B 2 13 ? 10.497  -1.136  21.834  1.00 34.80 ? 431 DT  C P     1 
ATOM   569  O  OP1   . DT  B 2 13 ? 9.679   0.037   22.221  1.00 32.53 ? 431 DT  C OP1   1 
ATOM   570  O  OP2   . DT  B 2 13 ? 11.779  -1.410  22.531  1.00 32.35 ? 431 DT  C OP2   1 
ATOM   571  O  "O5'" . DT  B 2 13 ? 9.597   -2.429  21.977  1.00 29.70 ? 431 DT  C "O5'" 1 
ATOM   572  C  "C5'" . DT  B 2 13 ? 9.657   -3.415  20.972  1.00 34.18 ? 431 DT  C "C5'" 1 
ATOM   573  C  "C4'" . DT  B 2 13 ? 8.389   -4.223  20.954  1.00 32.96 ? 431 DT  C "C4'" 1 
ATOM   574  O  "O4'" . DT  B 2 13 ? 8.522   -5.174  19.878  1.00 33.63 ? 431 DT  C "O4'" 1 
ATOM   575  C  "C3'" . DT  B 2 13 ? 8.217   -5.050  22.218  1.00 34.99 ? 431 DT  C "C3'" 1 
ATOM   576  O  "O3'" . DT  B 2 13 ? 6.826   -5.248  22.467  1.00 40.61 ? 431 DT  C "O3'" 1 
ATOM   577  C  "C2'" . DT  B 2 13 ? 8.950   -6.336  21.890  1.00 31.66 ? 431 DT  C "C2'" 1 
ATOM   578  C  "C1'" . DT  B 2 13 ? 8.754   -6.477  20.386  1.00 33.60 ? 431 DT  C "C1'" 1 
ATOM   579  N  N1    . DT  B 2 13 ? 9.924   -7.025  19.673  1.00 31.14 ? 431 DT  C N1    1 
ATOM   580  C  C2    . DT  B 2 13 ? 9.708   -7.950  18.673  1.00 27.94 ? 431 DT  C C2    1 
ATOM   581  O  O2    . DT  B 2 13 ? 8.591   -8.333  18.345  1.00 26.98 ? 431 DT  C O2    1 
ATOM   582  N  N3    . DT  B 2 13 ? 10.851  -8.412  18.064  1.00 20.36 ? 431 DT  C N3    1 
ATOM   583  C  C4    . DT  B 2 13 ? 12.158  -8.044  18.347  1.00 26.37 ? 431 DT  C C4    1 
ATOM   584  O  O4    . DT  B 2 13 ? 13.095  -8.535  17.710  1.00 30.41 ? 431 DT  C O4    1 
ATOM   585  C  C5    . DT  B 2 13 ? 12.309  -7.074  19.406  1.00 29.89 ? 431 DT  C C5    1 
ATOM   586  C  C7    . DT  B 2 13 ? 13.688  -6.629  19.790  1.00 22.08 ? 431 DT  C C7    1 
ATOM   587  C  C6    . DT  B 2 13 ? 11.197  -6.618  20.007  1.00 31.11 ? 431 DT  C C6    1 
ATOM   588  P  P     . DC  B 2 14 ? 6.364   -6.158  23.702  1.00 39.44 ? 432 DC  C P     1 
ATOM   589  O  OP1   . DC  B 2 14 ? 5.077   -5.629  24.233  1.00 37.44 ? 432 DC  C OP1   1 
ATOM   590  O  OP2   . DC  B 2 14 ? 7.545   -6.266  24.594  1.00 37.95 ? 432 DC  C OP2   1 
ATOM   591  O  "O5'" . DC  B 2 14 ? 6.084   -7.572  23.029  1.00 32.66 ? 432 DC  C "O5'" 1 
ATOM   592  C  "C5'" . DC  B 2 14 ? 5.191   -7.676  21.926  1.00 36.56 ? 432 DC  C "C5'" 1 
ATOM   593  C  "C4'" . DC  B 2 14 ? 5.194   -9.083  21.381  1.00 38.71 ? 432 DC  C "C4'" 1 
ATOM   594  O  "O4'" . DC  B 2 14 ? 6.504   -9.389  20.855  1.00 42.09 ? 432 DC  C "O4'" 1 
ATOM   595  C  "C3'" . DC  B 2 14 ? 4.899   -10.176 22.406  1.00 38.05 ? 432 DC  C "C3'" 1 
ATOM   596  O  "O3'" . DC  B 2 14 ? 4.236   -11.243 21.730  1.00 42.84 ? 432 DC  C "O3'" 1 
ATOM   597  C  "C2'" . DC  B 2 14 ? 6.287   -10.634 22.821  1.00 35.09 ? 432 DC  C "C2'" 1 
ATOM   598  C  "C1'" . DC  B 2 14 ? 7.024   -10.543 21.502  1.00 37.22 ? 432 DC  C "C1'" 1 
ATOM   599  N  N1    . DC  B 2 14 ? 8.479   -10.386 21.575  1.00 33.92 ? 432 DC  C N1    1 
ATOM   600  C  C2    . DC  B 2 14 ? 9.264   -11.009 20.593  1.00 33.18 ? 432 DC  C C2    1 
ATOM   601  O  O2    . DC  B 2 14 ? 8.705   -11.721 19.746  1.00 36.68 ? 432 DC  C O2    1 
ATOM   602  N  N3    . DC  B 2 14 ? 10.602  -10.825 20.597  1.00 27.47 ? 432 DC  C N3    1 
ATOM   603  C  C4    . DC  B 2 14 ? 11.165  -10.064 21.539  1.00 36.52 ? 432 DC  C C4    1 
ATOM   604  N  N4    . DC  B 2 14 ? 12.492  -9.879  21.485  1.00 35.69 ? 432 DC  C N4    1 
ATOM   605  C  C5    . DC  B 2 14 ? 10.392  -9.447  22.577  1.00 35.50 ? 432 DC  C C5    1 
ATOM   606  C  C6    . DC  B 2 14 ? 9.064   -9.634  22.554  1.00 33.01 ? 432 DC  C C6    1 
ATOM   607  P  P     . DG  B 2 15 ? 2.974   -11.964 22.407  1.00 49.35 ? 433 DG  C P     1 
ATOM   608  O  OP1   . DG  B 2 15 ? 1.757   -11.181 22.055  1.00 43.78 ? 433 DG  C OP1   1 
ATOM   609  O  OP2   . DG  B 2 15 ? 3.304   -12.227 23.832  1.00 45.48 ? 433 DG  C OP2   1 
ATOM   610  O  "O5'" . DG  B 2 15 ? 2.910   -13.370 21.664  1.00 49.50 ? 433 DG  C "O5'" 1 
ATOM   611  C  "C5'" . DG  B 2 15 ? 2.838   -13.441 20.244  1.00 48.52 ? 433 DG  C "C5'" 1 
ATOM   612  C  "C4'" . DG  B 2 15 ? 3.636   -14.621 19.739  1.00 50.19 ? 433 DG  C "C4'" 1 
ATOM   613  O  "O4'" . DG  B 2 15 ? 5.047   -14.386 19.950  1.00 52.86 ? 433 DG  C "O4'" 1 
ATOM   614  C  "C3'" . DG  B 2 15 ? 3.329   -15.951 20.423  1.00 53.42 ? 433 DG  C "C3'" 1 
ATOM   615  O  "O3'" . DG  B 2 15 ? 3.413   -16.999 19.457  1.00 58.57 ? 433 DG  C "O3'" 1 
ATOM   616  C  "C2'" . DG  B 2 15 ? 4.438   -16.081 21.455  1.00 51.73 ? 433 DG  C "C2'" 1 
ATOM   617  C  "C1'" . DG  B 2 15 ? 5.612   -15.426 20.746  1.00 50.35 ? 433 DG  C "C1'" 1 
ATOM   618  N  N9    . DG  B 2 15 ? 6.605   -14.808 21.618  1.00 44.93 ? 433 DG  C N9    1 
ATOM   619  C  C8    . DG  B 2 15 ? 6.356   -14.020 22.717  1.00 46.62 ? 433 DG  C C8    1 
ATOM   620  N  N7    . DG  B 2 15 ? 7.442   -13.522 23.247  1.00 46.64 ? 433 DG  C N7    1 
ATOM   621  C  C5    . DG  B 2 15 ? 8.475   -14.031 22.467  1.00 39.04 ? 433 DG  C C5    1 
ATOM   622  C  C6    . DG  B 2 15 ? 9.877   -13.820 22.549  1.00 31.41 ? 433 DG  C C6    1 
ATOM   623  O  O6    . DG  B 2 15 ? 10.499  -13.095 23.331  1.00 31.32 ? 433 DG  C O6    1 
ATOM   624  N  N1    . DG  B 2 15 ? 10.563  -14.538 21.576  1.00 19.55 ? 433 DG  C N1    1 
ATOM   625  C  C2    . DG  B 2 15 ? 9.977   -15.337 20.630  1.00 28.00 ? 433 DG  C C2    1 
ATOM   626  N  N2    . DG  B 2 15 ? 10.812  -15.942 19.771  1.00 22.59 ? 433 DG  C N2    1 
ATOM   627  N  N3    . DG  B 2 15 ? 8.664   -15.531 20.528  1.00 32.80 ? 433 DG  C N3    1 
ATOM   628  C  C4    . DG  B 2 15 ? 7.979   -14.851 21.474  1.00 40.06 ? 433 DG  C C4    1 
ATOM   629  P  P     . DG  B 2 16 ? 2.797   -18.441 19.792  1.00 63.53 ? 434 DG  C P     1 
ATOM   630  O  OP1   . DG  B 2 16 ? 1.793   -18.756 18.743  1.00 61.38 ? 434 DG  C OP1   1 
ATOM   631  O  OP2   . DG  B 2 16 ? 2.403   -18.461 21.224  1.00 61.31 ? 434 DG  C OP2   1 
ATOM   632  O  "O5'" . DG  B 2 16 ? 4.042   -19.418 19.625  1.00 62.28 ? 434 DG  C "O5'" 1 
ATOM   633  C  "C5'" . DG  B 2 16 ? 4.737   -19.500 18.386  1.00 57.29 ? 434 DG  C "C5'" 1 
ATOM   634  C  "C4'" . DG  B 2 16 ? 5.985   -20.333 18.549  1.00 56.18 ? 434 DG  C "C4'" 1 
ATOM   635  O  "O4'" . DG  B 2 16 ? 6.950   -19.605 19.350  1.00 54.76 ? 434 DG  C "O4'" 1 
ATOM   636  C  "C3'" . DG  B 2 16 ? 5.754   -21.660 19.274  1.00 55.05 ? 434 DG  C "C3'" 1 
ATOM   637  O  "O3'" . DG  B 2 16 ? 6.679   -22.648 18.780  1.00 53.87 ? 434 DG  C "O3'" 1 
ATOM   638  C  "C2'" . DG  B 2 16 ? 6.105   -21.316 20.712  1.00 49.38 ? 434 DG  C "C2'" 1 
ATOM   639  C  "C1'" . DG  B 2 16 ? 7.260   -20.342 20.527  1.00 47.21 ? 434 DG  C "C1'" 1 
ATOM   640  N  N9    . DG  B 2 16 ? 7.430   -19.388 21.617  1.00 36.31 ? 434 DG  C N9    1 
ATOM   641  C  C8    . DG  B 2 16 ? 6.429   -18.822 22.362  1.00 34.43 ? 434 DG  C C8    1 
ATOM   642  N  N7    . DG  B 2 16 ? 6.874   -18.007 23.278  1.00 33.59 ? 434 DG  C N7    1 
ATOM   643  C  C5    . DG  B 2 16 ? 8.253   -18.028 23.125  1.00 22.68 ? 434 DG  C C5    1 
ATOM   644  C  C6    . DG  B 2 16 ? 9.257   -17.328 23.826  1.00 18.48 ? 434 DG  C C6    1 
ATOM   645  O  O6    . DG  B 2 16 ? 9.124   -16.513 24.741  1.00 27.95 ? 434 DG  C O6    1 
ATOM   646  N  N1    . DG  B 2 16 ? 10.524  -17.637 23.362  1.00 14.43 ? 434 DG  C N1    1 
ATOM   647  C  C2    . DG  B 2 16 ? 10.794  -18.496 22.336  1.00 23.43 ? 434 DG  C C2    1 
ATOM   648  N  N2    . DG  B 2 16 ? 12.095  -18.653 22.037  1.00 22.49 ? 434 DG  C N2    1 
ATOM   649  N  N3    . DG  B 2 16 ? 9.859   -19.154 21.652  1.00 27.29 ? 434 DG  C N3    1 
ATOM   650  C  C4    . DG  B 2 16 ? 8.616   -18.874 22.104  1.00 27.20 ? 434 DG  C C4    1 
ATOM   651  N  N     . GLY C 3 1  ? 1.872   -15.579 -7.807  1.00 52.22 ? 230 GLY A N     1 
ATOM   652  C  CA    . GLY C 3 1  ? 2.307   -14.628 -6.749  1.00 50.81 ? 230 GLY A CA    1 
ATOM   653  C  C     . GLY C 3 1  ? 1.474   -14.704 -5.482  1.00 49.03 ? 230 GLY A C     1 
ATOM   654  O  O     . GLY C 3 1  ? 0.556   -15.518 -5.376  1.00 53.47 ? 230 GLY A O     1 
ATOM   655  N  N     . ARG C 3 2  ? 1.791   -13.852 -4.513  1.00 48.73 ? 231 ARG A N     1 
ATOM   656  C  CA    . ARG C 3 2  ? 1.061   -13.845 -3.257  1.00 43.56 ? 231 ARG A CA    1 
ATOM   657  C  C     . ARG C 3 2  ? 0.600   -12.446 -2.872  1.00 39.15 ? 231 ARG A C     1 
ATOM   658  O  O     . ARG C 3 2  ? -0.256  -12.309 -2.006  1.00 42.91 ? 231 ARG A O     1 
ATOM   659  C  CB    . ARG C 3 2  ? 1.920   -14.456 -2.148  1.00 44.59 ? 231 ARG A CB    1 
ATOM   660  C  CG    . ARG C 3 2  ? 1.138   -14.968 -0.964  1.00 47.48 ? 231 ARG A CG    1 
ATOM   661  C  CD    . ARG C 3 2  ? 1.784   -16.218 -0.358  1.00 56.34 ? 231 ARG A CD    1 
ATOM   662  N  NE    . ARG C 3 2  ? 1.377   -17.460 -1.025  1.00 63.78 ? 231 ARG A NE    1 
ATOM   663  C  CZ    . ARG C 3 2  ? 1.846   -17.893 -2.194  1.00 66.64 ? 231 ARG A CZ    1 
ATOM   664  N  NH1   . ARG C 3 2  ? 2.760   -17.191 -2.850  1.00 67.49 ? 231 ARG A NH1   1 
ATOM   665  N  NH2   . ARG C 3 2  ? 1.396   -19.032 -2.713  1.00 63.63 ? 231 ARG A NH2   1 
ATOM   666  N  N     . CYS C 3 3  ? 1.148   -11.408 -3.508  1.00 34.64 ? 232 CYS A N     1 
ATOM   667  C  CA    . CYS C 3 3  ? 0.711   -10.051 -3.192  1.00 31.43 ? 232 CYS A CA    1 
ATOM   668  C  C     . CYS C 3 3  ? -0.723  -9.883  -3.643  1.00 30.92 ? 232 CYS A C     1 
ATOM   669  O  O     . CYS C 3 3  ? -1.045  -10.075 -4.812  1.00 29.01 ? 232 CYS A O     1 
ATOM   670  C  CB    . CYS C 3 3  ? 1.545   -8.986  -3.890  1.00 33.74 ? 232 CYS A CB    1 
ATOM   671  S  SG    . CYS C 3 3  ? 0.889   -7.324  -3.542  1.00 33.84 ? 232 CYS A SG    1 
ATOM   672  N  N     . ALA C 3 4  ? -1.583  -9.509  -2.711  1.00 30.37 ? 233 ALA A N     1 
ATOM   673  C  CA    . ALA C 3 4  ? -2.988  -9.333  -3.017  1.00 31.35 ? 233 ALA A CA    1 
ATOM   674  C  C     . ALA C 3 4  ? -3.270  -8.110  -3.870  1.00 36.35 ? 233 ALA A C     1 
ATOM   675  O  O     . ALA C 3 4  ? -4.423  -7.872  -4.228  1.00 42.21 ? 233 ALA A O     1 
ATOM   676  C  CB    . ALA C 3 4  ? -3.783  -9.251  -1.736  1.00 34.38 ? 233 ALA A CB    1 
ATOM   677  N  N     . VAL C 3 5  ? -2.244  -7.329  -4.201  1.00 33.36 ? 234 VAL A N     1 
ATOM   678  C  CA    . VAL C 3 5  ? -2.480  -6.143  -5.008  1.00 30.72 ? 234 VAL A CA    1 
ATOM   679  C  C     . VAL C 3 5  ? -1.982  -6.274  -6.436  1.00 32.66 ? 234 VAL A C     1 
ATOM   680  O  O     . VAL C 3 5  ? -2.773  -6.210  -7.370  1.00 30.69 ? 234 VAL A O     1 
ATOM   681  C  CB    . VAL C 3 5  ? -1.831  -4.901  -4.382  1.00 32.51 ? 234 VAL A CB    1 
ATOM   682  C  CG1   . VAL C 3 5  ? -2.357  -3.634  -5.055  1.00 23.26 ? 234 VAL A CG1   1 
ATOM   683  C  CG2   . VAL C 3 5  ? -2.111  -4.874  -2.910  1.00 33.16 ? 234 VAL A CG2   1 
ATOM   684  N  N     . CYS C 3 6  ? -0.677  -6.450  -6.618  1.00 32.55 ? 235 CYS A N     1 
ATOM   685  C  CA    . CYS C 3 6  ? -0.139  -6.565  -7.967  1.00 35.66 ? 235 CYS A CA    1 
ATOM   686  C  C     . CYS C 3 6  ? 0.096   -8.020  -8.319  1.00 37.60 ? 235 CYS A C     1 
ATOM   687  O  O     . CYS C 3 6  ? 0.204   -8.377  -9.492  1.00 40.52 ? 235 CYS A O     1 
ATOM   688  C  CB    . CYS C 3 6  ? 1.185   -5.826  -8.083  1.00 32.36 ? 235 CYS A CB    1 
ATOM   689  S  SG    . CYS C 3 6  ? 2.568   -6.846  -7.558  1.00 32.44 ? 235 CYS A SG    1 
ATOM   690  N  N     . GLY C 3 7  ? 0.198   -8.853  -7.293  1.00 39.59 ? 236 GLY A N     1 
ATOM   691  C  CA    . GLY C 3 7  ? 0.434   -10.265 -7.515  1.00 40.24 ? 236 GLY A CA    1 
ATOM   692  C  C     . GLY C 3 7  ? 1.898   -10.651 -7.383  1.00 41.39 ? 236 GLY A C     1 
ATOM   693  O  O     . GLY C 3 7  ? 2.238   -11.821 -7.493  1.00 42.86 ? 236 GLY A O     1 
ATOM   694  N  N     . ASP C 3 8  ? 2.770   -9.674  -7.157  1.00 41.06 ? 237 ASP A N     1 
ATOM   695  C  CA    . ASP C 3 8  ? 4.199   -9.938  -7.007  1.00 38.88 ? 237 ASP A CA    1 
ATOM   696  C  C     . ASP C 3 8  ? 4.361   -10.922 -5.848  1.00 41.41 ? 237 ASP A C     1 
ATOM   697  O  O     . ASP C 3 8  ? 3.380   -11.383 -5.260  1.00 37.88 ? 237 ASP A O     1 
ATOM   698  C  CB    . ASP C 3 8  ? 4.932   -8.632  -6.674  1.00 43.12 ? 237 ASP A CB    1 
ATOM   699  C  CG    . ASP C 3 8  ? 6.421   -8.671  -7.001  1.00 45.95 ? 237 ASP A CG    1 
ATOM   700  O  OD1   . ASP C 3 8  ? 7.057   -9.739  -6.864  1.00 45.65 ? 237 ASP A OD1   1 
ATOM   701  O  OD2   . ASP C 3 8  ? 6.961   -7.605  -7.378  1.00 44.94 ? 237 ASP A OD2   1 
ATOM   702  N  N     . ASN C 3 9  ? 5.606   -11.236 -5.516  1.00 43.92 ? 238 ASN A N     1 
ATOM   703  C  CA    . ASN C 3 9  ? 5.898   -12.149 -4.421  1.00 46.68 ? 238 ASN A CA    1 
ATOM   704  C  C     . ASN C 3 9  ? 5.780   -11.389 -3.107  1.00 48.67 ? 238 ASN A C     1 
ATOM   705  O  O     . ASN C 3 9  ? 6.142   -10.213 -3.034  1.00 49.06 ? 238 ASN A O     1 
ATOM   706  C  CB    . ASN C 3 9  ? 7.317   -12.685 -4.557  1.00 47.57 ? 238 ASN A CB    1 
ATOM   707  C  CG    . ASN C 3 9  ? 7.632   -13.123 -5.963  1.00 49.39 ? 238 ASN A CG    1 
ATOM   708  O  OD1   . ASN C 3 9  ? 7.665   -12.306 -6.884  1.00 54.17 ? 238 ASN A OD1   1 
ATOM   709  N  ND2   . ASN C 3 9  ? 7.860   -14.417 -6.143  1.00 48.17 ? 238 ASN A ND2   1 
ATOM   710  N  N     . ALA C 3 10 ? 5.277   -12.059 -2.075  1.00 48.69 ? 239 ALA A N     1 
ATOM   711  C  CA    . ALA C 3 10 ? 5.121   -11.437 -0.765  1.00 48.24 ? 239 ALA A CA    1 
ATOM   712  C  C     . ALA C 3 10 ? 5.539   -12.410 0.333   1.00 46.70 ? 239 ALA A C     1 
ATOM   713  O  O     . ALA C 3 10 ? 5.267   -13.602 0.244   1.00 49.90 ? 239 ALA A O     1 
ATOM   714  C  CB    . ALA C 3 10 ? 3.674   -11.003 -0.564  1.00 50.99 ? 239 ALA A CB    1 
ATOM   715  N  N     . SER C 3 11 ? 6.201   -11.904 1.365   1.00 45.52 ? 240 SER A N     1 
ATOM   716  C  CA    . SER C 3 11 ? 6.644   -12.759 2.454   1.00 45.78 ? 240 SER A CA    1 
ATOM   717  C  C     . SER C 3 11 ? 5.863   -12.538 3.750   1.00 43.49 ? 240 SER A C     1 
ATOM   718  O  O     . SER C 3 11 ? 5.825   -13.423 4.598   1.00 46.11 ? 240 SER A O     1 
ATOM   719  C  CB    . SER C 3 11 ? 8.130   -12.540 2.724   1.00 47.29 ? 240 SER A CB    1 
ATOM   720  O  OG    . SER C 3 11 ? 8.337   -11.327 3.424   1.00 52.47 ? 240 SER A OG    1 
ATOM   721  N  N     . CYS C 3 12 ? 5.254   -11.365 3.917   1.00 38.14 ? 241 CYS A N     1 
ATOM   722  C  CA    . CYS C 3 12 ? 4.485   -11.092 5.125   1.00 35.08 ? 241 CYS A CA    1 
ATOM   723  C  C     . CYS C 3 12 ? 3.463   -9.978  4.944   1.00 33.74 ? 241 CYS A C     1 
ATOM   724  O  O     . CYS C 3 12 ? 3.252   -9.486  3.841   1.00 34.16 ? 241 CYS A O     1 
ATOM   725  C  CB    . CYS C 3 12 ? 5.410   -10.740 6.294   1.00 33.46 ? 241 CYS A CB    1 
ATOM   726  S  SG    . CYS C 3 12 ? 6.025   -9.047  6.280   1.00 35.27 ? 241 CYS A SG    1 
ATOM   727  N  N     . GLN C 3 13 ? 2.847   -9.577  6.050   1.00 31.97 ? 242 GLN A N     1 
ATOM   728  C  CA    . GLN C 3 13 ? 1.816   -8.543  6.051   1.00 28.78 ? 242 GLN A CA    1 
ATOM   729  C  C     . GLN C 3 13 ? 2.359   -7.113  6.027   1.00 26.47 ? 242 GLN A C     1 
ATOM   730  O  O     . GLN C 3 13 ? 3.419   -6.841  6.577   1.00 26.70 ? 242 GLN A O     1 
ATOM   731  C  CB    . GLN C 3 13 ? 0.943   -8.702  7.300   1.00 27.51 ? 242 GLN A CB    1 
ATOM   732  C  CG    . GLN C 3 13 ? 0.274   -10.051 7.462   1.00 24.67 ? 242 GLN A CG    1 
ATOM   733  C  CD    . GLN C 3 13 ? -1.053  -10.137 6.736   1.00 28.09 ? 242 GLN A CD    1 
ATOM   734  O  OE1   . GLN C 3 13 ? -1.180  -10.826 5.719   1.00 20.53 ? 242 GLN A OE1   1 
ATOM   735  N  NE2   . GLN C 3 13 ? -2.059  -9.428  7.260   1.00 28.05 ? 242 GLN A NE2   1 
ATOM   736  N  N     . HIS C 3 14 ? 1.607   -6.211  5.400   1.00 24.22 ? 243 HIS A N     1 
ATOM   737  C  CA    . HIS C 3 14 ? 1.947   -4.792  5.325   1.00 21.98 ? 243 HIS A CA    1 
ATOM   738  C  C     . HIS C 3 14 ? 0.659   -3.979  5.371   1.00 25.56 ? 243 HIS A C     1 
ATOM   739  O  O     . HIS C 3 14 ? -0.201  -4.094  4.494   1.00 23.90 ? 243 HIS A O     1 
ATOM   740  C  CB    . HIS C 3 14 ? 2.718   -4.491  4.050   1.00 22.82 ? 243 HIS A CB    1 
ATOM   741  C  CG    . HIS C 3 14 ? 4.036   -5.184  3.990   1.00 24.66 ? 243 HIS A CG    1 
ATOM   742  N  ND1   . HIS C 3 14 ? 5.100   -4.813  4.782   1.00 21.38 ? 243 HIS A ND1   1 
ATOM   743  C  CD2   . HIS C 3 14 ? 4.421   -6.308  3.342   1.00 24.93 ? 243 HIS A CD2   1 
ATOM   744  C  CE1   . HIS C 3 14 ? 6.081   -5.684  4.629   1.00 27.57 ? 243 HIS A CE1   1 
ATOM   745  N  NE2   . HIS C 3 14 ? 5.695   -6.601  3.762   1.00 23.36 ? 243 HIS A NE2   1 
ATOM   746  N  N     . TYR C 3 15 ? 0.533   -3.157  6.409   1.00 24.98 ? 244 TYR A N     1 
ATOM   747  C  CA    . TYR C 3 15 ? -0.650  -2.338  6.597   1.00 26.26 ? 244 TYR A CA    1 
ATOM   748  C  C     . TYR C 3 15 ? -1.913  -3.209  6.481   1.00 28.95 ? 244 TYR A C     1 
ATOM   749  O  O     . TYR C 3 15 ? -2.880  -2.864  5.791   1.00 28.23 ? 244 TYR A O     1 
ATOM   750  C  CB    . TYR C 3 15 ? -0.642  -1.181  5.590   1.00 26.10 ? 244 TYR A CB    1 
ATOM   751  C  CG    . TYR C 3 15 ? 0.703   -0.483  5.570   1.00 23.79 ? 244 TYR A CG    1 
ATOM   752  C  CD1   . TYR C 3 15 ? 1.678   -0.840  4.629   1.00 17.44 ? 244 TYR A CD1   1 
ATOM   753  C  CD2   . TYR C 3 15 ? 1.064   0.409   6.589   1.00 20.00 ? 244 TYR A CD2   1 
ATOM   754  C  CE1   . TYR C 3 15 ? 2.974   -0.351  4.709   1.00 16.69 ? 244 TYR A CE1   1 
ATOM   755  C  CE2   . TYR C 3 15 ? 2.369   0.908   6.680   1.00 19.71 ? 244 TYR A CE2   1 
ATOM   756  C  CZ    . TYR C 3 15 ? 3.318   0.517   5.739   1.00 17.56 ? 244 TYR A CZ    1 
ATOM   757  O  OH    . TYR C 3 15 ? 4.617   0.951   5.849   1.00 18.28 ? 244 TYR A OH    1 
ATOM   758  N  N     . GLY C 3 16 ? -1.872  -4.351  7.168   1.00 29.16 ? 245 GLY A N     1 
ATOM   759  C  CA    . GLY C 3 16 ? -2.994  -5.275  7.198   1.00 32.41 ? 245 GLY A CA    1 
ATOM   760  C  C     . GLY C 3 16 ? -3.134  -6.301  6.083   1.00 34.03 ? 245 GLY A C     1 
ATOM   761  O  O     . GLY C 3 16 ? -3.919  -7.236  6.216   1.00 33.61 ? 245 GLY A O     1 
ATOM   762  N  N     . VAL C 3 17 ? -2.368  -6.160  5.005   1.00 34.43 ? 246 VAL A N     1 
ATOM   763  C  CA    . VAL C 3 17 ? -2.490  -7.084  3.880   1.00 33.01 ? 246 VAL A CA    1 
ATOM   764  C  C     . VAL C 3 17 ? -1.204  -7.683  3.318   1.00 33.88 ? 246 VAL A C     1 
ATOM   765  O  O     . VAL C 3 17 ? -0.176  -7.009  3.192   1.00 33.45 ? 246 VAL A O     1 
ATOM   766  C  CB    . VAL C 3 17 ? -3.211  -6.405  2.696   1.00 29.06 ? 246 VAL A CB    1 
ATOM   767  C  CG1   . VAL C 3 17 ? -3.585  -7.444  1.664   1.00 25.08 ? 246 VAL A CG1   1 
ATOM   768  C  CG2   . VAL C 3 17 ? -4.431  -5.637  3.186   1.00 30.44 ? 246 VAL A CG2   1 
ATOM   769  N  N     . ARG C 3 18 ? -1.289  -8.959  2.957   1.00 33.66 ? 247 ARG A N     1 
ATOM   770  C  CA    . ARG C 3 18 ? -0.167  -9.677  2.363   1.00 34.10 ? 247 ARG A CA    1 
ATOM   771  C  C     . ARG C 3 18 ? 0.251   -8.895  1.117   1.00 33.42 ? 247 ARG A C     1 
ATOM   772  O  O     . ARG C 3 18 ? -0.409  -8.967  0.077   1.00 31.86 ? 247 ARG A O     1 
ATOM   773  C  CB    . ARG C 3 18 ? -0.616  -11.082 1.961   1.00 35.06 ? 247 ARG A CB    1 
ATOM   774  C  CG    . ARG C 3 18 ? 0.473   -11.970 1.409   1.00 34.53 ? 247 ARG A CG    1 
ATOM   775  C  CD    . ARG C 3 18 ? 1.386   -12.422 2.513   1.00 37.42 ? 247 ARG A CD    1 
ATOM   776  N  NE    . ARG C 3 18 ? 2.363   -13.402 2.058   1.00 42.14 ? 247 ARG A NE    1 
ATOM   777  C  CZ    . ARG C 3 18 ? 3.202   -14.028 2.876   1.00 46.56 ? 247 ARG A CZ    1 
ATOM   778  N  NH1   . ARG C 3 18 ? 3.164   -13.764 4.175   1.00 49.81 ? 247 ARG A NH1   1 
ATOM   779  N  NH2   . ARG C 3 18 ? 4.081   -14.903 2.405   1.00 47.05 ? 247 ARG A NH2   1 
ATOM   780  N  N     . THR C 3 19 ? 1.345   -8.149  1.216   1.00 32.01 ? 248 THR A N     1 
ATOM   781  C  CA    . THR C 3 19 ? 1.799   -7.358  0.085   1.00 27.68 ? 248 THR A CA    1 
ATOM   782  C  C     . THR C 3 19 ? 3.274   -7.459  -0.147  1.00 27.66 ? 248 THR A C     1 
ATOM   783  O  O     . THR C 3 19 ? 4.022   -7.946  0.694   1.00 31.05 ? 248 THR A O     1 
ATOM   784  C  CB    . THR C 3 19 ? 1.474   -5.898  0.278   1.00 27.72 ? 248 THR A CB    1 
ATOM   785  O  OG1   . THR C 3 19 ? 1.932   -5.492  1.570   1.00 32.66 ? 248 THR A OG1   1 
ATOM   786  C  CG2   . THR C 3 19 ? -0.016  -5.673  0.172   1.00 29.71 ? 248 THR A CG2   1 
ATOM   787  N  N     . CYS C 3 20 ? 3.686   -6.976  -1.308  1.00 27.75 ? 249 CYS A N     1 
ATOM   788  C  CA    . CYS C 3 20 ? 5.080   -7.000  -1.698  1.00 25.72 ? 249 CYS A CA    1 
ATOM   789  C  C     . CYS C 3 20 ? 5.714   -5.675  -1.337  1.00 24.36 ? 249 CYS A C     1 
ATOM   790  O  O     . CYS C 3 20 ? 5.009   -4.699  -1.054  1.00 19.97 ? 249 CYS A O     1 
ATOM   791  C  CB    . CYS C 3 20 ? 5.177   -7.194  -3.195  1.00 30.27 ? 249 CYS A CB    1 
ATOM   792  S  SG    . CYS C 3 20 ? 4.626   -5.737  -4.043  1.00 34.92 ? 249 CYS A SG    1 
ATOM   793  N  N     . GLU C 3 21 ? 7.045   -5.641  -1.373  1.00 25.58 ? 250 GLU A N     1 
ATOM   794  C  CA    . GLU C 3 21 ? 7.798   -4.437  -1.044  1.00 22.70 ? 250 GLU A CA    1 
ATOM   795  C  C     . GLU C 3 21 ? 7.395   -3.313  -1.975  1.00 23.66 ? 250 GLU A C     1 
ATOM   796  O  O     . GLU C 3 21 ? 7.452   -2.148  -1.612  1.00 24.52 ? 250 GLU A O     1 
ATOM   797  C  CB    . GLU C 3 21 ? 9.294   -4.688  -1.176  1.00 22.66 ? 250 GLU A CB    1 
ATOM   798  C  CG    . GLU C 3 21 ? 9.873   -5.671  -0.165  1.00 24.65 ? 250 GLU A CG    1 
ATOM   799  C  CD    . GLU C 3 21 ? 10.005  -5.098  1.237   1.00 26.31 ? 250 GLU A CD    1 
ATOM   800  O  OE1   . GLU C 3 21 ? 10.119  -3.863  1.370   1.00 23.17 ? 250 GLU A OE1   1 
ATOM   801  O  OE2   . GLU C 3 21 ? 10.020  -5.890  2.208   1.00 27.85 ? 250 GLU A OE2   1 
ATOM   802  N  N     . GLY C 3 22 ? 6.986   -3.669  -3.182  1.00 22.71 ? 251 GLY A N     1 
ATOM   803  C  CA    . GLY C 3 22 ? 6.576   -2.654  -4.123  1.00 22.54 ? 251 GLY A CA    1 
ATOM   804  C  C     . GLY C 3 22 ? 5.356   -1.959  -3.573  1.00 24.40 ? 251 GLY A C     1 
ATOM   805  O  O     . GLY C 3 22 ? 5.403   -0.797  -3.198  1.00 25.31 ? 251 GLY A O     1 
ATOM   806  N  N     . CYS C 3 23 ? 4.247   -2.680  -3.501  1.00 26.13 ? 252 CYS A N     1 
ATOM   807  C  CA    . CYS C 3 23 ? 3.022   -2.087  -2.992  1.00 25.06 ? 252 CYS A CA    1 
ATOM   808  C  C     . CYS C 3 23 ? 3.201   -1.558  -1.585  1.00 21.92 ? 252 CYS A C     1 
ATOM   809  O  O     . CYS C 3 23 ? 2.590   -0.559  -1.206  1.00 19.47 ? 252 CYS A O     1 
ATOM   810  C  CB    . CYS C 3 23 ? 1.895   -3.107  -3.059  1.00 26.75 ? 252 CYS A CB    1 
ATOM   811  S  SG    . CYS C 3 23 ? 1.390   -3.363  -4.755  1.00 34.13 ? 252 CYS A SG    1 
ATOM   812  N  N     . LYS C 3 24 ? 4.051   -2.227  -0.816  1.00 19.26 ? 253 LYS A N     1 
ATOM   813  C  CA    . LYS C 3 24 ? 4.344   -1.796  0.535   1.00 14.88 ? 253 LYS A CA    1 
ATOM   814  C  C     . LYS C 3 24 ? 4.609   -0.295  0.554   1.00 17.34 ? 253 LYS A C     1 
ATOM   815  O  O     . LYS C 3 24 ? 3.801   0.487   1.045   1.00 22.01 ? 253 LYS A O     1 
ATOM   816  C  CB    . LYS C 3 24 ? 5.578   -2.517  1.040   1.00 11.11 ? 253 LYS A CB    1 
ATOM   817  C  CG    . LYS C 3 24 ? 6.043   -2.059  2.415   1.00 14.26 ? 253 LYS A CG    1 
ATOM   818  C  CD    . LYS C 3 24 ? 7.283   -2.829  2.821   1.00 9.68  ? 253 LYS A CD    1 
ATOM   819  C  CE    . LYS C 3 24 ? 7.854   -2.347  4.137   1.00 10.32 ? 253 LYS A CE    1 
ATOM   820  N  NZ    . LYS C 3 24 ? 9.156   -3.008  4.396   1.00 13.05 ? 253 LYS A NZ    1 
ATOM   821  N  N     . GLY C 3 25 ? 5.746   0.092   -0.011  1.00 17.93 ? 254 GLY A N     1 
ATOM   822  C  CA    . GLY C 3 25 ? 6.136   1.487   -0.048  1.00 17.00 ? 254 GLY A CA    1 
ATOM   823  C  C     . GLY C 3 25 ? 5.166   2.421   -0.734  1.00 21.40 ? 254 GLY A C     1 
ATOM   824  O  O     . GLY C 3 25 ? 4.982   3.565   -0.304  1.00 26.25 ? 254 GLY A O     1 
ATOM   825  N  N     . PHE C 3 26 ? 4.542   1.953   -1.806  1.00 20.81 ? 255 PHE A N     1 
ATOM   826  C  CA    . PHE C 3 26 ? 3.598   2.787   -2.533  1.00 18.20 ? 255 PHE A CA    1 
ATOM   827  C  C     . PHE C 3 26 ? 2.529   3.263   -1.568  1.00 20.27 ? 255 PHE A C     1 
ATOM   828  O  O     . PHE C 3 26 ? 2.262   4.457   -1.449  1.00 23.65 ? 255 PHE A O     1 
ATOM   829  C  CB    . PHE C 3 26 ? 2.953   1.998   -3.668  1.00 10.59 ? 255 PHE A CB    1 
ATOM   830  C  CG    . PHE C 3 26 ? 1.974   2.790   -4.452  1.00 11.43 ? 255 PHE A CG    1 
ATOM   831  C  CD1   . PHE C 3 26 ? 2.388   3.897   -5.177  1.00 7.53  ? 255 PHE A CD1   1 
ATOM   832  C  CD2   . PHE C 3 26 ? 0.624   2.451   -4.449  1.00 15.08 ? 255 PHE A CD2   1 
ATOM   833  C  CE1   . PHE C 3 26 ? 1.482   4.664   -5.895  1.00 9.49  ? 255 PHE A CE1   1 
ATOM   834  C  CE2   . PHE C 3 26 ? -0.301  3.210   -5.166  1.00 18.83 ? 255 PHE A CE2   1 
ATOM   835  C  CZ    . PHE C 3 26 ? 0.131   4.324   -5.893  1.00 12.08 ? 255 PHE A CZ    1 
ATOM   836  N  N     . PHE C 3 27 ? 1.933   2.311   -0.864  1.00 22.94 ? 256 PHE A N     1 
ATOM   837  C  CA    . PHE C 3 27 ? 0.901   2.624   0.106   1.00 25.60 ? 256 PHE A CA    1 
ATOM   838  C  C     . PHE C 3 27 ? 1.435   3.615   1.144   1.00 27.40 ? 256 PHE A C     1 
ATOM   839  O  O     . PHE C 3 27 ? 0.770   4.606   1.467   1.00 27.62 ? 256 PHE A O     1 
ATOM   840  C  CB    . PHE C 3 27 ? 0.435   1.350   0.805   1.00 26.06 ? 256 PHE A CB    1 
ATOM   841  C  CG    . PHE C 3 27 ? -0.807  1.538   1.621   1.00 27.38 ? 256 PHE A CG    1 
ATOM   842  C  CD1   . PHE C 3 27 ? -2.017  1.791   1.005   1.00 21.99 ? 256 PHE A CD1   1 
ATOM   843  C  CD2   . PHE C 3 27 ? -0.760  1.487   3.012   1.00 27.22 ? 256 PHE A CD2   1 
ATOM   844  C  CE1   . PHE C 3 27 ? -3.159  1.993   1.766   1.00 28.39 ? 256 PHE A CE1   1 
ATOM   845  C  CE2   . PHE C 3 27 ? -1.902  1.688   3.776   1.00 20.57 ? 256 PHE A CE2   1 
ATOM   846  C  CZ    . PHE C 3 27 ? -3.099  1.942   3.155   1.00 20.34 ? 256 PHE A CZ    1 
ATOM   847  N  N     . LYS C 3 28 ? 2.635   3.351   1.655   1.00 21.51 ? 257 LYS A N     1 
ATOM   848  C  CA    . LYS C 3 28 ? 3.237   4.227   2.649   1.00 21.22 ? 257 LYS A CA    1 
ATOM   849  C  C     . LYS C 3 28 ? 3.425   5.659   2.154   1.00 22.15 ? 257 LYS A C     1 
ATOM   850  O  O     . LYS C 3 28 ? 2.796   6.583   2.664   1.00 25.46 ? 257 LYS A O     1 
ATOM   851  C  CB    . LYS C 3 28 ? 4.578   3.669   3.108   1.00 22.78 ? 257 LYS A CB    1 
ATOM   852  C  CG    . LYS C 3 28 ? 5.253   4.511   4.192   1.00 27.15 ? 257 LYS A CG    1 
ATOM   853  C  CD    . LYS C 3 28 ? 6.627   3.946   4.565   1.00 30.11 ? 257 LYS A CD    1 
ATOM   854  C  CE    . LYS C 3 28 ? 7.626   4.111   3.419   1.00 31.30 ? 257 LYS A CE    1 
ATOM   855  N  NZ    . LYS C 3 28 ? 8.976   3.610   3.757   1.00 30.86 ? 257 LYS A NZ    1 
ATOM   856  N  N     . ARG C 3 29 ? 4.288   5.849   1.165   1.00 21.23 ? 258 ARG A N     1 
ATOM   857  C  CA    . ARG C 3 29 ? 4.527   7.191   0.635   1.00 16.52 ? 258 ARG A CA    1 
ATOM   858  C  C     . ARG C 3 29 ? 3.211   7.913   0.388   1.00 18.24 ? 258 ARG A C     1 
ATOM   859  O  O     . ARG C 3 29 ? 3.028   9.057   0.801   1.00 19.14 ? 258 ARG A O     1 
ATOM   860  C  CB    . ARG C 3 29 ? 5.311   7.115   -0.675  1.00 9.54  ? 258 ARG A CB    1 
ATOM   861  C  CG    . ARG C 3 29 ? 6.634   6.392   -0.543  1.00 8.32  ? 258 ARG A CG    1 
ATOM   862  C  CD    . ARG C 3 29 ? 7.512   6.656   -1.743  1.00 14.84 ? 258 ARG A CD    1 
ATOM   863  N  NE    . ARG C 3 29 ? 7.045   5.971   -2.937  1.00 14.03 ? 258 ARG A NE    1 
ATOM   864  C  CZ    . ARG C 3 29 ? 7.266   4.682   -3.184  1.00 24.51 ? 258 ARG A CZ    1 
ATOM   865  N  NH1   . ARG C 3 29 ? 7.955   3.937   -2.318  1.00 22.35 ? 258 ARG A NH1   1 
ATOM   866  N  NH2   . ARG C 3 29 ? 6.793   4.136   -4.296  1.00 26.40 ? 258 ARG A NH2   1 
ATOM   867  N  N     . THR C 3 30 ? 2.290   7.232   -0.286  1.00 19.53 ? 259 THR A N     1 
ATOM   868  C  CA    . THR C 3 30 ? 0.998   7.815   -0.603  1.00 20.67 ? 259 THR A CA    1 
ATOM   869  C  C     . THR C 3 30 ? 0.345   8.363   0.652   1.00 21.61 ? 259 THR A C     1 
ATOM   870  O  O     . THR C 3 30 ? 0.042   9.548   0.741   1.00 24.70 ? 259 THR A O     1 
ATOM   871  C  CB    . THR C 3 30 ? 0.062   6.772   -1.248  1.00 20.69 ? 259 THR A CB    1 
ATOM   872  O  OG1   . THR C 3 30 ? 0.707   6.194   -2.391  1.00 25.06 ? 259 THR A OG1   1 
ATOM   873  C  CG2   . THR C 3 30 ? -1.230  7.421   -1.710  1.00 16.90 ? 259 THR A CG2   1 
ATOM   874  N  N     . VAL C 3 31 ? 0.153   7.492   1.633   1.00 24.40 ? 260 VAL A N     1 
ATOM   875  C  CA    . VAL C 3 31 ? -0.481  7.877   2.879   1.00 23.21 ? 260 VAL A CA    1 
ATOM   876  C  C     . VAL C 3 31 ? 0.262   8.975   3.628   1.00 23.26 ? 260 VAL A C     1 
ATOM   877  O  O     . VAL C 3 31 ? -0.353  9.880   4.176   1.00 25.66 ? 260 VAL A O     1 
ATOM   878  C  CB    . VAL C 3 31 ? -0.680  6.636   3.765   1.00 23.57 ? 260 VAL A CB    1 
ATOM   879  C  CG1   . VAL C 3 31 ? -1.217  7.018   5.132   1.00 28.99 ? 260 VAL A CG1   1 
ATOM   880  C  CG2   . VAL C 3 31 ? -1.671  5.712   3.088   1.00 28.54 ? 260 VAL A CG2   1 
ATOM   881  N  N     . GLN C 3 32 ? 1.585   8.914   3.657   1.00 23.48 ? 261 GLN A N     1 
ATOM   882  C  CA    . GLN C 3 32 ? 2.324   9.956   4.341   1.00 22.52 ? 261 GLN A CA    1 
ATOM   883  C  C     . GLN C 3 32 ? 2.058   11.263  3.600   1.00 24.80 ? 261 GLN A C     1 
ATOM   884  O  O     . GLN C 3 32 ? 1.387   12.161  4.108   1.00 28.32 ? 261 GLN A O     1 
ATOM   885  C  CB    . GLN C 3 32 ? 3.824   9.651   4.342   1.00 19.84 ? 261 GLN A CB    1 
ATOM   886  C  CG    . GLN C 3 32 ? 4.177   8.282   4.898   1.00 23.18 ? 261 GLN A CG    1 
ATOM   887  C  CD    . GLN C 3 32 ? 5.679   8.036   4.976   1.00 26.16 ? 261 GLN A CD    1 
ATOM   888  O  OE1   . GLN C 3 32 ? 6.415   8.325   4.037   1.00 28.53 ? 261 GLN A OE1   1 
ATOM   889  N  NE2   . GLN C 3 32 ? 6.133   7.485   6.098   1.00 25.79 ? 261 GLN A NE2   1 
ATOM   890  N  N     . LYS C 3 33 ? 2.571   11.359  2.384   1.00 25.58 ? 262 LYS A N     1 
ATOM   891  C  CA    . LYS C 3 33 ? 2.400   12.563  1.591   1.00 29.15 ? 262 LYS A CA    1 
ATOM   892  C  C     . LYS C 3 33 ? 0.941   12.941  1.394   1.00 31.32 ? 262 LYS A C     1 
ATOM   893  O  O     . LYS C 3 33 ? 0.645   14.039  0.931   1.00 31.53 ? 262 LYS A O     1 
ATOM   894  C  CB    . LYS C 3 33 ? 3.075   12.384  0.236   1.00 30.10 ? 262 LYS A CB    1 
ATOM   895  C  CG    . LYS C 3 33 ? 4.567   12.133  0.343   1.00 31.11 ? 262 LYS A CG    1 
ATOM   896  C  CD    . LYS C 3 33 ? 5.134   11.586  -0.947  1.00 30.91 ? 262 LYS A CD    1 
ATOM   897  C  CE    . LYS C 3 33 ? 6.645   11.617  -0.905  1.00 37.97 ? 262 LYS A CE    1 
ATOM   898  N  NZ    . LYS C 3 33 ? 7.140   13.008  -0.680  1.00 34.33 ? 262 LYS A NZ    1 
ATOM   899  N  N     . SER C 3 34 ? 0.030   12.040  1.755   1.00 30.82 ? 263 SER A N     1 
ATOM   900  C  CA    . SER C 3 34 ? -1.399  12.302  1.594   1.00 32.58 ? 263 SER A CA    1 
ATOM   901  C  C     . SER C 3 34 ? -1.690  12.563  0.125   1.00 33.02 ? 263 SER A C     1 
ATOM   902  O  O     . SER C 3 34 ? -2.629  13.278  -0.209  1.00 36.58 ? 263 SER A O     1 
ATOM   903  C  CB    . SER C 3 34 ? -1.821  13.536  2.394   1.00 30.69 ? 263 SER A CB    1 
ATOM   904  O  OG    . SER C 3 34 ? -1.391  13.466  3.735   1.00 39.86 ? 263 SER A OG    1 
ATOM   905  N  N     . ALA C 3 35 ? -0.878  11.988  -0.751  1.00 33.33 ? 264 ALA A N     1 
ATOM   906  C  CA    . ALA C 3 35 ? -1.044  12.179  -2.186  1.00 35.32 ? 264 ALA A CA    1 
ATOM   907  C  C     . ALA C 3 35 ? -2.454  11.893  -2.705  1.00 34.15 ? 264 ALA A C     1 
ATOM   908  O  O     . ALA C 3 35 ? -3.150  11.004  -2.219  1.00 29.58 ? 264 ALA A O     1 
ATOM   909  C  CB    . ALA C 3 35 ? -0.031  11.319  -2.943  1.00 34.85 ? 264 ALA A CB    1 
ATOM   910  N  N     . LYS C 3 36 ? -2.865  12.674  -3.697  1.00 36.60 ? 265 LYS A N     1 
ATOM   911  C  CA    . LYS C 3 36 ? -4.171  12.514  -4.318  1.00 39.21 ? 265 LYS A CA    1 
ATOM   912  C  C     . LYS C 3 36 ? -3.920  12.180  -5.782  1.00 37.91 ? 265 LYS A C     1 
ATOM   913  O  O     . LYS C 3 36 ? -3.320  12.964  -6.508  1.00 39.29 ? 265 LYS A O     1 
ATOM   914  C  CB    . LYS C 3 36 ? -4.978  13.799  -4.197  1.00 39.64 ? 265 LYS A CB    1 
ATOM   915  N  N     . TYR C 3 37 ? -4.361  11.003  -6.203  1.00 35.24 ? 266 TYR A N     1 
ATOM   916  C  CA    . TYR C 3 37 ? -4.165  10.564  -7.573  1.00 33.54 ? 266 TYR A CA    1 
ATOM   917  C  C     . TYR C 3 37 ? -5.413  10.778  -8.405  1.00 36.43 ? 266 TYR A C     1 
ATOM   918  O  O     . TYR C 3 37 ? -6.497  11.031  -7.882  1.00 36.07 ? 266 TYR A O     1 
ATOM   919  C  CB    . TYR C 3 37 ? -3.794  9.083   -7.602  1.00 25.39 ? 266 TYR A CB    1 
ATOM   920  C  CG    . TYR C 3 37 ? -2.545  8.746   -6.823  1.00 25.18 ? 266 TYR A CG    1 
ATOM   921  C  CD1   . TYR C 3 37 ? -2.496  7.611   -6.016  1.00 26.77 ? 266 TYR A CD1   1 
ATOM   922  C  CD2   . TYR C 3 37 ? -1.404  9.553   -6.895  1.00 20.74 ? 266 TYR A CD2   1 
ATOM   923  C  CE1   . TYR C 3 37 ? -1.347  7.287   -5.292  1.00 25.11 ? 266 TYR A CE1   1 
ATOM   924  C  CE2   . TYR C 3 37 ? -0.250  9.235   -6.180  1.00 17.38 ? 266 TYR A CE2   1 
ATOM   925  C  CZ    . TYR C 3 37 ? -0.234  8.102   -5.377  1.00 22.30 ? 266 TYR A CZ    1 
ATOM   926  O  OH    . TYR C 3 37 ? 0.883   7.787   -4.636  1.00 27.61 ? 266 TYR A OH    1 
ATOM   927  N  N     . ILE C 3 38 ? -5.241  10.659  -9.714  1.00 38.67 ? 267 ILE A N     1 
ATOM   928  C  CA    . ILE C 3 38 ? -6.330  10.820  -10.661 1.00 37.45 ? 267 ILE A CA    1 
ATOM   929  C  C     . ILE C 3 38 ? -6.110  9.836   -11.797 1.00 36.72 ? 267 ILE A C     1 
ATOM   930  O  O     . ILE C 3 38 ? -5.010  9.743   -12.338 1.00 34.96 ? 267 ILE A O     1 
ATOM   931  C  CB    . ILE C 3 38 ? -6.365  12.245  -11.233 1.00 37.94 ? 267 ILE A CB    1 
ATOM   932  C  CG1   . ILE C 3 38 ? -6.802  13.224  -10.142 1.00 41.62 ? 267 ILE A CG1   1 
ATOM   933  C  CG2   . ILE C 3 38 ? -7.287  12.296  -12.443 1.00 33.90 ? 267 ILE A CG2   1 
ATOM   934  C  CD1   . ILE C 3 38 ? -6.921  14.673  -10.611 1.00 44.24 ? 267 ILE A CD1   1 
ATOM   935  N  N     . CYS C 3 39 ? -7.161  9.107   -12.153 1.00 35.14 ? 268 CYS A N     1 
ATOM   936  C  CA    . CYS C 3 39 ? -7.073  8.123   -13.218 1.00 35.89 ? 268 CYS A CA    1 
ATOM   937  C  C     . CYS C 3 39 ? -7.397  8.724   -14.577 1.00 39.10 ? 268 CYS A C     1 
ATOM   938  O  O     . CYS C 3 39 ? -8.463  9.311   -14.770 1.00 39.84 ? 268 CYS A O     1 
ATOM   939  C  CB    . CYS C 3 39 ? -8.018  6.965   -12.935 1.00 35.29 ? 268 CYS A CB    1 
ATOM   940  S  SG    . CYS C 3 39 ? -8.231  5.877   -14.334 1.00 32.29 ? 268 CYS A SG    1 
ATOM   941  N  N     . LEU C 3 40 ? -6.472  8.568   -15.520 1.00 38.80 ? 269 LEU A N     1 
ATOM   942  C  CA    . LEU C 3 40 ? -6.668  9.102   -16.862 1.00 36.43 ? 269 LEU A CA    1 
ATOM   943  C  C     . LEU C 3 40 ? -7.713  8.298   -17.622 1.00 38.29 ? 269 LEU A C     1 
ATOM   944  O  O     . LEU C 3 40 ? -8.459  8.853   -18.429 1.00 43.19 ? 269 LEU A O     1 
ATOM   945  C  CB    . LEU C 3 40 ? -5.355  9.079   -17.643 1.00 28.50 ? 269 LEU A CB    1 
ATOM   946  C  CG    . LEU C 3 40 ? -4.204  9.882   -17.054 1.00 27.73 ? 269 LEU A CG    1 
ATOM   947  C  CD1   . LEU C 3 40 ? -2.961  9.640   -17.879 1.00 24.52 ? 269 LEU A CD1   1 
ATOM   948  C  CD2   . LEU C 3 40 ? -4.560  11.354  -17.022 1.00 20.54 ? 269 LEU A CD2   1 
ATOM   949  N  N     . ALA C 3 41 ? -7.754  6.992   -17.373 1.00 36.39 ? 270 ALA A N     1 
ATOM   950  C  CA    . ALA C 3 41 ? -8.707  6.111   -18.041 1.00 34.09 ? 270 ALA A CA    1 
ATOM   951  C  C     . ALA C 3 41 ? -10.056 6.139   -17.338 1.00 36.58 ? 270 ALA A C     1 
ATOM   952  O  O     . ALA C 3 41 ? -10.664 7.199   -17.190 1.00 35.49 ? 270 ALA A O     1 
ATOM   953  C  CB    . ALA C 3 41 ? -8.171  4.691   -18.078 1.00 32.82 ? 270 ALA A CB    1 
ATOM   954  N  N     . ASN C 3 42 ? -10.523 4.977   -16.895 1.00 37.05 ? 271 ASN A N     1 
ATOM   955  C  CA    . ASN C 3 42 ? -11.813 4.919   -16.234 1.00 40.69 ? 271 ASN A CA    1 
ATOM   956  C  C     . ASN C 3 42 ? -11.774 4.184   -14.907 1.00 43.63 ? 271 ASN A C     1 
ATOM   957  O  O     . ASN C 3 42 ? -12.628 3.346   -14.623 1.00 46.16 ? 271 ASN A O     1 
ATOM   958  C  CB    . ASN C 3 42 ? -12.843 4.282   -17.170 1.00 40.42 ? 271 ASN A CB    1 
ATOM   959  C  CG    . ASN C 3 42 ? -12.868 4.947   -18.543 1.00 44.68 ? 271 ASN A CG    1 
ATOM   960  O  OD1   . ASN C 3 42 ? -11.966 4.744   -19.364 1.00 43.55 ? 271 ASN A OD1   1 
ATOM   961  N  ND2   . ASN C 3 42 ? -13.894 5.758   -18.791 1.00 37.69 ? 271 ASN A ND2   1 
ATOM   962  N  N     . LYS C 3 43 ? -10.770 4.505   -14.101 1.00 42.58 ? 272 LYS A N     1 
ATOM   963  C  CA    . LYS C 3 43 ? -10.611 3.916   -12.780 1.00 40.84 ? 272 LYS A CA    1 
ATOM   964  C  C     . LYS C 3 43 ? -10.665 2.398   -12.733 1.00 43.46 ? 272 LYS A C     1 
ATOM   965  O  O     . LYS C 3 43 ? -11.239 1.835   -11.799 1.00 44.23 ? 272 LYS A O     1 
ATOM   966  C  CB    . LYS C 3 43 ? -11.682 4.469   -11.841 1.00 38.35 ? 272 LYS A CB    1 
ATOM   967  C  CG    . LYS C 3 43 ? -11.697 5.980   -11.765 1.00 37.09 ? 272 LYS A CG    1 
ATOM   968  C  CD    . LYS C 3 43 ? -12.733 6.483   -10.775 1.00 32.68 ? 272 LYS A CD    1 
ATOM   969  C  CE    . LYS C 3 43 ? -12.631 7.993   -10.654 1.00 37.17 ? 272 LYS A CE    1 
ATOM   970  N  NZ    . LYS C 3 43 ? -11.203 8.407   -10.405 1.00 39.92 ? 272 LYS A NZ    1 
ATOM   971  N  N     . ASP C 3 44 ? -10.084 1.725   -13.720 1.00 41.80 ? 273 ASP A N     1 
ATOM   972  C  CA    . ASP C 3 44 ? -10.105 0.271   -13.693 1.00 37.89 ? 273 ASP A CA    1 
ATOM   973  C  C     . ASP C 3 44 ? -8.926  -0.329  -14.425 1.00 35.52 ? 273 ASP A C     1 
ATOM   974  O  O     . ASP C 3 44 ? -8.972  -1.462  -14.906 1.00 32.92 ? 273 ASP A O     1 
ATOM   975  C  CB    . ASP C 3 44 ? -11.413 -0.255  -14.273 1.00 40.26 ? 273 ASP A CB    1 
ATOM   976  C  CG    . ASP C 3 44 ? -11.619 -1.726  -13.986 1.00 45.50 ? 273 ASP A CG    1 
ATOM   977  O  OD1   . ASP C 3 44 ? -11.422 -2.145  -12.821 1.00 51.97 ? 273 ASP A OD1   1 
ATOM   978  O  OD2   . ASP C 3 44 ? -11.985 -2.463  -14.921 1.00 46.53 ? 273 ASP A OD2   1 
ATOM   979  N  N     . CYS C 3 45 ? -7.858  0.449   -14.487 1.00 35.45 ? 274 CYS A N     1 
ATOM   980  C  CA    . CYS C 3 45 ? -6.632  0.034   -15.137 1.00 35.08 ? 274 CYS A CA    1 
ATOM   981  C  C     . CYS C 3 45 ? -6.126  -1.292  -14.578 1.00 35.61 ? 274 CYS A C     1 
ATOM   982  O  O     . CYS C 3 45 ? -6.425  -1.654  -13.443 1.00 33.81 ? 274 CYS A O     1 
ATOM   983  C  CB    . CYS C 3 45 ? -5.588  1.116   -14.942 1.00 34.89 ? 274 CYS A CB    1 
ATOM   984  S  SG    . CYS C 3 45 ? -6.153  2.658   -15.613 1.00 39.53 ? 274 CYS A SG    1 
ATOM   985  N  N     . PRO C 3 46 ? -5.344  -2.031  -15.376 1.00 36.40 ? 275 PRO A N     1 
ATOM   986  C  CA    . PRO C 3 46 ? -4.817  -3.318  -14.924 1.00 35.69 ? 275 PRO A CA    1 
ATOM   987  C  C     . PRO C 3 46 ? -3.741  -3.174  -13.850 1.00 34.91 ? 275 PRO A C     1 
ATOM   988  O  O     . PRO C 3 46 ? -2.721  -2.513  -14.051 1.00 34.15 ? 275 PRO A O     1 
ATOM   989  C  CB    . PRO C 3 46 ? -4.272  -3.936  -16.208 1.00 32.71 ? 275 PRO A CB    1 
ATOM   990  C  CG    . PRO C 3 46 ? -5.073  -3.271  -17.269 1.00 35.30 ? 275 PRO A CG    1 
ATOM   991  C  CD    . PRO C 3 46 ? -5.072  -1.847  -16.804 1.00 31.00 ? 275 PRO A CD    1 
ATOM   992  N  N     . VAL C 3 47 ? -3.981  -3.805  -12.705 1.00 36.24 ? 276 VAL A N     1 
ATOM   993  C  CA    . VAL C 3 47 ? -3.035  -3.762  -11.607 1.00 32.98 ? 276 VAL A CA    1 
ATOM   994  C  C     . VAL C 3 47 ? -2.397  -5.127  -11.399 1.00 33.75 ? 276 VAL A C     1 
ATOM   995  O  O     . VAL C 3 47 ? -2.946  -6.008  -10.750 1.00 33.25 ? 276 VAL A O     1 
ATOM   996  C  CB    . VAL C 3 47 ? -3.713  -3.331  -10.315 1.00 27.81 ? 276 VAL A CB    1 
ATOM   997  C  CG1   . VAL C 3 47 ? -2.708  -3.335  -9.203  1.00 28.13 ? 276 VAL A CG1   1 
ATOM   998  C  CG2   . VAL C 3 47 ? -4.312  -1.953  -10.484 1.00 23.24 ? 276 VAL A CG2   1 
ATOM   999  N  N     . ASP C 3 48 ? -1.221  -5.295  -11.968 1.00 37.60 ? 277 ASP A N     1 
ATOM   1000 C  CA    . ASP C 3 48 ? -0.506  -6.543  -11.839 1.00 38.72 ? 277 ASP A CA    1 
ATOM   1001 C  C     . ASP C 3 48 ? 0.945   -6.150  -11.679 1.00 37.13 ? 277 ASP A C     1 
ATOM   1002 O  O     . ASP C 3 48 ? 1.278   -4.967  -11.755 1.00 37.28 ? 277 ASP A O     1 
ATOM   1003 C  CB    . ASP C 3 48 ? -0.691  -7.368  -13.101 1.00 45.27 ? 277 ASP A CB    1 
ATOM   1004 C  CG    . ASP C 3 48 ? -0.173  -6.655  -14.328 1.00 50.09 ? 277 ASP A CG    1 
ATOM   1005 O  OD1   . ASP C 3 48 ? 0.919   -7.019  -14.820 1.00 54.47 ? 277 ASP A OD1   1 
ATOM   1006 O  OD2   . ASP C 3 48 ? -0.851  -5.713  -14.787 1.00 55.46 ? 277 ASP A OD2   1 
ATOM   1007 N  N     . LYS C 3 49 ? 1.804   -7.137  -11.474 1.00 34.49 ? 278 LYS A N     1 
ATOM   1008 C  CA    . LYS C 3 49 ? 3.220   -6.877  -11.302 1.00 35.30 ? 278 LYS A CA    1 
ATOM   1009 C  C     . LYS C 3 49 ? 3.884   -6.097  -12.437 1.00 35.99 ? 278 LYS A C     1 
ATOM   1010 O  O     . LYS C 3 49 ? 4.858   -5.383  -12.198 1.00 38.60 ? 278 LYS A O     1 
ATOM   1011 C  CB    . LYS C 3 49 ? 3.956   -8.200  -11.078 1.00 35.05 ? 278 LYS A CB    1 
ATOM   1012 C  CG    . LYS C 3 49 ? 5.479   -8.104  -11.018 1.00 34.07 ? 278 LYS A CG    1 
ATOM   1013 C  CD    . LYS C 3 49 ? 6.066   -9.417  -10.509 1.00 32.53 ? 278 LYS A CD    1 
ATOM   1014 C  CE    . LYS C 3 49 ? 7.551   -9.537  -10.788 1.00 34.11 ? 278 LYS A CE    1 
ATOM   1015 N  NZ    . LYS C 3 49 ? 8.343   -8.447  -10.175 1.00 40.81 ? 278 LYS A NZ    1 
ATOM   1016 N  N     . ARG C 3 50 ? 3.360   -6.201  -13.656 1.00 36.08 ? 279 ARG A N     1 
ATOM   1017 C  CA    . ARG C 3 50 ? 3.978   -5.523  -14.796 1.00 38.49 ? 279 ARG A CA    1 
ATOM   1018 C  C     . ARG C 3 50 ? 3.441   -4.140  -15.130 1.00 41.24 ? 279 ARG A C     1 
ATOM   1019 O  O     . ARG C 3 50 ? 4.175   -3.283  -15.621 1.00 42.85 ? 279 ARG A O     1 
ATOM   1020 C  CB    . ARG C 3 50 ? 3.882   -6.407  -16.041 1.00 41.03 ? 279 ARG A CB    1 
ATOM   1021 C  CG    . ARG C 3 50 ? 4.962   -6.127  -17.081 1.00 50.57 ? 279 ARG A CG    1 
ATOM   1022 C  CD    . ARG C 3 50 ? 4.746   -6.906  -18.387 1.00 52.86 ? 279 ARG A CD    1 
ATOM   1023 N  NE    . ARG C 3 50 ? 3.507   -6.508  -19.055 1.00 55.68 ? 279 ARG A NE    1 
ATOM   1024 C  CZ    . ARG C 3 50 ? 2.357   -7.169  -18.969 1.00 55.13 ? 279 ARG A CZ    1 
ATOM   1025 N  NH1   . ARG C 3 50 ? 2.276   -8.281  -18.250 1.00 52.76 ? 279 ARG A NH1   1 
ATOM   1026 N  NH2   . ARG C 3 50 ? 1.277   -6.701  -19.586 1.00 53.28 ? 279 ARG A NH2   1 
ATOM   1027 N  N     . ARG C 3 51 ? 2.162   -3.913  -14.869 1.00 44.22 ? 280 ARG A N     1 
ATOM   1028 C  CA    . ARG C 3 51 ? 1.554   -2.623  -15.175 1.00 44.94 ? 280 ARG A CA    1 
ATOM   1029 C  C     . ARG C 3 51 ? 1.064   -1.878  -13.938 1.00 44.94 ? 280 ARG A C     1 
ATOM   1030 O  O     . ARG C 3 51 ? 0.168   -1.040  -14.043 1.00 45.64 ? 280 ARG A O     1 
ATOM   1031 C  CB    . ARG C 3 51 ? 0.378   -2.826  -16.132 1.00 44.98 ? 280 ARG A CB    1 
ATOM   1032 C  CG    . ARG C 3 51 ? 0.769   -3.429  -17.461 1.00 46.22 ? 280 ARG A CG    1 
ATOM   1033 C  CD    . ARG C 3 51 ? -0.429  -4.022  -18.176 1.00 47.74 ? 280 ARG A CD    1 
ATOM   1034 N  NE    . ARG C 3 51 ? -1.068  -5.059  -17.375 1.00 45.30 ? 280 ARG A NE    1 
ATOM   1035 C  CZ    . ARG C 3 51 ? -1.988  -5.902  -17.829 1.00 45.67 ? 280 ARG A CZ    1 
ATOM   1036 N  NH1   . ARG C 3 51 ? -2.387  -5.844  -19.091 1.00 45.43 ? 280 ARG A NH1   1 
ATOM   1037 N  NH2   . ARG C 3 51 ? -2.511  -6.808  -17.016 1.00 49.85 ? 280 ARG A NH2   1 
ATOM   1038 N  N     . ARG C 3 52 ? 1.644   -2.172  -12.776 1.00 44.10 ? 281 ARG A N     1 
ATOM   1039 C  CA    . ARG C 3 52 ? 1.223   -1.512  -11.540 1.00 41.17 ? 281 ARG A CA    1 
ATOM   1040 C  C     . ARG C 3 52 ? 1.657   -0.057  -11.455 1.00 39.97 ? 281 ARG A C     1 
ATOM   1041 O  O     . ARG C 3 52 ? 1.061   0.718   -10.715 1.00 41.50 ? 281 ARG A O     1 
ATOM   1042 C  CB    . ARG C 3 52 ? 1.727   -2.281  -10.313 1.00 36.67 ? 281 ARG A CB    1 
ATOM   1043 C  CG    . ARG C 3 52 ? 3.242   -2.322  -10.130 1.00 32.23 ? 281 ARG A CG    1 
ATOM   1044 C  CD    . ARG C 3 52 ? 3.647   -3.513  -9.259  1.00 25.49 ? 281 ARG A CD    1 
ATOM   1045 N  NE    . ARG C 3 52 ? 4.994   -3.369  -8.721  1.00 26.33 ? 281 ARG A NE    1 
ATOM   1046 C  CZ    . ARG C 3 52 ? 5.659   -4.332  -8.083  1.00 28.63 ? 281 ARG A CZ    1 
ATOM   1047 N  NH1   . ARG C 3 52 ? 5.110   -5.532  -7.906  1.00 21.90 ? 281 ARG A NH1   1 
ATOM   1048 N  NH2   . ARG C 3 52 ? 6.868   -4.081  -7.596  1.00 23.65 ? 281 ARG A NH2   1 
ATOM   1049 N  N     . ASN C 3 53 ? 2.672   0.316   -12.227 1.00 38.75 ? 282 ASN A N     1 
ATOM   1050 C  CA    . ASN C 3 53 ? 3.174   1.684   -12.220 1.00 41.60 ? 282 ASN A CA    1 
ATOM   1051 C  C     . ASN C 3 53 ? 2.602   2.567   -13.329 1.00 43.40 ? 282 ASN A C     1 
ATOM   1052 O  O     . ASN C 3 53 ? 2.825   3.776   -13.338 1.00 43.63 ? 282 ASN A O     1 
ATOM   1053 C  CB    . ASN C 3 53 ? 4.694   1.674   -12.314 1.00 39.22 ? 282 ASN A CB    1 
ATOM   1054 C  CG    . ASN C 3 53 ? 5.327   0.933   -11.173 1.00 43.35 ? 282 ASN A CG    1 
ATOM   1055 O  OD1   . ASN C 3 53 ? 5.603   1.502   -10.123 1.00 48.07 ? 282 ASN A OD1   1 
ATOM   1056 N  ND2   . ASN C 3 53 ? 5.543   -0.355  -11.359 1.00 49.28 ? 282 ASN A ND2   1 
ATOM   1057 N  N     . ARG C 3 54 ? 1.869   1.976   -14.264 1.00 44.02 ? 283 ARG A N     1 
ATOM   1058 C  CA    . ARG C 3 54 ? 1.296   2.761   -15.347 1.00 47.49 ? 283 ARG A CA    1 
ATOM   1059 C  C     . ARG C 3 54 ? 0.273   3.757   -14.810 1.00 45.66 ? 283 ARG A C     1 
ATOM   1060 O  O     . ARG C 3 54 ? 0.162   4.869   -15.321 1.00 48.10 ? 283 ARG A O     1 
ATOM   1061 C  CB    . ARG C 3 54 ? 0.659   1.850   -16.404 1.00 52.71 ? 283 ARG A CB    1 
ATOM   1062 C  CG    . ARG C 3 54 ? 1.681   1.076   -17.243 1.00 59.86 ? 283 ARG A CG    1 
ATOM   1063 C  CD    . ARG C 3 54 ? 1.044   0.360   -18.435 1.00 65.61 ? 283 ARG A CD    1 
ATOM   1064 N  NE    . ARG C 3 54 ? 0.357   1.277   -19.349 1.00 75.32 ? 283 ARG A NE    1 
ATOM   1065 C  CZ    . ARG C 3 54 ? 0.938   2.290   -19.996 1.00 75.37 ? 283 ARG A CZ    1 
ATOM   1066 N  NH1   . ARG C 3 54 ? 2.233   2.535   -19.843 1.00 75.02 ? 283 ARG A NH1   1 
ATOM   1067 N  NH2   . ARG C 3 54 ? 0.219   3.061   -20.801 1.00 74.15 ? 283 ARG A NH2   1 
ATOM   1068 N  N     . CYS C 3 55 ? -0.468  3.358   -13.779 1.00 44.53 ? 284 CYS A N     1 
ATOM   1069 C  CA    . CYS C 3 55 ? -1.463  4.232   -13.155 1.00 40.35 ? 284 CYS A CA    1 
ATOM   1070 C  C     . CYS C 3 55 ? -1.422  4.143   -11.636 1.00 39.90 ? 284 CYS A C     1 
ATOM   1071 O  O     . CYS C 3 55 ? -1.528  3.054   -11.067 1.00 43.44 ? 284 CYS A O     1 
ATOM   1072 C  CB    . CYS C 3 55 ? -2.872  3.884   -13.601 1.00 36.22 ? 284 CYS A CB    1 
ATOM   1073 S  SG    . CYS C 3 55 ? -4.049  4.768   -12.590 1.00 44.21 ? 284 CYS A SG    1 
ATOM   1074 N  N     . GLN C 3 56 ? -1.296  5.290   -10.975 1.00 37.44 ? 285 GLN A N     1 
ATOM   1075 C  CA    . GLN C 3 56 ? -1.224  5.310   -9.519  1.00 31.84 ? 285 GLN A CA    1 
ATOM   1076 C  C     . GLN C 3 56 ? -2.577  5.156   -8.863  1.00 28.76 ? 285 GLN A C     1 
ATOM   1077 O  O     . GLN C 3 56 ? -2.799  4.222   -8.098  1.00 32.64 ? 285 GLN A O     1 
ATOM   1078 C  CB    . GLN C 3 56 ? -0.535  6.592   -9.051  1.00 24.77 ? 285 GLN A CB    1 
ATOM   1079 C  CG    . GLN C 3 56 ? 0.910   6.608   -9.458  1.00 20.14 ? 285 GLN A CG    1 
ATOM   1080 C  CD    . GLN C 3 56 ? 1.617   7.876   -9.056  1.00 28.33 ? 285 GLN A CD    1 
ATOM   1081 O  OE1   . GLN C 3 56 ? 2.627   7.840   -8.348  1.00 26.53 ? 285 GLN A OE1   1 
ATOM   1082 N  NE2   . GLN C 3 56 ? 1.100   9.015   -9.513  1.00 33.32 ? 285 GLN A NE2   1 
ATOM   1083 N  N     . PHE C 3 57 ? -3.479  6.074   -9.161  1.00 24.19 ? 286 PHE A N     1 
ATOM   1084 C  CA    . PHE C 3 57 ? -4.824  6.036   -8.612  1.00 24.47 ? 286 PHE A CA    1 
ATOM   1085 C  C     . PHE C 3 57 ? -5.323  4.599   -8.474  1.00 27.15 ? 286 PHE A C     1 
ATOM   1086 O  O     . PHE C 3 57 ? -5.655  4.139   -7.378  1.00 28.61 ? 286 PHE A O     1 
ATOM   1087 C  CB    . PHE C 3 57 ? -5.767  6.817   -9.531  1.00 24.64 ? 286 PHE A CB    1 
ATOM   1088 C  CG    . PHE C 3 57 ? -7.212  6.723   -9.147  1.00 25.42 ? 286 PHE A CG    1 
ATOM   1089 C  CD1   . PHE C 3 57 ? -7.826  7.753   -8.437  1.00 29.76 ? 286 PHE A CD1   1 
ATOM   1090 C  CD2   . PHE C 3 57 ? -7.967  5.607   -9.497  1.00 24.67 ? 286 PHE A CD2   1 
ATOM   1091 C  CE1   . PHE C 3 57 ? -9.168  7.672   -8.082  1.00 24.52 ? 286 PHE A CE1   1 
ATOM   1092 C  CE2   . PHE C 3 57 ? -9.307  5.517   -9.145  1.00 25.99 ? 286 PHE A CE2   1 
ATOM   1093 C  CZ    . PHE C 3 57 ? -9.908  6.553   -8.437  1.00 25.15 ? 286 PHE A CZ    1 
ATOM   1094 N  N     . CYS C 3 58 ? -5.362  3.889   -9.593  1.00 27.55 ? 287 CYS A N     1 
ATOM   1095 C  CA    . CYS C 3 58 ? -5.845  2.520   -9.609  1.00 31.15 ? 287 CYS A CA    1 
ATOM   1096 C  C     . CYS C 3 58 ? -5.111  1.570   -8.672  1.00 32.71 ? 287 CYS A C     1 
ATOM   1097 O  O     . CYS C 3 58 ? -5.717  0.656   -8.100  1.00 28.93 ? 287 CYS A O     1 
ATOM   1098 C  CB    . CYS C 3 58 ? -5.814  1.979   -11.037 1.00 32.56 ? 287 CYS A CB    1 
ATOM   1099 S  SG    . CYS C 3 58 ? -7.269  2.440   -12.000 1.00 35.60 ? 287 CYS A SG    1 
ATOM   1100 N  N     . ARG C 3 59 ? -3.809  1.785   -8.517  1.00 32.78 ? 288 ARG A N     1 
ATOM   1101 C  CA    . ARG C 3 59 ? -3.006  0.934   -7.648  1.00 29.98 ? 288 ARG A CA    1 
ATOM   1102 C  C     . ARG C 3 59 ? -3.382  1.216   -6.204  1.00 25.81 ? 288 ARG A C     1 
ATOM   1103 O  O     . ARG C 3 59 ? -3.473  0.305   -5.384  1.00 27.20 ? 288 ARG A O     1 
ATOM   1104 C  CB    . ARG C 3 59 ? -1.513  1.205   -7.873  1.00 33.36 ? 288 ARG A CB    1 
ATOM   1105 C  CG    . ARG C 3 59 ? -0.577  0.297   -7.078  1.00 32.97 ? 288 ARG A CG    1 
ATOM   1106 C  CD    . ARG C 3 59 ? 0.888   0.580   -7.406  1.00 24.31 ? 288 ARG A CD    1 
ATOM   1107 N  NE    . ARG C 3 59 ? 1.784   -0.373  -6.759  1.00 22.49 ? 288 ARG A NE    1 
ATOM   1108 C  CZ    . ARG C 3 59 ? 3.098   -0.396  -6.949  1.00 25.46 ? 288 ARG A CZ    1 
ATOM   1109 N  NH1   . ARG C 3 59 ? 3.644   0.487   -7.768  1.00 31.46 ? 288 ARG A NH1   1 
ATOM   1110 N  NH2   . ARG C 3 59 ? 3.866   -1.288  -6.330  1.00 20.01 ? 288 ARG A NH2   1 
ATOM   1111 N  N     . PHE C 3 60 ? -3.609  2.482   -5.884  1.00 21.81 ? 289 PHE A N     1 
ATOM   1112 C  CA    . PHE C 3 60 ? -3.985  2.811   -4.519  1.00 27.23 ? 289 PHE A CA    1 
ATOM   1113 C  C     . PHE C 3 60 ? -5.416  2.330   -4.278  1.00 27.04 ? 289 PHE A C     1 
ATOM   1114 O  O     . PHE C 3 60 ? -5.739  1.807   -3.215  1.00 24.07 ? 289 PHE A O     1 
ATOM   1115 C  CB    . PHE C 3 60 ? -3.881  4.320   -4.282  1.00 25.96 ? 289 PHE A CB    1 
ATOM   1116 C  CG    . PHE C 3 60 ? -3.975  4.713   -2.837  1.00 23.72 ? 289 PHE A CG    1 
ATOM   1117 C  CD1   . PHE C 3 60 ? -3.331  3.965   -1.857  1.00 25.57 ? 289 PHE A CD1   1 
ATOM   1118 C  CD2   . PHE C 3 60 ? -4.645  5.868   -2.459  1.00 25.81 ? 289 PHE A CD2   1 
ATOM   1119 C  CE1   . PHE C 3 60 ? -3.352  4.366   -0.524  1.00 21.48 ? 289 PHE A CE1   1 
ATOM   1120 C  CE2   . PHE C 3 60 ? -4.666  6.275   -1.125  1.00 24.83 ? 289 PHE A CE2   1 
ATOM   1121 C  CZ    . PHE C 3 60 ? -4.013  5.516   -0.160  1.00 20.17 ? 289 PHE A CZ    1 
ATOM   1122 N  N     . GLN C 3 61 ? -6.265  2.502   -5.283  1.00 27.42 ? 290 GLN A N     1 
ATOM   1123 C  CA    . GLN C 3 61 ? -7.645  2.068   -5.182  1.00 25.70 ? 290 GLN A CA    1 
ATOM   1124 C  C     . GLN C 3 61 ? -7.700  0.604   -4.766  1.00 24.64 ? 290 GLN A C     1 
ATOM   1125 O  O     . GLN C 3 61 ? -8.449  0.226   -3.866  1.00 26.19 ? 290 GLN A O     1 
ATOM   1126 C  CB    . GLN C 3 61 ? -8.349  2.241   -6.524  1.00 24.09 ? 290 GLN A CB    1 
ATOM   1127 C  CG    . GLN C 3 61 ? -9.801  1.840   -6.476  1.00 31.06 ? 290 GLN A CG    1 
ATOM   1128 C  CD    . GLN C 3 61 ? -10.547 2.167   -7.743  1.00 33.35 ? 290 GLN A CD    1 
ATOM   1129 O  OE1   . GLN C 3 61 ? -10.206 1.675   -8.818  1.00 39.28 ? 290 GLN A OE1   1 
ATOM   1130 N  NE2   . GLN C 3 61 ? -11.578 3.004   -7.627  1.00 28.14 ? 290 GLN A NE2   1 
ATOM   1131 N  N     . LYS C 3 62 ? -6.896  -0.225  -5.414  1.00 24.03 ? 291 LYS A N     1 
ATOM   1132 C  CA    . LYS C 3 62 ? -6.901  -1.642  -5.090  1.00 28.35 ? 291 LYS A CA    1 
ATOM   1133 C  C     . LYS C 3 62 ? -6.321  -1.845  -3.701  1.00 27.30 ? 291 LYS A C     1 
ATOM   1134 O  O     . LYS C 3 62 ? -6.821  -2.671  -2.937  1.00 26.33 ? 291 LYS A O     1 
ATOM   1135 C  CB    . LYS C 3 62 ? -6.089  -2.445  -6.119  1.00 33.14 ? 291 LYS A CB    1 
ATOM   1136 C  CG    . LYS C 3 62 ? -6.493  -3.921  -6.210  1.00 35.41 ? 291 LYS A CG    1 
ATOM   1137 C  CD    . LYS C 3 62 ? -5.409  -4.767  -6.891  1.00 41.42 ? 291 LYS A CD    1 
ATOM   1138 C  CE    . LYS C 3 62 ? -5.993  -5.818  -7.858  1.00 41.12 ? 291 LYS A CE    1 
ATOM   1139 N  NZ    . LYS C 3 62 ? -7.062  -6.665  -7.249  1.00 41.91 ? 291 LYS A NZ    1 
ATOM   1140 N  N     . CYS C 3 63 ? -5.262  -1.098  -3.384  1.00 24.60 ? 292 CYS A N     1 
ATOM   1141 C  CA    . CYS C 3 63 ? -4.628  -1.202  -2.072  1.00 19.31 ? 292 CYS A CA    1 
ATOM   1142 C  C     . CYS C 3 63 ? -5.710  -1.142  -1.008  1.00 19.50 ? 292 CYS A C     1 
ATOM   1143 O  O     . CYS C 3 63 ? -5.691  -1.905  -0.041  1.00 19.49 ? 292 CYS A O     1 
ATOM   1144 C  CB    . CYS C 3 63 ? -3.638  -0.057  -1.850  1.00 22.38 ? 292 CYS A CB    1 
ATOM   1145 S  SG    . CYS C 3 63 ? -2.016  -0.210  -2.688  1.00 22.90 ? 292 CYS A SG    1 
ATOM   1146 N  N     . LEU C 3 64 ? -6.664  -0.238  -1.196  1.00 18.34 ? 293 LEU A N     1 
ATOM   1147 C  CA    . LEU C 3 64 ? -7.754  -0.087  -0.246  1.00 23.09 ? 293 LEU A CA    1 
ATOM   1148 C  C     . LEU C 3 64 ? -8.770  -1.213  -0.412  1.00 26.06 ? 293 LEU A C     1 
ATOM   1149 O  O     . LEU C 3 64 ? -9.277  -1.763  0.571   1.00 26.65 ? 293 LEU A O     1 
ATOM   1150 C  CB    . LEU C 3 64 ? -8.433  1.269   -0.435  1.00 15.45 ? 293 LEU A CB    1 
ATOM   1151 C  CG    . LEU C 3 64 ? -7.490  2.465   -0.256  1.00 19.81 ? 293 LEU A CG    1 
ATOM   1152 C  CD1   . LEU C 3 64 ? -8.254  3.790   -0.389  1.00 10.41 ? 293 LEU A CD1   1 
ATOM   1153 C  CD2   . LEU C 3 64 ? -6.824  2.377   1.106   1.00 16.43 ? 293 LEU A CD2   1 
ATOM   1154 N  N     . ALA C 3 65 ? -9.058  -1.563  -1.659  1.00 25.51 ? 294 ALA A N     1 
ATOM   1155 C  CA    . ALA C 3 65 ? -10.013 -2.620  -1.932  1.00 20.75 ? 294 ALA A CA    1 
ATOM   1156 C  C     . ALA C 3 65 ? -9.643  -3.874  -1.149  1.00 21.39 ? 294 ALA A C     1 
ATOM   1157 O  O     . ALA C 3 65 ? -10.496 -4.477  -0.502  1.00 21.89 ? 294 ALA A O     1 
ATOM   1158 C  CB    . ALA C 3 65 ? -10.053 -2.912  -3.418  1.00 17.78 ? 294 ALA A CB    1 
ATOM   1159 N  N     . VAL C 3 66 ? -8.374  -4.266  -1.203  1.00 22.70 ? 295 VAL A N     1 
ATOM   1160 C  CA    . VAL C 3 66 ? -7.939  -5.450  -0.476  1.00 21.05 ? 295 VAL A CA    1 
ATOM   1161 C  C     . VAL C 3 66 ? -7.729  -5.138  0.996   1.00 22.30 ? 295 VAL A C     1 
ATOM   1162 O  O     . VAL C 3 66 ? -7.223  -5.964  1.736   1.00 24.28 ? 295 VAL A O     1 
ATOM   1163 C  CB    . VAL C 3 66 ? -6.648  -6.041  -1.057  1.00 21.79 ? 295 VAL A CB    1 
ATOM   1164 C  CG1   . VAL C 3 66 ? -6.859  -6.408  -2.527  1.00 16.58 ? 295 VAL A CG1   1 
ATOM   1165 C  CG2   . VAL C 3 66 ? -5.510  -5.058  -0.896  1.00 25.07 ? 295 VAL A CG2   1 
ATOM   1166 N  N     . GLY C 3 67 ? -8.107  -3.928  1.405   1.00 23.98 ? 296 GLY A N     1 
ATOM   1167 C  CA    . GLY C 3 67 ? -8.020  -3.532  2.805   1.00 24.00 ? 296 GLY A CA    1 
ATOM   1168 C  C     . GLY C 3 67 ? -6.720  -3.132  3.482   1.00 24.31 ? 296 GLY A C     1 
ATOM   1169 O  O     . GLY C 3 67 ? -6.447  -3.568  4.592   1.00 25.88 ? 296 GLY A O     1 
ATOM   1170 N  N     . MET C 3 68 ? -5.909  -2.303  2.845   1.00 25.02 ? 297 MET A N     1 
ATOM   1171 C  CA    . MET C 3 68 ? -4.678  -1.882  3.493   1.00 25.29 ? 297 MET A CA    1 
ATOM   1172 C  C     . MET C 3 68 ? -5.085  -0.758  4.448   1.00 24.57 ? 297 MET A C     1 
ATOM   1173 O  O     . MET C 3 68 ? -5.798  0.155   4.047   1.00 24.39 ? 297 MET A O     1 
ATOM   1174 C  CB    . MET C 3 68 ? -3.666  -1.387  2.447   1.00 23.16 ? 297 MET A CB    1 
ATOM   1175 C  CG    . MET C 3 68 ? -3.206  -2.480  1.497   1.00 21.53 ? 297 MET A CG    1 
ATOM   1176 S  SD    . MET C 3 68 ? -1.686  -2.073  0.604   1.00 27.01 ? 297 MET A SD    1 
ATOM   1177 C  CE    . MET C 3 68 ? -0.472  -2.433  1.829   1.00 19.49 ? 297 MET A CE    1 
ATOM   1178 N  N     . VAL C 3 69 ? -4.651  -0.816  5.704   1.00 26.12 ? 298 VAL A N     1 
ATOM   1179 C  CA    . VAL C 3 69 ? -5.046  0.222   6.663   1.00 27.52 ? 298 VAL A CA    1 
ATOM   1180 C  C     . VAL C 3 69 ? -4.147  1.456   6.679   1.00 30.18 ? 298 VAL A C     1 
ATOM   1181 O  O     . VAL C 3 69 ? -2.975  1.386   7.076   1.00 27.87 ? 298 VAL A O     1 
ATOM   1182 C  CB    . VAL C 3 69 ? -5.137  -0.331  8.123   1.00 25.15 ? 298 VAL A CB    1 
ATOM   1183 C  CG1   . VAL C 3 69 ? -5.511  0.790   9.084   1.00 19.03 ? 298 VAL A CG1   1 
ATOM   1184 C  CG2   . VAL C 3 69 ? -6.169  -1.432  8.206   1.00 16.22 ? 298 VAL A CG2   1 
ATOM   1185 N  N     . LYS C 3 70 ? -4.733  2.583   6.271   1.00 29.13 ? 299 LYS A N     1 
ATOM   1186 C  CA    . LYS C 3 70 ? -4.051  3.866   6.217   1.00 30.49 ? 299 LYS A CA    1 
ATOM   1187 C  C     . LYS C 3 70 ? -3.625  4.308   7.614   1.00 34.37 ? 299 LYS A C     1 
ATOM   1188 O  O     . LYS C 3 70 ? -2.666  5.058   7.772   1.00 37.47 ? 299 LYS A O     1 
ATOM   1189 C  CB    . LYS C 3 70 ? -4.976  4.933   5.615   1.00 28.47 ? 299 LYS A CB    1 
ATOM   1190 C  CG    . LYS C 3 70 ? -5.528  4.591   4.240   1.00 27.58 ? 299 LYS A CG    1 
ATOM   1191 C  CD    . LYS C 3 70 ? -5.957  5.831   3.428   1.00 25.90 ? 299 LYS A CD    1 
ATOM   1192 C  CE    . LYS C 3 70 ? -7.217  6.488   3.951   1.00 27.75 ? 299 LYS A CE    1 
ATOM   1193 N  NZ    . LYS C 3 70 ? -7.854  7.373   2.931   1.00 26.96 ? 299 LYS A NZ    1 
ATOM   1194 N  N     . GLU C 3 71 ? -4.347  3.831   8.620   1.00 36.87 ? 300 GLU A N     1 
ATOM   1195 C  CA    . GLU C 3 71 ? -4.087  4.175   10.010  1.00 36.55 ? 300 GLU A CA    1 
ATOM   1196 C  C     . GLU C 3 71 ? -2.805  3.536   10.526  1.00 35.71 ? 300 GLU A C     1 
ATOM   1197 O  O     . GLU C 3 71 ? -2.188  4.033   11.470  1.00 36.51 ? 300 GLU A O     1 
ATOM   1198 C  CB    . GLU C 3 71 ? -5.277  3.735   10.862  1.00 39.17 ? 300 GLU A CB    1 
ATOM   1199 C  CG    . GLU C 3 71 ? -6.613  4.293   10.361  1.00 48.75 ? 300 GLU A CG    1 
ATOM   1200 C  CD    . GLU C 3 71 ? -7.750  3.268   10.360  1.00 55.16 ? 300 GLU A CD    1 
ATOM   1201 O  OE1   . GLU C 3 71 ? -8.094  2.741   11.443  1.00 57.05 ? 300 GLU A OE1   1 
ATOM   1202 O  OE2   . GLU C 3 71 ? -8.304  2.995   9.270   1.00 53.09 ? 300 GLU A OE2   1 
ATOM   1203 N  N     . VAL C 3 72 ? -2.394  2.443   9.895   1.00 31.34 ? 301 VAL A N     1 
ATOM   1204 C  CA    . VAL C 3 72 ? -1.189  1.741   10.326  1.00 27.64 ? 301 VAL A CA    1 
ATOM   1205 C  C     . VAL C 3 72 ? 0.091   2.463   9.900   1.00 26.80 ? 301 VAL A C     1 
ATOM   1206 O  O     . VAL C 3 72 ? 1.184   2.126   10.354  1.00 26.32 ? 301 VAL A O     1 
ATOM   1207 C  CB    . VAL C 3 72 ? -1.177  0.294   9.777   1.00 27.17 ? 301 VAL A CB    1 
ATOM   1208 C  CG1   . VAL C 3 72 ? 0.029   -0.465  10.303  1.00 24.06 ? 301 VAL A CG1   1 
ATOM   1209 C  CG2   . VAL C 3 72 ? -2.447  -0.408  10.173  1.00 25.08 ? 301 VAL A CG2   1 
ATOM   1210 N  N     . VAL C 3 73 ? -0.041  3.451   9.023   1.00 22.38 ? 302 VAL A N     1 
ATOM   1211 C  CA    . VAL C 3 73 ? 1.124   4.207   8.574   1.00 20.09 ? 302 VAL A CA    1 
ATOM   1212 C  C     . VAL C 3 73 ? 1.437   5.218   9.666   1.00 18.01 ? 302 VAL A C     1 
ATOM   1213 O  O     . VAL C 3 73 ? 0.753   6.222   9.796   1.00 18.59 ? 302 VAL A O     1 
ATOM   1214 C  CB    . VAL C 3 73 ? 0.852   4.966   7.232   1.00 17.84 ? 302 VAL A CB    1 
ATOM   1215 C  CG1   . VAL C 3 73 ? 2.057   5.787   6.851   1.00 13.77 ? 302 VAL A CG1   1 
ATOM   1216 C  CG2   . VAL C 3 73 ? 0.542   3.986   6.121   1.00 10.06 ? 302 VAL A CG2   1 
ATOM   1217 N  N     . ARG C 3 74 ? 2.458   4.940   10.462  1.00 15.11 ? 303 ARG A N     1 
ATOM   1218 C  CA    . ARG C 3 74 ? 2.823   5.830   11.542  1.00 19.71 ? 303 ARG A CA    1 
ATOM   1219 C  C     . ARG C 3 74 ? 2.878   7.290   11.138  1.00 24.90 ? 303 ARG A C     1 
ATOM   1220 O  O     . ARG C 3 74 ? 3.259   7.624   10.024  1.00 26.91 ? 303 ARG A O     1 
ATOM   1221 C  CB    . ARG C 3 74 ? 4.152   5.391   12.146  1.00 19.59 ? 303 ARG A CB    1 
ATOM   1222 C  CG    . ARG C 3 74 ? 3.972   4.169   13.007  1.00 19.43 ? 303 ARG A CG    1 
ATOM   1223 C  CD    . ARG C 3 74 ? 5.239   3.409   13.310  1.00 14.98 ? 303 ARG A CD    1 
ATOM   1224 N  NE    . ARG C 3 74 ? 4.862   2.027   13.602  1.00 15.85 ? 303 ARG A NE    1 
ATOM   1225 C  CZ    . ARG C 3 74 ? 5.687   1.087   14.040  1.00 15.02 ? 303 ARG A CZ    1 
ATOM   1226 N  NH1   . ARG C 3 74 ? 6.971   1.357   14.249  1.00 14.97 ? 303 ARG A NH1   1 
ATOM   1227 N  NH2   . ARG C 3 74 ? 5.213   -0.124  14.281  1.00 14.49 ? 303 ARG A NH2   1 
ATOM   1228 N  N     . THR C 3 75 ? 2.475   8.151   12.065  1.00 28.03 ? 304 THR A N     1 
ATOM   1229 C  CA    . THR C 3 75 ? 2.464   9.588   11.859  1.00 27.98 ? 304 THR A CA    1 
ATOM   1230 C  C     . THR C 3 75 ? 2.595   10.280  13.203  1.00 31.49 ? 304 THR A C     1 
ATOM   1231 O  O     . THR C 3 75 ? 2.578   9.635   14.248  1.00 32.45 ? 304 THR A O     1 
ATOM   1232 C  CB    . THR C 3 75 ? 1.163   10.042  11.223  1.00 23.84 ? 304 THR A CB    1 
ATOM   1233 O  OG1   . THR C 3 75 ? 0.073   9.450   11.927  1.00 30.52 ? 304 THR A OG1   1 
ATOM   1234 C  CG2   . THR C 3 75 ? 1.108   9.639   9.776   1.00 18.97 ? 304 THR A CG2   1 
ATOM   1235 N  N     . ASP C 3 76 ? 2.716   11.599  13.169  1.00 34.79 ? 305 ASP A N     1 
ATOM   1236 C  CA    . ASP C 3 76 ? 2.861   12.388  14.383  1.00 40.34 ? 305 ASP A CA    1 
ATOM   1237 C  C     . ASP C 3 76 ? 3.935   11.810  15.292  1.00 40.56 ? 305 ASP A C     1 
ATOM   1238 O  O     . ASP C 3 76 ? 5.031   11.483  14.860  1.00 41.85 ? 305 ASP A O     1 
ATOM   1239 C  CB    . ASP C 3 76 ? 1.548   12.443  15.167  1.00 42.64 ? 305 ASP A CB    1 
ATOM   1240 C  CG    . ASP C 3 76 ? 0.342   12.486  14.273  1.00 48.58 ? 305 ASP A CG    1 
ATOM   1241 O  OD1   . ASP C 3 76 ? -0.028  11.424  13.723  1.00 50.82 ? 305 ASP A OD1   1 
ATOM   1242 O  OD2   . ASP C 3 76 ? -0.231  13.582  14.116  1.00 50.30 ? 305 ASP A OD2   1 
ATOM   1243 N  N     . SER C 3 77 ? 3.590   11.681  16.564  1.00 44.86 ? 306 SER A N     1 
ATOM   1244 C  CA    . SER C 3 77 ? 4.493   11.164  17.576  1.00 45.30 ? 306 SER A CA    1 
ATOM   1245 C  C     . SER C 3 77 ? 5.152   9.883   17.105  1.00 44.96 ? 306 SER A C     1 
ATOM   1246 O  O     . SER C 3 77 ? 6.271   9.585   17.499  1.00 48.00 ? 306 SER A O     1 
ATOM   1247 C  CB    . SER C 3 77 ? 3.714   10.898  18.867  1.00 48.94 ? 306 SER A CB    1 
ATOM   1248 O  OG    . SER C 3 77 ? 2.717   11.897  19.082  1.00 45.97 ? 306 SER A OG    1 
ATOM   1249 N  N     . LEU C 3 78 ? 4.459   9.130   16.259  1.00 43.74 ? 307 LEU A N     1 
ATOM   1250 C  CA    . LEU C 3 78 ? 4.988   7.866   15.755  1.00 43.71 ? 307 LEU A CA    1 
ATOM   1251 C  C     . LEU C 3 78 ? 5.786   7.975   14.461  1.00 43.96 ? 307 LEU A C     1 
ATOM   1252 O  O     . LEU C 3 78 ? 6.286   6.977   13.938  1.00 41.03 ? 307 LEU A O     1 
ATOM   1253 C  CB    . LEU C 3 78 ? 3.848   6.870   15.561  1.00 44.75 ? 307 LEU A CB    1 
ATOM   1254 C  CG    . LEU C 3 78 ? 3.370   6.182   16.841  1.00 44.81 ? 307 LEU A CG    1 
ATOM   1255 C  CD1   . LEU C 3 78 ? 2.133   5.356   16.546  1.00 49.07 ? 307 LEU A CD1   1 
ATOM   1256 C  CD2   . LEU C 3 78 ? 4.474   5.300   17.390  1.00 44.31 ? 307 LEU A CD2   1 
ATOM   1257 N  N     . LYS C 3 79 ? 5.911   9.190   13.949  1.00 40.57 ? 308 LYS A N     1 
ATOM   1258 C  CA    . LYS C 3 79 ? 6.652   9.402   12.723  1.00 38.47 ? 308 LYS A CA    1 
ATOM   1259 C  C     . LYS C 3 79 ? 8.127   9.067   12.939  1.00 39.03 ? 308 LYS A C     1 
ATOM   1260 O  O     . LYS C 3 79 ? 8.731   9.508   13.914  1.00 41.91 ? 308 LYS A O     1 
ATOM   1261 C  CB    . LYS C 3 79 ? 6.489   10.855  12.275  1.00 39.74 ? 308 LYS A CB    1 
ATOM   1262 C  CG    . LYS C 3 79 ? 7.221   11.232  10.996  1.00 37.21 ? 308 LYS A CG    1 
ATOM   1263 C  CD    . LYS C 3 79 ? 6.894   12.657  10.587  1.00 34.16 ? 308 LYS A CD    1 
ATOM   1264 C  CE    . LYS C 3 79 ? 7.681   13.058  9.347   1.00 42.68 ? 308 LYS A CE    1 
ATOM   1265 N  NZ    . LYS C 3 79 ? 7.524   14.502  9.000   1.00 43.87 ? 308 LYS A NZ    1 
ATOM   1266 N  N     . GLY C 3 80 ? 8.694   8.276   12.033  1.00 36.45 ? 309 GLY A N     1 
ATOM   1267 C  CA    . GLY C 3 80 ? 10.094  7.907   12.129  1.00 32.91 ? 309 GLY A CA    1 
ATOM   1268 C  C     . GLY C 3 80 ? 10.325  6.706   13.022  1.00 34.79 ? 309 GLY A C     1 
ATOM   1269 O  O     . GLY C 3 80 ? 11.416  6.137   13.038  1.00 35.27 ? 309 GLY A O     1 
ATOM   1270 N  N     . ARG C 3 81 ? 9.291   6.317   13.757  1.00 30.92 ? 310 ARG A N     1 
ATOM   1271 C  CA    . ARG C 3 81 ? 9.377   5.190   14.675  1.00 30.06 ? 310 ARG A CA    1 
ATOM   1272 C  C     . ARG C 3 81 ? 9.371   3.871   13.931  1.00 30.67 ? 310 ARG A C     1 
ATOM   1273 O  O     . ARG C 3 81 ? 8.464   3.593   13.152  1.00 34.24 ? 310 ARG A O     1 
ATOM   1274 C  CB    . ARG C 3 81 ? 8.205   5.237   15.637  1.00 32.85 ? 310 ARG A CB    1 
ATOM   1275 C  CG    . ARG C 3 81 ? 8.520   4.762   17.031  1.00 34.87 ? 310 ARG A CG    1 
ATOM   1276 C  CD    . ARG C 3 81 ? 8.522   3.269   17.155  1.00 30.91 ? 310 ARG A CD    1 
ATOM   1277 N  NE    . ARG C 3 81 ? 8.435   2.917   18.565  1.00 39.39 ? 310 ARG A NE    1 
ATOM   1278 C  CZ    . ARG C 3 81 ? 8.350   1.676   19.028  1.00 42.70 ? 310 ARG A CZ    1 
ATOM   1279 N  NH1   . ARG C 3 81 ? 8.343   0.650   18.184  1.00 41.72 ? 310 ARG A NH1   1 
ATOM   1280 N  NH2   . ARG C 3 81 ? 8.256   1.465   20.336  1.00 40.49 ? 310 ARG A NH2   1 
ATOM   1281 N  N     . ARG C 3 82 ? 10.375  3.046   14.182  1.00 29.54 ? 311 ARG A N     1 
ATOM   1282 C  CA    . ARG C 3 82 ? 10.471  1.764   13.507  1.00 30.80 ? 311 ARG A CA    1 
ATOM   1283 C  C     . ARG C 3 82 ? 10.068  0.585   14.369  1.00 30.65 ? 311 ARG A C     1 
ATOM   1284 O  O     . ARG C 3 82 ? 9.654   0.736   15.514  1.00 34.81 ? 311 ARG A O     1 
ATOM   1285 C  CB    . ARG C 3 82 ? 11.896  1.542   12.990  1.00 36.04 ? 311 ARG A CB    1 
ATOM   1286 C  CG    . ARG C 3 82 ? 12.231  2.337   11.735  1.00 44.53 ? 311 ARG A CG    1 
ATOM   1287 C  CD    . ARG C 3 82 ? 13.551  1.890   11.111  1.00 47.02 ? 311 ARG A CD    1 
ATOM   1288 N  NE    . ARG C 3 82 ? 14.710  2.564   11.691  1.00 51.82 ? 311 ARG A NE    1 
ATOM   1289 C  CZ    . ARG C 3 82 ? 15.969  2.334   11.322  1.00 53.88 ? 311 ARG A CZ    1 
ATOM   1290 N  NH1   . ARG C 3 82 ? 16.244  1.441   10.373  1.00 48.23 ? 311 ARG A NH1   1 
ATOM   1291 N  NH2   . ARG C 3 82 ? 16.958  3.009   11.896  1.00 54.70 ? 311 ARG A NH2   1 
ATOM   1292 N  N     . GLY C 3 83 ? 10.188  -0.601  13.790  1.00 31.94 ? 312 GLY A N     1 
ATOM   1293 C  CA    . GLY C 3 83 ? 9.865   -1.819  14.503  1.00 30.82 ? 312 GLY A CA    1 
ATOM   1294 C  C     . GLY C 3 83 ? 8.474   -1.942  15.086  1.00 27.89 ? 312 GLY A C     1 
ATOM   1295 O  O     . GLY C 3 83 ? 7.604   -1.094  14.910  1.00 23.25 ? 312 GLY A O     1 
ATOM   1296 N  N     . ARG C 3 84 ? 8.287   -3.035  15.806  1.00 28.96 ? 313 ARG A N     1 
ATOM   1297 C  CA    . ARG C 3 84 ? 7.030   -3.346  16.448  1.00 29.67 ? 313 ARG A CA    1 
ATOM   1298 C  C     . ARG C 3 84 ? 6.781   -2.456  17.659  1.00 28.37 ? 313 ARG A C     1 
ATOM   1299 O  O     . ARG C 3 84 ? 7.708   -2.122  18.402  1.00 26.83 ? 313 ARG A O     1 
ATOM   1300 C  CB    . ARG C 3 84 ? 7.047   -4.810  16.874  1.00 29.35 ? 313 ARG A CB    1 
ATOM   1301 C  CG    . ARG C 3 84 ? 5.920   -5.207  17.785  1.00 38.61 ? 313 ARG A CG    1 
ATOM   1302 C  CD    . ARG C 3 84 ? 6.045   -6.668  18.162  1.00 45.64 ? 313 ARG A CD    1 
ATOM   1303 N  NE    . ARG C 3 84 ? 6.103   -7.503  16.965  1.00 53.55 ? 313 ARG A NE    1 
ATOM   1304 C  CZ    . ARG C 3 84 ? 6.096   -8.830  16.972  1.00 53.30 ? 313 ARG A CZ    1 
ATOM   1305 N  NH1   . ARG C 3 84 ? 6.034   -9.496  18.118  1.00 56.10 ? 313 ARG A NH1   1 
ATOM   1306 N  NH2   . ARG C 3 84 ? 6.139   -9.489  15.827  1.00 52.47 ? 313 ARG A NH2   1 
ATOM   1307 N  N     . LEU C 3 85 ? 5.520   -2.074  17.840  1.00 28.16 ? 314 LEU A N     1 
ATOM   1308 C  CA    . LEU C 3 85 ? 5.120   -1.257  18.973  1.00 21.99 ? 314 LEU A CA    1 
ATOM   1309 C  C     . LEU C 3 85 ? 4.981   -2.210  20.164  1.00 23.80 ? 314 LEU A C     1 
ATOM   1310 O  O     . LEU C 3 85 ? 4.925   -3.429  19.994  1.00 20.18 ? 314 LEU A O     1 
ATOM   1311 C  CB    . LEU C 3 85 ? 3.792   -0.553  18.675  1.00 18.27 ? 314 LEU A CB    1 
ATOM   1312 C  CG    . LEU C 3 85 ? 3.837   0.451   17.504  1.00 26.39 ? 314 LEU A CG    1 
ATOM   1313 C  CD1   . LEU C 3 85 ? 2.498   1.155   17.337  1.00 20.43 ? 314 LEU A CD1   1 
ATOM   1314 C  CD2   . LEU C 3 85 ? 4.927   1.487   17.746  1.00 27.97 ? 314 LEU A CD2   1 
ATOM   1315 N  N     . PRO C 3 86 ? 4.949   -1.669  21.388  1.00 25.02 ? 315 PRO A N     1 
ATOM   1316 C  CA    . PRO C 3 86 ? 4.822   -2.502  22.581  1.00 26.27 ? 315 PRO A CA    1 
ATOM   1317 C  C     . PRO C 3 86 ? 3.365   -2.828  22.899  1.00 27.91 ? 315 PRO A C     1 
ATOM   1318 O  O     . PRO C 3 86 ? 2.483   -2.003  22.697  1.00 24.23 ? 315 PRO A O     1 
ATOM   1319 C  CB    . PRO C 3 86 ? 5.457   -1.638  23.643  1.00 24.07 ? 315 PRO A CB    1 
ATOM   1320 C  CG    . PRO C 3 86 ? 4.963   -0.297  23.248  1.00 25.49 ? 315 PRO A CG    1 
ATOM   1321 C  CD    . PRO C 3 86 ? 5.173   -0.265  21.762  1.00 23.98 ? 315 PRO A CD    1 
ATOM   1322 N  N     . SER C 3 87 ? 3.125   -4.035  23.399  1.00 32.47 ? 316 SER A N     1 
ATOM   1323 C  CA    . SER C 3 87 ? 1.774   -4.465  23.741  1.00 34.00 ? 316 SER A CA    1 
ATOM   1324 C  C     . SER C 3 87 ? 1.671   -4.948  25.182  1.00 35.34 ? 316 SER A C     1 
ATOM   1325 O  O     . SER C 3 87 ? 0.588   -4.946  25.759  1.00 36.39 ? 316 SER A O     1 
ATOM   1326 C  CB    . SER C 3 87 ? 1.330   -5.600  22.819  1.00 33.99 ? 316 SER A CB    1 
ATOM   1327 O  OG    . SER C 3 87 ? 2.094   -6.771  23.056  1.00 34.28 ? 316 SER A OG    1 
ATOM   1328 N  N     . LYS C 3 88 ? 2.794   -5.358  25.761  1.00 37.20 ? 317 LYS A N     1 
ATOM   1329 C  CA    . LYS C 3 88 ? 2.798   -5.877  27.123  1.00 39.18 ? 317 LYS A CA    1 
ATOM   1330 C  C     . LYS C 3 88 ? 3.432   -4.968  28.173  1.00 41.01 ? 317 LYS A C     1 
ATOM   1331 O  O     . LYS C 3 88 ? 4.523   -4.435  27.975  1.00 43.58 ? 317 LYS A O     1 
ATOM   1332 C  CB    . LYS C 3 88 ? 3.481   -7.245  27.145  1.00 33.85 ? 317 LYS A CB    1 
ATOM   1333 N  N     . PRO C 3 89 ? 2.748   -4.790  29.314  1.00 41.62 ? 318 PRO A N     1 
ATOM   1334 C  CA    . PRO C 3 89 ? 3.197   -3.962  30.437  1.00 43.10 ? 318 PRO A CA    1 
ATOM   1335 C  C     . PRO C 3 89 ? 4.589   -4.362  30.911  1.00 44.97 ? 318 PRO A C     1 
ATOM   1336 O  O     . PRO C 3 89 ? 5.375   -3.451  31.247  1.00 48.02 ? 318 PRO A O     1 
ATOM   1337 C  CB    . PRO C 3 89 ? 2.139   -4.224  31.504  1.00 41.67 ? 318 PRO A CB    1 
ATOM   1338 C  CG    . PRO C 3 89 ? 0.911   -4.436  30.698  1.00 42.47 ? 318 PRO A CG    1 
ATOM   1339 C  CD    . PRO C 3 89 ? 1.402   -5.325  29.575  1.00 41.69 ? 318 PRO A CD    1 
ATOM   1340 O  OXT   . PRO C 3 89 ? 4.863   -5.581  30.958  1.00 41.12 ? 318 PRO A OXT   1 
HETATM 1341 ZN ZN    . ZN  D 4 .  ? 2.268   -5.681  -5.203  1.00 36.64 ? 398 ZN  A ZN    1 
HETATM 1342 ZN ZN    . ZN  E 4 .  ? -6.392  4.234   -13.607 1.00 39.82 ? 399 ZN  A ZN    1 
HETATM 1343 O  O     . HOH F 5 .  ? -0.296  -7.838  10.330  1.00 58.89 ? 8   HOH B O     1 
HETATM 1344 O  O     . HOH F 5 .  ? -0.643  -6.471  12.764  1.00 29.49 ? 13  HOH B O     1 
HETATM 1345 O  O     . HOH F 5 .  ? 10.660  -9.564  6.605   1.00 58.65 ? 15  HOH B O     1 
HETATM 1346 O  O     . HOH F 5 .  ? 11.456  -15.679 15.147  1.00 29.14 ? 16  HOH B O     1 
HETATM 1347 O  O     . HOH F 5 .  ? 9.691   -5.917  6.690   1.00 34.82 ? 18  HOH B O     1 
HETATM 1348 O  O     . HOH F 5 .  ? 9.606   5.672   -15.666 1.00 33.36 ? 19  HOH B O     1 
HETATM 1349 O  O     . HOH F 5 .  ? 17.002  -17.410 10.667  1.00 31.85 ? 26  HOH B O     1 
HETATM 1350 O  O     . HOH F 5 .  ? 5.306   6.374   8.619   1.00 29.49 ? 29  HOH B O     1 
HETATM 1351 O  O     . HOH F 5 .  ? 28.087  4.788   -4.764  1.00 51.07 ? 33  HOH B O     1 
HETATM 1352 O  O     . HOH F 5 .  ? 14.773  8.400   -20.941 1.00 36.46 ? 38  HOH B O     1 
HETATM 1353 O  O     . HOH G 5 .  ? 10.020  4.923   0.281   1.00 30.91 ? 12  HOH C O     1 
HETATM 1354 O  O     . HOH G 5 .  ? 13.082  0.650   -10.028 1.00 49.46 ? 17  HOH C O     1 
HETATM 1355 O  O     . HOH G 5 .  ? 5.740   -16.170 26.025  1.00 79.00 ? 21  HOH C O     1 
HETATM 1356 O  O     . HOH G 5 .  ? 12.523  -8.199  -9.429  1.00 39.60 ? 25  HOH C O     1 
HETATM 1357 O  O     . HOH G 5 .  ? 18.688  22.547  -11.738 1.00 61.35 ? 31  HOH C O     1 
HETATM 1358 O  O     . HOH H 5 .  ? -4.584  10.252  0.080   1.00 24.20 ? 1   HOH A O     1 
HETATM 1359 O  O     . HOH H 5 .  ? 5.394   -2.856  6.879   1.00 42.93 ? 2   HOH A O     1 
HETATM 1360 O  O     . HOH H 5 .  ? 8.011   -5.628  -4.568  1.00 30.09 ? 3   HOH A O     1 
HETATM 1361 O  O     . HOH H 5 .  ? -2.115  6.981   11.197  1.00 29.80 ? 4   HOH A O     1 
HETATM 1362 O  O     . HOH H 5 .  ? 6.636   13.991  1.974   1.00 48.19 ? 5   HOH A O     1 
HETATM 1363 O  O     . HOH H 5 .  ? -3.372  10.044  3.673   1.00 37.97 ? 6   HOH A O     1 
HETATM 1364 O  O     . HOH H 5 .  ? 3.415   13.192  10.242  1.00 41.76 ? 7   HOH A O     1 
HETATM 1365 O  O     . HOH H 5 .  ? 6.408   0.724   -4.371  1.00 48.06 ? 9   HOH A O     1 
HETATM 1366 O  O     . HOH H 5 .  ? 0.353   7.058   13.558  1.00 34.78 ? 10  HOH A O     1 
HETATM 1367 O  O     . HOH H 5 .  ? 6.351   10.712  7.217   1.00 29.91 ? 11  HOH A O     1 
HETATM 1368 O  O     . HOH H 5 .  ? 6.572   -16.826 4.435   1.00 46.45 ? 14  HOH A O     1 
HETATM 1369 O  O     . HOH H 5 .  ? -3.359  8.829   13.416  1.00 57.01 ? 20  HOH A O     1 
HETATM 1370 O  O     . HOH H 5 .  ? 3.469   -5.481  19.375  1.00 38.30 ? 22  HOH A O     1 
HETATM 1371 O  O     . HOH H 5 .  ? -6.682  -6.748  8.310   1.00 41.39 ? 23  HOH A O     1 
HETATM 1372 O  O     . HOH H 5 .  ? -15.506 6.187   -16.308 1.00 32.95 ? 24  HOH A O     1 
HETATM 1373 O  O     . HOH H 5 .  ? -12.202 -3.796  -16.930 1.00 27.14 ? 27  HOH A O     1 
HETATM 1374 O  O     . HOH H 5 .  ? -8.518  -0.916  -9.018  1.00 38.26 ? 28  HOH A O     1 
HETATM 1375 O  O     . HOH H 5 .  ? 7.970   7.846   9.534   1.00 50.26 ? 30  HOH A O     1 
HETATM 1376 O  O     . HOH H 5 .  ? 6.836   9.878   1.948   1.00 40.21 ? 32  HOH A O     1 
HETATM 1377 O  O     . HOH H 5 .  ? 1.900   14.939  -2.317  1.00 66.45 ? 34  HOH A O     1 
HETATM 1378 O  O     . HOH H 5 .  ? -3.965  -8.537  -9.655  1.00 38.29 ? 35  HOH A O     1 
HETATM 1379 O  O     . HOH H 5 .  ? 4.429   -15.047 -3.337  1.00 46.94 ? 36  HOH A O     1 
HETATM 1380 O  O     . HOH H 5 .  ? -4.839  9.850   -4.089  1.00 33.84 ? 37  HOH A O     1 
# 
loop_
_pdbx_poly_seq_scheme.asym_id 
_pdbx_poly_seq_scheme.entity_id 
_pdbx_poly_seq_scheme.seq_id 
_pdbx_poly_seq_scheme.mon_id 
_pdbx_poly_seq_scheme.ndb_seq_num 
_pdbx_poly_seq_scheme.pdb_seq_num 
_pdbx_poly_seq_scheme.auth_seq_num 
_pdbx_poly_seq_scheme.pdb_mon_id 
_pdbx_poly_seq_scheme.auth_mon_id 
_pdbx_poly_seq_scheme.pdb_strand_id 
_pdbx_poly_seq_scheme.pdb_ins_code 
_pdbx_poly_seq_scheme.hetero 
A 1 1  DC  1  402 402 DC  C   B . n 
A 1 2  DC  2  403 403 DC  C   B . n 
A 1 3  DG  3  404 404 DG  G   B . n 
A 1 4  DA  4  405 405 DA  A   B . n 
A 1 5  DA  5  406 406 DA  A   B . n 
A 1 6  DA  6  407 407 DA  A   B . n 
A 1 7  DA  7  408 408 DA  A   B . n 
A 1 8  DG  8  409 409 DG  G   B . n 
A 1 9  DG  9  410 410 DG  G   B . n 
A 1 10 DT  10 411 411 DT  T   B . n 
A 1 11 DC  11 412 412 DC  C   B . n 
A 1 12 DA  12 413 413 DA  A   B . n 
A 1 13 DT  13 414 414 DT  T   B . n 
A 1 14 DG  14 415 415 DG  G   B . n 
A 1 15 DC  15 416 416 DC  C   B . n 
A 1 16 DG  16 417 417 DG  G   B . n 
B 2 1  DC  1  419 419 DC  C   C . n 
B 2 2  DG  2  420 420 DG  G   C . n 
B 2 3  DC  3  421 421 DC  C   C . n 
B 2 4  DA  4  422 422 DA  A   C . n 
B 2 5  DT  5  423 423 DT  T   C . n 
B 2 6  DG  6  424 424 DG  G   C . n 
B 2 7  DA  7  425 425 DA  A   C . n 
B 2 8  DC  8  426 426 DC  C   C . n 
B 2 9  DC  9  427 427 DC  C   C . n 
B 2 10 DT  10 428 428 DT  T   C . n 
B 2 11 DT  11 429 429 DT  T   C . n 
B 2 12 DT  12 430 430 DT  T   C . n 
B 2 13 DT  13 431 431 DT  T   C . n 
B 2 14 DC  14 432 432 DC  C   C . n 
B 2 15 DG  15 433 433 DG  G   C . n 
B 2 16 DG  16 434 434 DG  G   C . n 
C 3 1  GLY 1  230 230 GLY GLY A . n 
C 3 2  ARG 2  231 231 ARG ARG A . n 
C 3 3  CYS 3  232 232 CYS CYS A . n 
C 3 4  ALA 4  233 233 ALA ALA A . n 
C 3 5  VAL 5  234 234 VAL VAL A . n 
C 3 6  CYS 6  235 235 CYS CYS A . n 
C 3 7  GLY 7  236 236 GLY GLY A . n 
C 3 8  ASP 8  237 237 ASP ASP A . n 
C 3 9  ASN 9  238 238 ASN ASN A . n 
C 3 10 ALA 10 239 239 ALA ALA A . n 
C 3 11 SER 11 240 240 SER SER A . n 
C 3 12 CYS 12 241 241 CYS CYS A . n 
C 3 13 GLN 13 242 242 GLN GLN A . n 
C 3 14 HIS 14 243 243 HIS HIS A . n 
C 3 15 TYR 15 244 244 TYR TYR A . n 
C 3 16 GLY 16 245 245 GLY GLY A . n 
C 3 17 VAL 17 246 246 VAL VAL A . n 
C 3 18 ARG 18 247 247 ARG ARG A . n 
C 3 19 THR 19 248 248 THR THR A . n 
C 3 20 CYS 20 249 249 CYS CYS A . n 
C 3 21 GLU 21 250 250 GLU GLU A . n 
C 3 22 GLY 22 251 251 GLY GLY A . n 
C 3 23 CYS 23 252 252 CYS CYS A . n 
C 3 24 LYS 24 253 253 LYS LYS A . n 
C 3 25 GLY 25 254 254 GLY GLY A . n 
C 3 26 PHE 26 255 255 PHE PHE A . n 
C 3 27 PHE 27 256 256 PHE PHE A . n 
C 3 28 LYS 28 257 257 LYS LYS A . n 
C 3 29 ARG 29 258 258 ARG ARG A . n 
C 3 30 THR 30 259 259 THR THR A . n 
C 3 31 VAL 31 260 260 VAL VAL A . n 
C 3 32 GLN 32 261 261 GLN GLN A . n 
C 3 33 LYS 33 262 262 LYS LYS A . n 
C 3 34 SER 34 263 263 SER SER A . n 
C 3 35 ALA 35 264 264 ALA ALA A . n 
C 3 36 LYS 36 265 265 LYS LYS A . n 
C 3 37 TYR 37 266 266 TYR TYR A . n 
C 3 38 ILE 38 267 267 ILE ILE A . n 
C 3 39 CYS 39 268 268 CYS CYS A . n 
C 3 40 LEU 40 269 269 LEU LEU A . n 
C 3 41 ALA 41 270 270 ALA ALA A . n 
C 3 42 ASN 42 271 271 ASN ASN A . n 
C 3 43 LYS 43 272 272 LYS LYS A . n 
C 3 44 ASP 44 273 273 ASP ASP A . n 
C 3 45 CYS 45 274 274 CYS CYS A . n 
C 3 46 PRO 46 275 275 PRO PRO A . n 
C 3 47 VAL 47 276 276 VAL VAL A . n 
C 3 48 ASP 48 277 277 ASP ASP A . n 
C 3 49 LYS 49 278 278 LYS LYS A . n 
C 3 50 ARG 50 279 279 ARG ARG A . n 
C 3 51 ARG 51 280 280 ARG ARG A . n 
C 3 52 ARG 52 281 281 ARG ARG A . n 
C 3 53 ASN 53 282 282 ASN ASN A . n 
C 3 54 ARG 54 283 283 ARG ARG A . n 
C 3 55 CYS 55 284 284 CYS CYS A . n 
C 3 56 GLN 56 285 285 GLN GLN A . n 
C 3 57 PHE 57 286 286 PHE PHE A . n 
C 3 58 CYS 58 287 287 CYS CYS A . n 
C 3 59 ARG 59 288 288 ARG ARG A . n 
C 3 60 PHE 60 289 289 PHE PHE A . n 
C 3 61 GLN 61 290 290 GLN GLN A . n 
C 3 62 LYS 62 291 291 LYS LYS A . n 
C 3 63 CYS 63 292 292 CYS CYS A . n 
C 3 64 LEU 64 293 293 LEU LEU A . n 
C 3 65 ALA 65 294 294 ALA ALA A . n 
C 3 66 VAL 66 295 295 VAL VAL A . n 
C 3 67 GLY 67 296 296 GLY GLY A . n 
C 3 68 MET 68 297 297 MET MET A . n 
C 3 69 VAL 69 298 298 VAL VAL A . n 
C 3 70 LYS 70 299 299 LYS LYS A . n 
C 3 71 GLU 71 300 300 GLU GLU A . n 
C 3 72 VAL 72 301 301 VAL VAL A . n 
C 3 73 VAL 73 302 302 VAL VAL A . n 
C 3 74 ARG 74 303 303 ARG ARG A . n 
C 3 75 THR 75 304 304 THR THR A . n 
C 3 76 ASP 76 305 305 ASP ASP A . n 
C 3 77 SER 77 306 306 SER SER A . n 
C 3 78 LEU 78 307 307 LEU LEU A . n 
C 3 79 LYS 79 308 308 LYS LYS A . n 
C 3 80 GLY 80 309 309 GLY GLY A . n 
C 3 81 ARG 81 310 310 ARG ARG A . n 
C 3 82 ARG 82 311 311 ARG ARG A . n 
C 3 83 GLY 83 312 312 GLY GLY A . n 
C 3 84 ARG 84 313 313 ARG ARG A . n 
C 3 85 LEU 85 314 314 LEU LEU A . n 
C 3 86 PRO 86 315 315 PRO PRO A . n 
C 3 87 SER 87 316 316 SER SER A . n 
C 3 88 LYS 88 317 317 LYS LYS A . n 
C 3 89 PRO 89 318 318 PRO PRO A . n 
# 
loop_
_pdbx_nonpoly_scheme.asym_id 
_pdbx_nonpoly_scheme.entity_id 
_pdbx_nonpoly_scheme.mon_id 
_pdbx_nonpoly_scheme.ndb_seq_num 
_pdbx_nonpoly_scheme.pdb_seq_num 
_pdbx_nonpoly_scheme.auth_seq_num 
_pdbx_nonpoly_scheme.pdb_mon_id 
_pdbx_nonpoly_scheme.auth_mon_id 
_pdbx_nonpoly_scheme.pdb_strand_id 
_pdbx_nonpoly_scheme.pdb_ins_code 
D 4 ZN  1  398 398 ZN  ZN  A . 
E 4 ZN  1  399 399 ZN  ZN  A . 
F 5 HOH 1  8   8   HOH WAT B . 
F 5 HOH 2  13  13  HOH WAT B . 
F 5 HOH 3  15  15  HOH WAT B . 
F 5 HOH 4  16  16  HOH WAT B . 
F 5 HOH 5  18  18  HOH WAT B . 
F 5 HOH 6  19  19  HOH WAT B . 
F 5 HOH 7  26  26  HOH WAT B . 
F 5 HOH 8  29  29  HOH WAT B . 
F 5 HOH 9  33  33  HOH WAT B . 
F 5 HOH 10 38  38  HOH WAT B . 
G 5 HOH 1  12  12  HOH WAT C . 
G 5 HOH 2  17  17  HOH WAT C . 
G 5 HOH 3  21  21  HOH WAT C . 
G 5 HOH 4  25  25  HOH WAT C . 
G 5 HOH 5  31  31  HOH WAT C . 
H 5 HOH 1  1   1   HOH WAT A . 
H 5 HOH 2  2   2   HOH WAT A . 
H 5 HOH 3  3   3   HOH WAT A . 
H 5 HOH 4  4   4   HOH WAT A . 
H 5 HOH 5  5   5   HOH WAT A . 
H 5 HOH 6  6   6   HOH WAT A . 
H 5 HOH 7  7   7   HOH WAT A . 
H 5 HOH 8  9   9   HOH WAT A . 
H 5 HOH 9  10  10  HOH WAT A . 
H 5 HOH 10 11  11  HOH WAT A . 
H 5 HOH 11 14  14  HOH WAT A . 
H 5 HOH 12 20  20  HOH WAT A . 
H 5 HOH 13 22  22  HOH WAT A . 
H 5 HOH 14 23  23  HOH WAT A . 
H 5 HOH 15 24  24  HOH WAT A . 
H 5 HOH 16 27  27  HOH WAT A . 
H 5 HOH 17 28  28  HOH WAT A . 
H 5 HOH 18 30  30  HOH WAT A . 
H 5 HOH 19 32  32  HOH WAT A . 
H 5 HOH 20 34  34  HOH WAT A . 
H 5 HOH 21 35  35  HOH WAT A . 
H 5 HOH 22 36  36  HOH WAT A . 
H 5 HOH 23 37  37  HOH WAT A . 
# 
_pdbx_struct_assembly.id                   1 
_pdbx_struct_assembly.details              author_defined_assembly 
_pdbx_struct_assembly.method_details       ? 
_pdbx_struct_assembly.oligomeric_details   trimeric 
_pdbx_struct_assembly.oligomeric_count     3 
# 
_pdbx_struct_assembly_gen.assembly_id       1 
_pdbx_struct_assembly_gen.oper_expression   1 
_pdbx_struct_assembly_gen.asym_id_list      A,B,C,D,E,F,G,H 
# 
_pdbx_struct_oper_list.id                   1 
_pdbx_struct_oper_list.type                 'identity operation' 
_pdbx_struct_oper_list.name                 1_555 
_pdbx_struct_oper_list.symmetry_operation   x,y,z 
_pdbx_struct_oper_list.matrix[1][1]         1.0000000000 
_pdbx_struct_oper_list.matrix[1][2]         0.0000000000 
_pdbx_struct_oper_list.matrix[1][3]         0.0000000000 
_pdbx_struct_oper_list.vector[1]            0.0000000000 
_pdbx_struct_oper_list.matrix[2][1]         0.0000000000 
_pdbx_struct_oper_list.matrix[2][2]         1.0000000000 
_pdbx_struct_oper_list.matrix[2][3]         0.0000000000 
_pdbx_struct_oper_list.vector[2]            0.0000000000 
_pdbx_struct_oper_list.matrix[3][1]         0.0000000000 
_pdbx_struct_oper_list.matrix[3][2]         0.0000000000 
_pdbx_struct_oper_list.matrix[3][3]         1.0000000000 
_pdbx_struct_oper_list.vector[3]            0.0000000000 
# 
loop_
_pdbx_struct_conn_angle.id 
_pdbx_struct_conn_angle.ptnr1_label_atom_id 
_pdbx_struct_conn_angle.ptnr1_label_alt_id 
_pdbx_struct_conn_angle.ptnr1_label_asym_id 
_pdbx_struct_conn_angle.ptnr1_label_comp_id 
_pdbx_struct_conn_angle.ptnr1_label_seq_id 
_pdbx_struct_conn_angle.ptnr1_auth_atom_id 
_pdbx_struct_conn_angle.ptnr1_auth_asym_id 
_pdbx_struct_conn_angle.ptnr1_auth_comp_id 
_pdbx_struct_conn_angle.ptnr1_auth_seq_id 
_pdbx_struct_conn_angle.ptnr1_PDB_ins_code 
_pdbx_struct_conn_angle.ptnr1_symmetry 
_pdbx_struct_conn_angle.ptnr2_label_atom_id 
_pdbx_struct_conn_angle.ptnr2_label_alt_id 
_pdbx_struct_conn_angle.ptnr2_label_asym_id 
_pdbx_struct_conn_angle.ptnr2_label_comp_id 
_pdbx_struct_conn_angle.ptnr2_label_seq_id 
_pdbx_struct_conn_angle.ptnr2_auth_atom_id 
_pdbx_struct_conn_angle.ptnr2_auth_asym_id 
_pdbx_struct_conn_angle.ptnr2_auth_comp_id 
_pdbx_struct_conn_angle.ptnr2_auth_seq_id 
_pdbx_struct_conn_angle.ptnr2_PDB_ins_code 
_pdbx_struct_conn_angle.ptnr2_symmetry 
_pdbx_struct_conn_angle.ptnr3_label_atom_id 
_pdbx_struct_conn_angle.ptnr3_label_alt_id 
_pdbx_struct_conn_angle.ptnr3_label_asym_id 
_pdbx_struct_conn_angle.ptnr3_label_comp_id 
_pdbx_struct_conn_angle.ptnr3_label_seq_id 
_pdbx_struct_conn_angle.ptnr3_auth_atom_id 
_pdbx_struct_conn_angle.ptnr3_auth_asym_id 
_pdbx_struct_conn_angle.ptnr3_auth_comp_id 
_pdbx_struct_conn_angle.ptnr3_auth_seq_id 
_pdbx_struct_conn_angle.ptnr3_PDB_ins_code 
_pdbx_struct_conn_angle.ptnr3_symmetry 
_pdbx_struct_conn_angle.value 
_pdbx_struct_conn_angle.value_esd 
1  SG ? C CYS 3  ? A CYS 232 ? 1_555 ZN ? D ZN . ? A ZN 398 ? 1_555 SG ? C CYS 6  ? A CYS 235 ? 1_555 109.6 ? 
2  SG ? C CYS 3  ? A CYS 232 ? 1_555 ZN ? D ZN . ? A ZN 398 ? 1_555 SG ? C CYS 20 ? A CYS 249 ? 1_555 99.9  ? 
3  SG ? C CYS 6  ? A CYS 235 ? 1_555 ZN ? D ZN . ? A ZN 398 ? 1_555 SG ? C CYS 20 ? A CYS 249 ? 1_555 106.3 ? 
4  SG ? C CYS 3  ? A CYS 232 ? 1_555 ZN ? D ZN . ? A ZN 398 ? 1_555 SG ? C CYS 23 ? A CYS 252 ? 1_555 105.7 ? 
5  SG ? C CYS 6  ? A CYS 235 ? 1_555 ZN ? D ZN . ? A ZN 398 ? 1_555 SG ? C CYS 23 ? A CYS 252 ? 1_555 127.1 ? 
6  SG ? C CYS 20 ? A CYS 249 ? 1_555 ZN ? D ZN . ? A ZN 398 ? 1_555 SG ? C CYS 23 ? A CYS 252 ? 1_555 104.7 ? 
7  SG ? C CYS 39 ? A CYS 268 ? 1_555 ZN ? E ZN . ? A ZN 399 ? 1_555 SG ? C CYS 45 ? A CYS 274 ? 1_555 103.8 ? 
8  SG ? C CYS 39 ? A CYS 268 ? 1_555 ZN ? E ZN . ? A ZN 399 ? 1_555 SG ? C CYS 55 ? A CYS 284 ? 1_555 128.4 ? 
9  SG ? C CYS 45 ? A CYS 274 ? 1_555 ZN ? E ZN . ? A ZN 399 ? 1_555 SG ? C CYS 55 ? A CYS 284 ? 1_555 110.3 ? 
10 SG ? C CYS 39 ? A CYS 268 ? 1_555 ZN ? E ZN . ? A ZN 399 ? 1_555 SG ? C CYS 58 ? A CYS 287 ? 1_555 112.3 ? 
11 SG ? C CYS 45 ? A CYS 274 ? 1_555 ZN ? E ZN . ? A ZN 399 ? 1_555 SG ? C CYS 58 ? A CYS 287 ? 1_555 95.3  ? 
12 SG ? C CYS 55 ? A CYS 284 ? 1_555 ZN ? E ZN . ? A ZN 399 ? 1_555 SG ? C CYS 58 ? A CYS 287 ? 1_555 101.9 ? 
# 
loop_
_pdbx_audit_revision_history.ordinal 
_pdbx_audit_revision_history.data_content_type 
_pdbx_audit_revision_history.major_revision 
_pdbx_audit_revision_history.minor_revision 
_pdbx_audit_revision_history.revision_date 
1 'Structure model' 1 0 1999-05-03 
2 'Structure model' 1 1 2007-10-16 
3 'Structure model' 1 2 2011-07-13 
4 'Structure model' 1 3 2023-08-09 
# 
_pdbx_audit_revision_details.ordinal             1 
_pdbx_audit_revision_details.revision_ordinal    1 
_pdbx_audit_revision_details.data_content_type   'Structure model' 
_pdbx_audit_revision_details.provider            repository 
_pdbx_audit_revision_details.type                'Initial release' 
_pdbx_audit_revision_details.description         ? 
_pdbx_audit_revision_details.details             ? 
# 
loop_
_pdbx_audit_revision_group.ordinal 
_pdbx_audit_revision_group.revision_ordinal 
_pdbx_audit_revision_group.data_content_type 
_pdbx_audit_revision_group.group 
1 2 'Structure model' 'Version format compliance' 
2 3 'Structure model' 'Version format compliance' 
3 4 'Structure model' 'Data collection'           
4 4 'Structure model' 'Database references'       
5 4 'Structure model' 'Derived calculations'      
6 4 'Structure model' 'Refinement description'    
# 
loop_
_pdbx_audit_revision_category.ordinal 
_pdbx_audit_revision_category.revision_ordinal 
_pdbx_audit_revision_category.data_content_type 
_pdbx_audit_revision_category.category 
1 4 'Structure model' chem_comp_atom                
2 4 'Structure model' chem_comp_bond                
3 4 'Structure model' database_2                    
4 4 'Structure model' pdbx_initial_refinement_model 
5 4 'Structure model' struct_site                   
# 
loop_
_pdbx_audit_revision_item.ordinal 
_pdbx_audit_revision_item.revision_ordinal 
_pdbx_audit_revision_item.data_content_type 
_pdbx_audit_revision_item.item 
1 4 'Structure model' '_database_2.pdbx_DOI'                
2 4 'Structure model' '_database_2.pdbx_database_accession' 
3 4 'Structure model' '_struct_site.pdbx_auth_asym_id'      
4 4 'Structure model' '_struct_site.pdbx_auth_comp_id'      
5 4 'Structure model' '_struct_site.pdbx_auth_seq_id'       
# 
loop_
_software.name 
_software.classification 
_software.version 
_software.citation_id 
_software.pdbx_ordinal 
DENZO     'data reduction' .   ? 1 
SCALEPACK 'data scaling'   .   ? 2 
X-PLOR    'model building' .   ? 3 
MLPHARE   phasing          .   ? 4 
CNS       refinement       0.5 ? 5 
X-PLOR    phasing          .   ? 6 
# 
_pdbx_validate_close_contact.id               1 
_pdbx_validate_close_contact.PDB_model_num    1 
_pdbx_validate_close_contact.auth_atom_id_1   O 
_pdbx_validate_close_contact.auth_asym_id_1   A 
_pdbx_validate_close_contact.auth_comp_id_1   GLY 
_pdbx_validate_close_contact.auth_seq_id_1    251 
_pdbx_validate_close_contact.PDB_ins_code_1   ? 
_pdbx_validate_close_contact.label_alt_id_1   ? 
_pdbx_validate_close_contact.auth_atom_id_2   O 
_pdbx_validate_close_contact.auth_asym_id_2   A 
_pdbx_validate_close_contact.auth_comp_id_2   HOH 
_pdbx_validate_close_contact.auth_seq_id_2    9 
_pdbx_validate_close_contact.PDB_ins_code_2   ? 
_pdbx_validate_close_contact.label_alt_id_2   ? 
_pdbx_validate_close_contact.dist             2.17 
# 
loop_
_pdbx_validate_torsion.id 
_pdbx_validate_torsion.PDB_model_num 
_pdbx_validate_torsion.auth_comp_id 
_pdbx_validate_torsion.auth_asym_id 
_pdbx_validate_torsion.auth_seq_id 
_pdbx_validate_torsion.PDB_ins_code 
_pdbx_validate_torsion.label_alt_id 
_pdbx_validate_torsion.phi 
_pdbx_validate_torsion.psi 
1 1 VAL A 234 ? ? -107.49 -62.52  
2 1 ASP A 237 ? ? -57.83  -176.92 
3 1 ARG A 247 ? ? -56.84  103.27  
4 1 LYS A 253 ? ? -46.35  -70.48  
5 1 ALA A 270 ? ? -83.30  -122.22 
6 1 ASP A 273 ? ? -152.59 25.65   
7 1 ASP A 305 ? ? 48.86   -132.36 
# 
loop_
_pdbx_validate_planes.id 
_pdbx_validate_planes.PDB_model_num 
_pdbx_validate_planes.auth_comp_id 
_pdbx_validate_planes.auth_asym_id 
_pdbx_validate_planes.auth_seq_id 
_pdbx_validate_planes.PDB_ins_code 
_pdbx_validate_planes.label_alt_id 
_pdbx_validate_planes.rmsd 
_pdbx_validate_planes.type 
1 1 DA  B 408 ? ? 0.071 'SIDE CHAIN' 
2 1 TYR A 244 ? ? 0.063 'SIDE CHAIN' 
# 
loop_
_pdbx_unobs_or_zero_occ_atoms.id 
_pdbx_unobs_or_zero_occ_atoms.PDB_model_num 
_pdbx_unobs_or_zero_occ_atoms.polymer_flag 
_pdbx_unobs_or_zero_occ_atoms.occupancy_flag 
_pdbx_unobs_or_zero_occ_atoms.auth_asym_id 
_pdbx_unobs_or_zero_occ_atoms.auth_comp_id 
_pdbx_unobs_or_zero_occ_atoms.auth_seq_id 
_pdbx_unobs_or_zero_occ_atoms.PDB_ins_code 
_pdbx_unobs_or_zero_occ_atoms.auth_atom_id 
_pdbx_unobs_or_zero_occ_atoms.label_alt_id 
_pdbx_unobs_or_zero_occ_atoms.label_asym_id 
_pdbx_unobs_or_zero_occ_atoms.label_comp_id 
_pdbx_unobs_or_zero_occ_atoms.label_seq_id 
_pdbx_unobs_or_zero_occ_atoms.label_atom_id 
1  1 Y 0 B DG  417 ? "O5'" ? A DG  16 "O5'" 
2  1 Y 0 B DG  417 ? "C5'" ? A DG  16 "C5'" 
3  1 Y 0 B DG  417 ? "C4'" ? A DG  16 "C4'" 
4  1 Y 0 B DG  417 ? "O4'" ? A DG  16 "O4'" 
5  1 Y 0 B DG  417 ? "C3'" ? A DG  16 "C3'" 
6  1 Y 0 B DG  417 ? "C2'" ? A DG  16 "C2'" 
7  1 Y 0 B DG  417 ? "C1'" ? A DG  16 "C1'" 
8  1 Y 0 C DC  419 ? "O5'" ? B DC  1  "O5'" 
9  1 Y 0 C DC  419 ? "C5'" ? B DC  1  "C5'" 
10 1 Y 0 C DC  419 ? "C4'" ? B DC  1  "C4'" 
11 1 Y 0 C DC  419 ? "O4'" ? B DC  1  "O4'" 
12 1 Y 0 C DC  419 ? "C3'" ? B DC  1  "C3'" 
13 1 Y 0 C DC  419 ? "C2'" ? B DC  1  "C2'" 
14 1 Y 0 C DC  419 ? "C1'" ? B DC  1  "C1'" 
15 1 Y 1 A LYS 265 ? CG    ? C LYS 36 CG    
16 1 Y 1 A LYS 265 ? CD    ? C LYS 36 CD    
17 1 Y 1 A LYS 265 ? CE    ? C LYS 36 CE    
18 1 Y 1 A LYS 265 ? NZ    ? C LYS 36 NZ    
19 1 Y 1 A LYS 317 ? CG    ? C LYS 88 CG    
20 1 Y 1 A LYS 317 ? CD    ? C LYS 88 CD    
21 1 Y 1 A LYS 317 ? CE    ? C LYS 88 CE    
22 1 Y 1 A LYS 317 ? NZ    ? C LYS 88 NZ    
# 
loop_
_chem_comp_atom.comp_id 
_chem_comp_atom.atom_id 
_chem_comp_atom.type_symbol 
_chem_comp_atom.pdbx_aromatic_flag 
_chem_comp_atom.pdbx_stereo_config 
_chem_comp_atom.pdbx_ordinal 
ALA N      N  N N 1   
ALA CA     C  N S 2   
ALA C      C  N N 3   
ALA O      O  N N 4   
ALA CB     C  N N 5   
ALA OXT    O  N N 6   
ALA H      H  N N 7   
ALA H2     H  N N 8   
ALA HA     H  N N 9   
ALA HB1    H  N N 10  
ALA HB2    H  N N 11  
ALA HB3    H  N N 12  
ALA HXT    H  N N 13  
ARG N      N  N N 14  
ARG CA     C  N S 15  
ARG C      C  N N 16  
ARG O      O  N N 17  
ARG CB     C  N N 18  
ARG CG     C  N N 19  
ARG CD     C  N N 20  
ARG NE     N  N N 21  
ARG CZ     C  N N 22  
ARG NH1    N  N N 23  
ARG NH2    N  N N 24  
ARG OXT    O  N N 25  
ARG H      H  N N 26  
ARG H2     H  N N 27  
ARG HA     H  N N 28  
ARG HB2    H  N N 29  
ARG HB3    H  N N 30  
ARG HG2    H  N N 31  
ARG HG3    H  N N 32  
ARG HD2    H  N N 33  
ARG HD3    H  N N 34  
ARG HE     H  N N 35  
ARG HH11   H  N N 36  
ARG HH12   H  N N 37  
ARG HH21   H  N N 38  
ARG HH22   H  N N 39  
ARG HXT    H  N N 40  
ASN N      N  N N 41  
ASN CA     C  N S 42  
ASN C      C  N N 43  
ASN O      O  N N 44  
ASN CB     C  N N 45  
ASN CG     C  N N 46  
ASN OD1    O  N N 47  
ASN ND2    N  N N 48  
ASN OXT    O  N N 49  
ASN H      H  N N 50  
ASN H2     H  N N 51  
ASN HA     H  N N 52  
ASN HB2    H  N N 53  
ASN HB3    H  N N 54  
ASN HD21   H  N N 55  
ASN HD22   H  N N 56  
ASN HXT    H  N N 57  
ASP N      N  N N 58  
ASP CA     C  N S 59  
ASP C      C  N N 60  
ASP O      O  N N 61  
ASP CB     C  N N 62  
ASP CG     C  N N 63  
ASP OD1    O  N N 64  
ASP OD2    O  N N 65  
ASP OXT    O  N N 66  
ASP H      H  N N 67  
ASP H2     H  N N 68  
ASP HA     H  N N 69  
ASP HB2    H  N N 70  
ASP HB3    H  N N 71  
ASP HD2    H  N N 72  
ASP HXT    H  N N 73  
CYS N      N  N N 74  
CYS CA     C  N R 75  
CYS C      C  N N 76  
CYS O      O  N N 77  
CYS CB     C  N N 78  
CYS SG     S  N N 79  
CYS OXT    O  N N 80  
CYS H      H  N N 81  
CYS H2     H  N N 82  
CYS HA     H  N N 83  
CYS HB2    H  N N 84  
CYS HB3    H  N N 85  
CYS HG     H  N N 86  
CYS HXT    H  N N 87  
DA  OP3    O  N N 88  
DA  P      P  N N 89  
DA  OP1    O  N N 90  
DA  OP2    O  N N 91  
DA  "O5'"  O  N N 92  
DA  "C5'"  C  N N 93  
DA  "C4'"  C  N R 94  
DA  "O4'"  O  N N 95  
DA  "C3'"  C  N S 96  
DA  "O3'"  O  N N 97  
DA  "C2'"  C  N N 98  
DA  "C1'"  C  N R 99  
DA  N9     N  Y N 100 
DA  C8     C  Y N 101 
DA  N7     N  Y N 102 
DA  C5     C  Y N 103 
DA  C6     C  Y N 104 
DA  N6     N  N N 105 
DA  N1     N  Y N 106 
DA  C2     C  Y N 107 
DA  N3     N  Y N 108 
DA  C4     C  Y N 109 
DA  HOP3   H  N N 110 
DA  HOP2   H  N N 111 
DA  "H5'"  H  N N 112 
DA  "H5''" H  N N 113 
DA  "H4'"  H  N N 114 
DA  "H3'"  H  N N 115 
DA  "HO3'" H  N N 116 
DA  "H2'"  H  N N 117 
DA  "H2''" H  N N 118 
DA  "H1'"  H  N N 119 
DA  H8     H  N N 120 
DA  H61    H  N N 121 
DA  H62    H  N N 122 
DA  H2     H  N N 123 
DC  OP3    O  N N 124 
DC  P      P  N N 125 
DC  OP1    O  N N 126 
DC  OP2    O  N N 127 
DC  "O5'"  O  N N 128 
DC  "C5'"  C  N N 129 
DC  "C4'"  C  N R 130 
DC  "O4'"  O  N N 131 
DC  "C3'"  C  N S 132 
DC  "O3'"  O  N N 133 
DC  "C2'"  C  N N 134 
DC  "C1'"  C  N R 135 
DC  N1     N  N N 136 
DC  C2     C  N N 137 
DC  O2     O  N N 138 
DC  N3     N  N N 139 
DC  C4     C  N N 140 
DC  N4     N  N N 141 
DC  C5     C  N N 142 
DC  C6     C  N N 143 
DC  HOP3   H  N N 144 
DC  HOP2   H  N N 145 
DC  "H5'"  H  N N 146 
DC  "H5''" H  N N 147 
DC  "H4'"  H  N N 148 
DC  "H3'"  H  N N 149 
DC  "HO3'" H  N N 150 
DC  "H2'"  H  N N 151 
DC  "H2''" H  N N 152 
DC  "H1'"  H  N N 153 
DC  H41    H  N N 154 
DC  H42    H  N N 155 
DC  H5     H  N N 156 
DC  H6     H  N N 157 
DG  OP3    O  N N 158 
DG  P      P  N N 159 
DG  OP1    O  N N 160 
DG  OP2    O  N N 161 
DG  "O5'"  O  N N 162 
DG  "C5'"  C  N N 163 
DG  "C4'"  C  N R 164 
DG  "O4'"  O  N N 165 
DG  "C3'"  C  N S 166 
DG  "O3'"  O  N N 167 
DG  "C2'"  C  N N 168 
DG  "C1'"  C  N R 169 
DG  N9     N  Y N 170 
DG  C8     C  Y N 171 
DG  N7     N  Y N 172 
DG  C5     C  Y N 173 
DG  C6     C  N N 174 
DG  O6     O  N N 175 
DG  N1     N  N N 176 
DG  C2     C  N N 177 
DG  N2     N  N N 178 
DG  N3     N  N N 179 
DG  C4     C  Y N 180 
DG  HOP3   H  N N 181 
DG  HOP2   H  N N 182 
DG  "H5'"  H  N N 183 
DG  "H5''" H  N N 184 
DG  "H4'"  H  N N 185 
DG  "H3'"  H  N N 186 
DG  "HO3'" H  N N 187 
DG  "H2'"  H  N N 188 
DG  "H2''" H  N N 189 
DG  "H1'"  H  N N 190 
DG  H8     H  N N 191 
DG  H1     H  N N 192 
DG  H21    H  N N 193 
DG  H22    H  N N 194 
DT  OP3    O  N N 195 
DT  P      P  N N 196 
DT  OP1    O  N N 197 
DT  OP2    O  N N 198 
DT  "O5'"  O  N N 199 
DT  "C5'"  C  N N 200 
DT  "C4'"  C  N R 201 
DT  "O4'"  O  N N 202 
DT  "C3'"  C  N S 203 
DT  "O3'"  O  N N 204 
DT  "C2'"  C  N N 205 
DT  "C1'"  C  N R 206 
DT  N1     N  N N 207 
DT  C2     C  N N 208 
DT  O2     O  N N 209 
DT  N3     N  N N 210 
DT  C4     C  N N 211 
DT  O4     O  N N 212 
DT  C5     C  N N 213 
DT  C7     C  N N 214 
DT  C6     C  N N 215 
DT  HOP3   H  N N 216 
DT  HOP2   H  N N 217 
DT  "H5'"  H  N N 218 
DT  "H5''" H  N N 219 
DT  "H4'"  H  N N 220 
DT  "H3'"  H  N N 221 
DT  "HO3'" H  N N 222 
DT  "H2'"  H  N N 223 
DT  "H2''" H  N N 224 
DT  "H1'"  H  N N 225 
DT  H3     H  N N 226 
DT  H71    H  N N 227 
DT  H72    H  N N 228 
DT  H73    H  N N 229 
DT  H6     H  N N 230 
GLN N      N  N N 231 
GLN CA     C  N S 232 
GLN C      C  N N 233 
GLN O      O  N N 234 
GLN CB     C  N N 235 
GLN CG     C  N N 236 
GLN CD     C  N N 237 
GLN OE1    O  N N 238 
GLN NE2    N  N N 239 
GLN OXT    O  N N 240 
GLN H      H  N N 241 
GLN H2     H  N N 242 
GLN HA     H  N N 243 
GLN HB2    H  N N 244 
GLN HB3    H  N N 245 
GLN HG2    H  N N 246 
GLN HG3    H  N N 247 
GLN HE21   H  N N 248 
GLN HE22   H  N N 249 
GLN HXT    H  N N 250 
GLU N      N  N N 251 
GLU CA     C  N S 252 
GLU C      C  N N 253 
GLU O      O  N N 254 
GLU CB     C  N N 255 
GLU CG     C  N N 256 
GLU CD     C  N N 257 
GLU OE1    O  N N 258 
GLU OE2    O  N N 259 
GLU OXT    O  N N 260 
GLU H      H  N N 261 
GLU H2     H  N N 262 
GLU HA     H  N N 263 
GLU HB2    H  N N 264 
GLU HB3    H  N N 265 
GLU HG2    H  N N 266 
GLU HG3    H  N N 267 
GLU HE2    H  N N 268 
GLU HXT    H  N N 269 
GLY N      N  N N 270 
GLY CA     C  N N 271 
GLY C      C  N N 272 
GLY O      O  N N 273 
GLY OXT    O  N N 274 
GLY H      H  N N 275 
GLY H2     H  N N 276 
GLY HA2    H  N N 277 
GLY HA3    H  N N 278 
GLY HXT    H  N N 279 
HIS N      N  N N 280 
HIS CA     C  N S 281 
HIS C      C  N N 282 
HIS O      O  N N 283 
HIS CB     C  N N 284 
HIS CG     C  Y N 285 
HIS ND1    N  Y N 286 
HIS CD2    C  Y N 287 
HIS CE1    C  Y N 288 
HIS NE2    N  Y N 289 
HIS OXT    O  N N 290 
HIS H      H  N N 291 
HIS H2     H  N N 292 
HIS HA     H  N N 293 
HIS HB2    H  N N 294 
HIS HB3    H  N N 295 
HIS HD1    H  N N 296 
HIS HD2    H  N N 297 
HIS HE1    H  N N 298 
HIS HE2    H  N N 299 
HIS HXT    H  N N 300 
HOH O      O  N N 301 
HOH H1     H  N N 302 
HOH H2     H  N N 303 
ILE N      N  N N 304 
ILE CA     C  N S 305 
ILE C      C  N N 306 
ILE O      O  N N 307 
ILE CB     C  N S 308 
ILE CG1    C  N N 309 
ILE CG2    C  N N 310 
ILE CD1    C  N N 311 
ILE OXT    O  N N 312 
ILE H      H  N N 313 
ILE H2     H  N N 314 
ILE HA     H  N N 315 
ILE HB     H  N N 316 
ILE HG12   H  N N 317 
ILE HG13   H  N N 318 
ILE HG21   H  N N 319 
ILE HG22   H  N N 320 
ILE HG23   H  N N 321 
ILE HD11   H  N N 322 
ILE HD12   H  N N 323 
ILE HD13   H  N N 324 
ILE HXT    H  N N 325 
LEU N      N  N N 326 
LEU CA     C  N S 327 
LEU C      C  N N 328 
LEU O      O  N N 329 
LEU CB     C  N N 330 
LEU CG     C  N N 331 
LEU CD1    C  N N 332 
LEU CD2    C  N N 333 
LEU OXT    O  N N 334 
LEU H      H  N N 335 
LEU H2     H  N N 336 
LEU HA     H  N N 337 
LEU HB2    H  N N 338 
LEU HB3    H  N N 339 
LEU HG     H  N N 340 
LEU HD11   H  N N 341 
LEU HD12   H  N N 342 
LEU HD13   H  N N 343 
LEU HD21   H  N N 344 
LEU HD22   H  N N 345 
LEU HD23   H  N N 346 
LEU HXT    H  N N 347 
LYS N      N  N N 348 
LYS CA     C  N S 349 
LYS C      C  N N 350 
LYS O      O  N N 351 
LYS CB     C  N N 352 
LYS CG     C  N N 353 
LYS CD     C  N N 354 
LYS CE     C  N N 355 
LYS NZ     N  N N 356 
LYS OXT    O  N N 357 
LYS H      H  N N 358 
LYS H2     H  N N 359 
LYS HA     H  N N 360 
LYS HB2    H  N N 361 
LYS HB3    H  N N 362 
LYS HG2    H  N N 363 
LYS HG3    H  N N 364 
LYS HD2    H  N N 365 
LYS HD3    H  N N 366 
LYS HE2    H  N N 367 
LYS HE3    H  N N 368 
LYS HZ1    H  N N 369 
LYS HZ2    H  N N 370 
LYS HZ3    H  N N 371 
LYS HXT    H  N N 372 
MET N      N  N N 373 
MET CA     C  N S 374 
MET C      C  N N 375 
MET O      O  N N 376 
MET CB     C  N N 377 
MET CG     C  N N 378 
MET SD     S  N N 379 
MET CE     C  N N 380 
MET OXT    O  N N 381 
MET H      H  N N 382 
MET H2     H  N N 383 
MET HA     H  N N 384 
MET HB2    H  N N 385 
MET HB3    H  N N 386 
MET HG2    H  N N 387 
MET HG3    H  N N 388 
MET HE1    H  N N 389 
MET HE2    H  N N 390 
MET HE3    H  N N 391 
MET HXT    H  N N 392 
PHE N      N  N N 393 
PHE CA     C  N S 394 
PHE C      C  N N 395 
PHE O      O  N N 396 
PHE CB     C  N N 397 
PHE CG     C  Y N 398 
PHE CD1    C  Y N 399 
PHE CD2    C  Y N 400 
PHE CE1    C  Y N 401 
PHE CE2    C  Y N 402 
PHE CZ     C  Y N 403 
PHE OXT    O  N N 404 
PHE H      H  N N 405 
PHE H2     H  N N 406 
PHE HA     H  N N 407 
PHE HB2    H  N N 408 
PHE HB3    H  N N 409 
PHE HD1    H  N N 410 
PHE HD2    H  N N 411 
PHE HE1    H  N N 412 
PHE HE2    H  N N 413 
PHE HZ     H  N N 414 
PHE HXT    H  N N 415 
PRO N      N  N N 416 
PRO CA     C  N S 417 
PRO C      C  N N 418 
PRO O      O  N N 419 
PRO CB     C  N N 420 
PRO CG     C  N N 421 
PRO CD     C  N N 422 
PRO OXT    O  N N 423 
PRO H      H  N N 424 
PRO HA     H  N N 425 
PRO HB2    H  N N 426 
PRO HB3    H  N N 427 
PRO HG2    H  N N 428 
PRO HG3    H  N N 429 
PRO HD2    H  N N 430 
PRO HD3    H  N N 431 
PRO HXT    H  N N 432 
SER N      N  N N 433 
SER CA     C  N S 434 
SER C      C  N N 435 
SER O      O  N N 436 
SER CB     C  N N 437 
SER OG     O  N N 438 
SER OXT    O  N N 439 
SER H      H  N N 440 
SER H2     H  N N 441 
SER HA     H  N N 442 
SER HB2    H  N N 443 
SER HB3    H  N N 444 
SER HG     H  N N 445 
SER HXT    H  N N 446 
THR N      N  N N 447 
THR CA     C  N S 448 
THR C      C  N N 449 
THR O      O  N N 450 
THR CB     C  N R 451 
THR OG1    O  N N 452 
THR CG2    C  N N 453 
THR OXT    O  N N 454 
THR H      H  N N 455 
THR H2     H  N N 456 
THR HA     H  N N 457 
THR HB     H  N N 458 
THR HG1    H  N N 459 
THR HG21   H  N N 460 
THR HG22   H  N N 461 
THR HG23   H  N N 462 
THR HXT    H  N N 463 
TYR N      N  N N 464 
TYR CA     C  N S 465 
TYR C      C  N N 466 
TYR O      O  N N 467 
TYR CB     C  N N 468 
TYR CG     C  Y N 469 
TYR CD1    C  Y N 470 
TYR CD2    C  Y N 471 
TYR CE1    C  Y N 472 
TYR CE2    C  Y N 473 
TYR CZ     C  Y N 474 
TYR OH     O  N N 475 
TYR OXT    O  N N 476 
TYR H      H  N N 477 
TYR H2     H  N N 478 
TYR HA     H  N N 479 
TYR HB2    H  N N 480 
TYR HB3    H  N N 481 
TYR HD1    H  N N 482 
TYR HD2    H  N N 483 
TYR HE1    H  N N 484 
TYR HE2    H  N N 485 
TYR HH     H  N N 486 
TYR HXT    H  N N 487 
VAL N      N  N N 488 
VAL CA     C  N S 489 
VAL C      C  N N 490 
VAL O      O  N N 491 
VAL CB     C  N N 492 
VAL CG1    C  N N 493 
VAL CG2    C  N N 494 
VAL OXT    O  N N 495 
VAL H      H  N N 496 
VAL H2     H  N N 497 
VAL HA     H  N N 498 
VAL HB     H  N N 499 
VAL HG11   H  N N 500 
VAL HG12   H  N N 501 
VAL HG13   H  N N 502 
VAL HG21   H  N N 503 
VAL HG22   H  N N 504 
VAL HG23   H  N N 505 
VAL HXT    H  N N 506 
ZN  ZN     ZN N N 507 
# 
loop_
_chem_comp_bond.comp_id 
_chem_comp_bond.atom_id_1 
_chem_comp_bond.atom_id_2 
_chem_comp_bond.value_order 
_chem_comp_bond.pdbx_aromatic_flag 
_chem_comp_bond.pdbx_stereo_config 
_chem_comp_bond.pdbx_ordinal 
ALA N     CA     sing N N 1   
ALA N     H      sing N N 2   
ALA N     H2     sing N N 3   
ALA CA    C      sing N N 4   
ALA CA    CB     sing N N 5   
ALA CA    HA     sing N N 6   
ALA C     O      doub N N 7   
ALA C     OXT    sing N N 8   
ALA CB    HB1    sing N N 9   
ALA CB    HB2    sing N N 10  
ALA CB    HB3    sing N N 11  
ALA OXT   HXT    sing N N 12  
ARG N     CA     sing N N 13  
ARG N     H      sing N N 14  
ARG N     H2     sing N N 15  
ARG CA    C      sing N N 16  
ARG CA    CB     sing N N 17  
ARG CA    HA     sing N N 18  
ARG C     O      doub N N 19  
ARG C     OXT    sing N N 20  
ARG CB    CG     sing N N 21  
ARG CB    HB2    sing N N 22  
ARG CB    HB3    sing N N 23  
ARG CG    CD     sing N N 24  
ARG CG    HG2    sing N N 25  
ARG CG    HG3    sing N N 26  
ARG CD    NE     sing N N 27  
ARG CD    HD2    sing N N 28  
ARG CD    HD3    sing N N 29  
ARG NE    CZ     sing N N 30  
ARG NE    HE     sing N N 31  
ARG CZ    NH1    sing N N 32  
ARG CZ    NH2    doub N N 33  
ARG NH1   HH11   sing N N 34  
ARG NH1   HH12   sing N N 35  
ARG NH2   HH21   sing N N 36  
ARG NH2   HH22   sing N N 37  
ARG OXT   HXT    sing N N 38  
ASN N     CA     sing N N 39  
ASN N     H      sing N N 40  
ASN N     H2     sing N N 41  
ASN CA    C      sing N N 42  
ASN CA    CB     sing N N 43  
ASN CA    HA     sing N N 44  
ASN C     O      doub N N 45  
ASN C     OXT    sing N N 46  
ASN CB    CG     sing N N 47  
ASN CB    HB2    sing N N 48  
ASN CB    HB3    sing N N 49  
ASN CG    OD1    doub N N 50  
ASN CG    ND2    sing N N 51  
ASN ND2   HD21   sing N N 52  
ASN ND2   HD22   sing N N 53  
ASN OXT   HXT    sing N N 54  
ASP N     CA     sing N N 55  
ASP N     H      sing N N 56  
ASP N     H2     sing N N 57  
ASP CA    C      sing N N 58  
ASP CA    CB     sing N N 59  
ASP CA    HA     sing N N 60  
ASP C     O      doub N N 61  
ASP C     OXT    sing N N 62  
ASP CB    CG     sing N N 63  
ASP CB    HB2    sing N N 64  
ASP CB    HB3    sing N N 65  
ASP CG    OD1    doub N N 66  
ASP CG    OD2    sing N N 67  
ASP OD2   HD2    sing N N 68  
ASP OXT   HXT    sing N N 69  
CYS N     CA     sing N N 70  
CYS N     H      sing N N 71  
CYS N     H2     sing N N 72  
CYS CA    C      sing N N 73  
CYS CA    CB     sing N N 74  
CYS CA    HA     sing N N 75  
CYS C     O      doub N N 76  
CYS C     OXT    sing N N 77  
CYS CB    SG     sing N N 78  
CYS CB    HB2    sing N N 79  
CYS CB    HB3    sing N N 80  
CYS SG    HG     sing N N 81  
CYS OXT   HXT    sing N N 82  
DA  OP3   P      sing N N 83  
DA  OP3   HOP3   sing N N 84  
DA  P     OP1    doub N N 85  
DA  P     OP2    sing N N 86  
DA  P     "O5'"  sing N N 87  
DA  OP2   HOP2   sing N N 88  
DA  "O5'" "C5'"  sing N N 89  
DA  "C5'" "C4'"  sing N N 90  
DA  "C5'" "H5'"  sing N N 91  
DA  "C5'" "H5''" sing N N 92  
DA  "C4'" "O4'"  sing N N 93  
DA  "C4'" "C3'"  sing N N 94  
DA  "C4'" "H4'"  sing N N 95  
DA  "O4'" "C1'"  sing N N 96  
DA  "C3'" "O3'"  sing N N 97  
DA  "C3'" "C2'"  sing N N 98  
DA  "C3'" "H3'"  sing N N 99  
DA  "O3'" "HO3'" sing N N 100 
DA  "C2'" "C1'"  sing N N 101 
DA  "C2'" "H2'"  sing N N 102 
DA  "C2'" "H2''" sing N N 103 
DA  "C1'" N9     sing N N 104 
DA  "C1'" "H1'"  sing N N 105 
DA  N9    C8     sing Y N 106 
DA  N9    C4     sing Y N 107 
DA  C8    N7     doub Y N 108 
DA  C8    H8     sing N N 109 
DA  N7    C5     sing Y N 110 
DA  C5    C6     sing Y N 111 
DA  C5    C4     doub Y N 112 
DA  C6    N6     sing N N 113 
DA  C6    N1     doub Y N 114 
DA  N6    H61    sing N N 115 
DA  N6    H62    sing N N 116 
DA  N1    C2     sing Y N 117 
DA  C2    N3     doub Y N 118 
DA  C2    H2     sing N N 119 
DA  N3    C4     sing Y N 120 
DC  OP3   P      sing N N 121 
DC  OP3   HOP3   sing N N 122 
DC  P     OP1    doub N N 123 
DC  P     OP2    sing N N 124 
DC  P     "O5'"  sing N N 125 
DC  OP2   HOP2   sing N N 126 
DC  "O5'" "C5'"  sing N N 127 
DC  "C5'" "C4'"  sing N N 128 
DC  "C5'" "H5'"  sing N N 129 
DC  "C5'" "H5''" sing N N 130 
DC  "C4'" "O4'"  sing N N 131 
DC  "C4'" "C3'"  sing N N 132 
DC  "C4'" "H4'"  sing N N 133 
DC  "O4'" "C1'"  sing N N 134 
DC  "C3'" "O3'"  sing N N 135 
DC  "C3'" "C2'"  sing N N 136 
DC  "C3'" "H3'"  sing N N 137 
DC  "O3'" "HO3'" sing N N 138 
DC  "C2'" "C1'"  sing N N 139 
DC  "C2'" "H2'"  sing N N 140 
DC  "C2'" "H2''" sing N N 141 
DC  "C1'" N1     sing N N 142 
DC  "C1'" "H1'"  sing N N 143 
DC  N1    C2     sing N N 144 
DC  N1    C6     sing N N 145 
DC  C2    O2     doub N N 146 
DC  C2    N3     sing N N 147 
DC  N3    C4     doub N N 148 
DC  C4    N4     sing N N 149 
DC  C4    C5     sing N N 150 
DC  N4    H41    sing N N 151 
DC  N4    H42    sing N N 152 
DC  C5    C6     doub N N 153 
DC  C5    H5     sing N N 154 
DC  C6    H6     sing N N 155 
DG  OP3   P      sing N N 156 
DG  OP3   HOP3   sing N N 157 
DG  P     OP1    doub N N 158 
DG  P     OP2    sing N N 159 
DG  P     "O5'"  sing N N 160 
DG  OP2   HOP2   sing N N 161 
DG  "O5'" "C5'"  sing N N 162 
DG  "C5'" "C4'"  sing N N 163 
DG  "C5'" "H5'"  sing N N 164 
DG  "C5'" "H5''" sing N N 165 
DG  "C4'" "O4'"  sing N N 166 
DG  "C4'" "C3'"  sing N N 167 
DG  "C4'" "H4'"  sing N N 168 
DG  "O4'" "C1'"  sing N N 169 
DG  "C3'" "O3'"  sing N N 170 
DG  "C3'" "C2'"  sing N N 171 
DG  "C3'" "H3'"  sing N N 172 
DG  "O3'" "HO3'" sing N N 173 
DG  "C2'" "C1'"  sing N N 174 
DG  "C2'" "H2'"  sing N N 175 
DG  "C2'" "H2''" sing N N 176 
DG  "C1'" N9     sing N N 177 
DG  "C1'" "H1'"  sing N N 178 
DG  N9    C8     sing Y N 179 
DG  N9    C4     sing Y N 180 
DG  C8    N7     doub Y N 181 
DG  C8    H8     sing N N 182 
DG  N7    C5     sing Y N 183 
DG  C5    C6     sing N N 184 
DG  C5    C4     doub Y N 185 
DG  C6    O6     doub N N 186 
DG  C6    N1     sing N N 187 
DG  N1    C2     sing N N 188 
DG  N1    H1     sing N N 189 
DG  C2    N2     sing N N 190 
DG  C2    N3     doub N N 191 
DG  N2    H21    sing N N 192 
DG  N2    H22    sing N N 193 
DG  N3    C4     sing N N 194 
DT  OP3   P      sing N N 195 
DT  OP3   HOP3   sing N N 196 
DT  P     OP1    doub N N 197 
DT  P     OP2    sing N N 198 
DT  P     "O5'"  sing N N 199 
DT  OP2   HOP2   sing N N 200 
DT  "O5'" "C5'"  sing N N 201 
DT  "C5'" "C4'"  sing N N 202 
DT  "C5'" "H5'"  sing N N 203 
DT  "C5'" "H5''" sing N N 204 
DT  "C4'" "O4'"  sing N N 205 
DT  "C4'" "C3'"  sing N N 206 
DT  "C4'" "H4'"  sing N N 207 
DT  "O4'" "C1'"  sing N N 208 
DT  "C3'" "O3'"  sing N N 209 
DT  "C3'" "C2'"  sing N N 210 
DT  "C3'" "H3'"  sing N N 211 
DT  "O3'" "HO3'" sing N N 212 
DT  "C2'" "C1'"  sing N N 213 
DT  "C2'" "H2'"  sing N N 214 
DT  "C2'" "H2''" sing N N 215 
DT  "C1'" N1     sing N N 216 
DT  "C1'" "H1'"  sing N N 217 
DT  N1    C2     sing N N 218 
DT  N1    C6     sing N N 219 
DT  C2    O2     doub N N 220 
DT  C2    N3     sing N N 221 
DT  N3    C4     sing N N 222 
DT  N3    H3     sing N N 223 
DT  C4    O4     doub N N 224 
DT  C4    C5     sing N N 225 
DT  C5    C7     sing N N 226 
DT  C5    C6     doub N N 227 
DT  C7    H71    sing N N 228 
DT  C7    H72    sing N N 229 
DT  C7    H73    sing N N 230 
DT  C6    H6     sing N N 231 
GLN N     CA     sing N N 232 
GLN N     H      sing N N 233 
GLN N     H2     sing N N 234 
GLN CA    C      sing N N 235 
GLN CA    CB     sing N N 236 
GLN CA    HA     sing N N 237 
GLN C     O      doub N N 238 
GLN C     OXT    sing N N 239 
GLN CB    CG     sing N N 240 
GLN CB    HB2    sing N N 241 
GLN CB    HB3    sing N N 242 
GLN CG    CD     sing N N 243 
GLN CG    HG2    sing N N 244 
GLN CG    HG3    sing N N 245 
GLN CD    OE1    doub N N 246 
GLN CD    NE2    sing N N 247 
GLN NE2   HE21   sing N N 248 
GLN NE2   HE22   sing N N 249 
GLN OXT   HXT    sing N N 250 
GLU N     CA     sing N N 251 
GLU N     H      sing N N 252 
GLU N     H2     sing N N 253 
GLU CA    C      sing N N 254 
GLU CA    CB     sing N N 255 
GLU CA    HA     sing N N 256 
GLU C     O      doub N N 257 
GLU C     OXT    sing N N 258 
GLU CB    CG     sing N N 259 
GLU CB    HB2    sing N N 260 
GLU CB    HB3    sing N N 261 
GLU CG    CD     sing N N 262 
GLU CG    HG2    sing N N 263 
GLU CG    HG3    sing N N 264 
GLU CD    OE1    doub N N 265 
GLU CD    OE2    sing N N 266 
GLU OE2   HE2    sing N N 267 
GLU OXT   HXT    sing N N 268 
GLY N     CA     sing N N 269 
GLY N     H      sing N N 270 
GLY N     H2     sing N N 271 
GLY CA    C      sing N N 272 
GLY CA    HA2    sing N N 273 
GLY CA    HA3    sing N N 274 
GLY C     O      doub N N 275 
GLY C     OXT    sing N N 276 
GLY OXT   HXT    sing N N 277 
HIS N     CA     sing N N 278 
HIS N     H      sing N N 279 
HIS N     H2     sing N N 280 
HIS CA    C      sing N N 281 
HIS CA    CB     sing N N 282 
HIS CA    HA     sing N N 283 
HIS C     O      doub N N 284 
HIS C     OXT    sing N N 285 
HIS CB    CG     sing N N 286 
HIS CB    HB2    sing N N 287 
HIS CB    HB3    sing N N 288 
HIS CG    ND1    sing Y N 289 
HIS CG    CD2    doub Y N 290 
HIS ND1   CE1    doub Y N 291 
HIS ND1   HD1    sing N N 292 
HIS CD2   NE2    sing Y N 293 
HIS CD2   HD2    sing N N 294 
HIS CE1   NE2    sing Y N 295 
HIS CE1   HE1    sing N N 296 
HIS NE2   HE2    sing N N 297 
HIS OXT   HXT    sing N N 298 
HOH O     H1     sing N N 299 
HOH O     H2     sing N N 300 
ILE N     CA     sing N N 301 
ILE N     H      sing N N 302 
ILE N     H2     sing N N 303 
ILE CA    C      sing N N 304 
ILE CA    CB     sing N N 305 
ILE CA    HA     sing N N 306 
ILE C     O      doub N N 307 
ILE C     OXT    sing N N 308 
ILE CB    CG1    sing N N 309 
ILE CB    CG2    sing N N 310 
ILE CB    HB     sing N N 311 
ILE CG1   CD1    sing N N 312 
ILE CG1   HG12   sing N N 313 
ILE CG1   HG13   sing N N 314 
ILE CG2   HG21   sing N N 315 
ILE CG2   HG22   sing N N 316 
ILE CG2   HG23   sing N N 317 
ILE CD1   HD11   sing N N 318 
ILE CD1   HD12   sing N N 319 
ILE CD1   HD13   sing N N 320 
ILE OXT   HXT    sing N N 321 
LEU N     CA     sing N N 322 
LEU N     H      sing N N 323 
LEU N     H2     sing N N 324 
LEU CA    C      sing N N 325 
LEU CA    CB     sing N N 326 
LEU CA    HA     sing N N 327 
LEU C     O      doub N N 328 
LEU C     OXT    sing N N 329 
LEU CB    CG     sing N N 330 
LEU CB    HB2    sing N N 331 
LEU CB    HB3    sing N N 332 
LEU CG    CD1    sing N N 333 
LEU CG    CD2    sing N N 334 
LEU CG    HG     sing N N 335 
LEU CD1   HD11   sing N N 336 
LEU CD1   HD12   sing N N 337 
LEU CD1   HD13   sing N N 338 
LEU CD2   HD21   sing N N 339 
LEU CD2   HD22   sing N N 340 
LEU CD2   HD23   sing N N 341 
LEU OXT   HXT    sing N N 342 
LYS N     CA     sing N N 343 
LYS N     H      sing N N 344 
LYS N     H2     sing N N 345 
LYS CA    C      sing N N 346 
LYS CA    CB     sing N N 347 
LYS CA    HA     sing N N 348 
LYS C     O      doub N N 349 
LYS C     OXT    sing N N 350 
LYS CB    CG     sing N N 351 
LYS CB    HB2    sing N N 352 
LYS CB    HB3    sing N N 353 
LYS CG    CD     sing N N 354 
LYS CG    HG2    sing N N 355 
LYS CG    HG3    sing N N 356 
LYS CD    CE     sing N N 357 
LYS CD    HD2    sing N N 358 
LYS CD    HD3    sing N N 359 
LYS CE    NZ     sing N N 360 
LYS CE    HE2    sing N N 361 
LYS CE    HE3    sing N N 362 
LYS NZ    HZ1    sing N N 363 
LYS NZ    HZ2    sing N N 364 
LYS NZ    HZ3    sing N N 365 
LYS OXT   HXT    sing N N 366 
MET N     CA     sing N N 367 
MET N     H      sing N N 368 
MET N     H2     sing N N 369 
MET CA    C      sing N N 370 
MET CA    CB     sing N N 371 
MET CA    HA     sing N N 372 
MET C     O      doub N N 373 
MET C     OXT    sing N N 374 
MET CB    CG     sing N N 375 
MET CB    HB2    sing N N 376 
MET CB    HB3    sing N N 377 
MET CG    SD     sing N N 378 
MET CG    HG2    sing N N 379 
MET CG    HG3    sing N N 380 
MET SD    CE     sing N N 381 
MET CE    HE1    sing N N 382 
MET CE    HE2    sing N N 383 
MET CE    HE3    sing N N 384 
MET OXT   HXT    sing N N 385 
PHE N     CA     sing N N 386 
PHE N     H      sing N N 387 
PHE N     H2     sing N N 388 
PHE CA    C      sing N N 389 
PHE CA    CB     sing N N 390 
PHE CA    HA     sing N N 391 
PHE C     O      doub N N 392 
PHE C     OXT    sing N N 393 
PHE CB    CG     sing N N 394 
PHE CB    HB2    sing N N 395 
PHE CB    HB3    sing N N 396 
PHE CG    CD1    doub Y N 397 
PHE CG    CD2    sing Y N 398 
PHE CD1   CE1    sing Y N 399 
PHE CD1   HD1    sing N N 400 
PHE CD2   CE2    doub Y N 401 
PHE CD2   HD2    sing N N 402 
PHE CE1   CZ     doub Y N 403 
PHE CE1   HE1    sing N N 404 
PHE CE2   CZ     sing Y N 405 
PHE CE2   HE2    sing N N 406 
PHE CZ    HZ     sing N N 407 
PHE OXT   HXT    sing N N 408 
PRO N     CA     sing N N 409 
PRO N     CD     sing N N 410 
PRO N     H      sing N N 411 
PRO CA    C      sing N N 412 
PRO CA    CB     sing N N 413 
PRO CA    HA     sing N N 414 
PRO C     O      doub N N 415 
PRO C     OXT    sing N N 416 
PRO CB    CG     sing N N 417 
PRO CB    HB2    sing N N 418 
PRO CB    HB3    sing N N 419 
PRO CG    CD     sing N N 420 
PRO CG    HG2    sing N N 421 
PRO CG    HG3    sing N N 422 
PRO CD    HD2    sing N N 423 
PRO CD    HD3    sing N N 424 
PRO OXT   HXT    sing N N 425 
SER N     CA     sing N N 426 
SER N     H      sing N N 427 
SER N     H2     sing N N 428 
SER CA    C      sing N N 429 
SER CA    CB     sing N N 430 
SER CA    HA     sing N N 431 
SER C     O      doub N N 432 
SER C     OXT    sing N N 433 
SER CB    OG     sing N N 434 
SER CB    HB2    sing N N 435 
SER CB    HB3    sing N N 436 
SER OG    HG     sing N N 437 
SER OXT   HXT    sing N N 438 
THR N     CA     sing N N 439 
THR N     H      sing N N 440 
THR N     H2     sing N N 441 
THR CA    C      sing N N 442 
THR CA    CB     sing N N 443 
THR CA    HA     sing N N 444 
THR C     O      doub N N 445 
THR C     OXT    sing N N 446 
THR CB    OG1    sing N N 447 
THR CB    CG2    sing N N 448 
THR CB    HB     sing N N 449 
THR OG1   HG1    sing N N 450 
THR CG2   HG21   sing N N 451 
THR CG2   HG22   sing N N 452 
THR CG2   HG23   sing N N 453 
THR OXT   HXT    sing N N 454 
TYR N     CA     sing N N 455 
TYR N     H      sing N N 456 
TYR N     H2     sing N N 457 
TYR CA    C      sing N N 458 
TYR CA    CB     sing N N 459 
TYR CA    HA     sing N N 460 
TYR C     O      doub N N 461 
TYR C     OXT    sing N N 462 
TYR CB    CG     sing N N 463 
TYR CB    HB2    sing N N 464 
TYR CB    HB3    sing N N 465 
TYR CG    CD1    doub Y N 466 
TYR CG    CD2    sing Y N 467 
TYR CD1   CE1    sing Y N 468 
TYR CD1   HD1    sing N N 469 
TYR CD2   CE2    doub Y N 470 
TYR CD2   HD2    sing N N 471 
TYR CE1   CZ     doub Y N 472 
TYR CE1   HE1    sing N N 473 
TYR CE2   CZ     sing Y N 474 
TYR CE2   HE2    sing N N 475 
TYR CZ    OH     sing N N 476 
TYR OH    HH     sing N N 477 
TYR OXT   HXT    sing N N 478 
VAL N     CA     sing N N 479 
VAL N     H      sing N N 480 
VAL N     H2     sing N N 481 
VAL CA    C      sing N N 482 
VAL CA    CB     sing N N 483 
VAL CA    HA     sing N N 484 
VAL C     O      doub N N 485 
VAL C     OXT    sing N N 486 
VAL CB    CG1    sing N N 487 
VAL CB    CG2    sing N N 488 
VAL CB    HB     sing N N 489 
VAL CG1   HG11   sing N N 490 
VAL CG1   HG12   sing N N 491 
VAL CG1   HG13   sing N N 492 
VAL CG2   HG21   sing N N 493 
VAL CG2   HG22   sing N N 494 
VAL CG2   HG23   sing N N 495 
VAL OXT   HXT    sing N N 496 
# 
loop_
_ndb_struct_conf_na.entry_id 
_ndb_struct_conf_na.feature 
1CIT 'double helix'        
1CIT 'b-form double helix' 
# 
loop_
_ndb_struct_na_base_pair.model_number 
_ndb_struct_na_base_pair.i_label_asym_id 
_ndb_struct_na_base_pair.i_label_comp_id 
_ndb_struct_na_base_pair.i_label_seq_id 
_ndb_struct_na_base_pair.i_symmetry 
_ndb_struct_na_base_pair.j_label_asym_id 
_ndb_struct_na_base_pair.j_label_comp_id 
_ndb_struct_na_base_pair.j_label_seq_id 
_ndb_struct_na_base_pair.j_symmetry 
_ndb_struct_na_base_pair.shear 
_ndb_struct_na_base_pair.stretch 
_ndb_struct_na_base_pair.stagger 
_ndb_struct_na_base_pair.buckle 
_ndb_struct_na_base_pair.propeller 
_ndb_struct_na_base_pair.opening 
_ndb_struct_na_base_pair.pair_number 
_ndb_struct_na_base_pair.pair_name 
_ndb_struct_na_base_pair.i_auth_asym_id 
_ndb_struct_na_base_pair.i_auth_seq_id 
_ndb_struct_na_base_pair.i_PDB_ins_code 
_ndb_struct_na_base_pair.j_auth_asym_id 
_ndb_struct_na_base_pair.j_auth_seq_id 
_ndb_struct_na_base_pair.j_PDB_ins_code 
_ndb_struct_na_base_pair.hbond_type_28 
_ndb_struct_na_base_pair.hbond_type_12 
1 A DC 1  1_555 B DG 16 1_555 -1.633 -0.171 0.601  -4.819  -7.527  -9.845  1  B_DC402:DG434_C B 402 ? C 434 ? 19 1 
1 A DC 2  1_555 B DG 15 1_555 -0.598 -0.451 0.144  3.477   -11.654 -1.262  2  B_DC403:DG433_C B 403 ? C 433 ? 19 1 
1 A DG 3  1_555 B DC 14 1_555 -0.106 -0.104 -0.036 -7.130  -8.128  0.691   3  B_DG404:DC432_C B 404 ? C 432 ? 19 1 
1 A DA 4  1_555 B DT 13 1_555 0.285  -0.003 -0.158 -3.355  -8.947  -5.251  4  B_DA405:DT431_C B 405 ? C 431 ? 20 1 
1 A DA 5  1_555 B DT 12 1_555 0.703  -0.331 0.087  2.333   -14.985 2.157   5  B_DA406:DT430_C B 406 ? C 430 ? 20 1 
1 A DA 6  1_555 B DT 11 1_555 0.455  -0.315 -0.069 7.823   -10.155 -0.199  6  B_DA407:DT429_C B 407 ? C 429 ? 20 1 
1 A DA 7  1_555 B DT 10 1_555 -0.487 -0.152 -0.296 -3.434  -3.622  -6.296  7  B_DA408:DT428_C B 408 ? C 428 ? 20 1 
1 A DG 8  1_555 B DC 9  1_555 0.461  -0.195 0.276  3.274   -0.734  -1.369  8  B_DG409:DC427_C B 409 ? C 427 ? 19 1 
1 A DG 9  1_555 B DC 8  1_555 -0.075 -0.120 -0.185 -11.512 -8.812  0.740   9  B_DG410:DC426_C B 410 ? C 426 ? 19 1 
1 A DT 10 1_555 B DA 7  1_555 -0.436 0.130  0.651  -8.856  -9.643  10.781  10 B_DT411:DA425_C B 411 ? C 425 ? ?  ? 
1 A DC 11 1_555 B DG 6  1_555 0.367  0.419  0.098  0.094   2.593   13.135  11 B_DC412:DG424_C B 412 ? C 424 ? ?  1 
1 A DA 12 1_555 B DT 5  1_555 1.039  0.284  0.464  5.626   -18.265 6.868   12 B_DA413:DT423_C B 413 ? C 423 ? ?  ? 
1 A DT 13 1_555 B DA 4  1_555 -0.060 -0.115 0.164  2.033   -9.356  3.461   13 B_DT414:DA422_C B 414 ? C 422 ? 20 1 
1 A DG 14 1_555 B DC 3  1_555 0.721  -0.155 0.335  6.622   -9.604  -6.593  14 B_DG415:DC421_C B 415 ? C 421 ? 19 1 
1 A DC 15 1_555 B DG 2  1_555 -1.528 -0.164 -0.335 11.385  -6.926  -17.562 15 B_DC416:DG420_C B 416 ? C 420 ? ?  1 
1 A DG 16 1_555 B DC 1  1_555 1.132  -0.433 0.565  0.000   -12.866 -9.335  16 B_DG417:DC419_C B 417 ? C 419 ? 19 1 
# 
loop_
_ndb_struct_na_base_pair_step.model_number 
_ndb_struct_na_base_pair_step.i_label_asym_id_1 
_ndb_struct_na_base_pair_step.i_label_comp_id_1 
_ndb_struct_na_base_pair_step.i_label_seq_id_1 
_ndb_struct_na_base_pair_step.i_symmetry_1 
_ndb_struct_na_base_pair_step.j_label_asym_id_1 
_ndb_struct_na_base_pair_step.j_label_comp_id_1 
_ndb_struct_na_base_pair_step.j_label_seq_id_1 
_ndb_struct_na_base_pair_step.j_symmetry_1 
_ndb_struct_na_base_pair_step.i_label_asym_id_2 
_ndb_struct_na_base_pair_step.i_label_comp_id_2 
_ndb_struct_na_base_pair_step.i_label_seq_id_2 
_ndb_struct_na_base_pair_step.i_symmetry_2 
_ndb_struct_na_base_pair_step.j_label_asym_id_2 
_ndb_struct_na_base_pair_step.j_label_comp_id_2 
_ndb_struct_na_base_pair_step.j_label_seq_id_2 
_ndb_struct_na_base_pair_step.j_symmetry_2 
_ndb_struct_na_base_pair_step.shift 
_ndb_struct_na_base_pair_step.slide 
_ndb_struct_na_base_pair_step.rise 
_ndb_struct_na_base_pair_step.tilt 
_ndb_struct_na_base_pair_step.roll 
_ndb_struct_na_base_pair_step.twist 
_ndb_struct_na_base_pair_step.x_displacement 
_ndb_struct_na_base_pair_step.y_displacement 
_ndb_struct_na_base_pair_step.helical_rise 
_ndb_struct_na_base_pair_step.inclination 
_ndb_struct_na_base_pair_step.tip 
_ndb_struct_na_base_pair_step.helical_twist 
_ndb_struct_na_base_pair_step.step_number 
_ndb_struct_na_base_pair_step.step_name 
_ndb_struct_na_base_pair_step.i_auth_asym_id_1 
_ndb_struct_na_base_pair_step.i_auth_seq_id_1 
_ndb_struct_na_base_pair_step.i_PDB_ins_code_1 
_ndb_struct_na_base_pair_step.j_auth_asym_id_1 
_ndb_struct_na_base_pair_step.j_auth_seq_id_1 
_ndb_struct_na_base_pair_step.j_PDB_ins_code_1 
_ndb_struct_na_base_pair_step.i_auth_asym_id_2 
_ndb_struct_na_base_pair_step.i_auth_seq_id_2 
_ndb_struct_na_base_pair_step.i_PDB_ins_code_2 
_ndb_struct_na_base_pair_step.j_auth_asym_id_2 
_ndb_struct_na_base_pair_step.j_auth_seq_id_2 
_ndb_struct_na_base_pair_step.j_PDB_ins_code_2 
1 A DC 1  1_555 B DG 16 1_555 A DC 2  1_555 B DG 15 1_555 0.902  0.277  3.236 6.811  0.600  40.487 0.329  -0.536 3.342 0.860  
-9.757 41.037 1  BB_DC402DC403:DG433DG434_CC B 402 ? C 434 ? B 403 ? C 433 ? 
1 A DC 2  1_555 B DG 15 1_555 A DG 3  1_555 B DC 14 1_555 0.772  1.586  3.542 1.733  2.138  42.186 1.959  -0.875 3.642 2.967  
-2.404 42.271 2  BB_DC403DG404:DC432DG433_CC B 403 ? C 433 ? B 404 ? C 432 ? 
1 A DG 3  1_555 B DC 14 1_555 A DA 4  1_555 B DT 13 1_555 -1.122 0.848  3.224 -2.469 -2.243 41.203 1.439  1.328  3.235 -3.181 
3.502  41.332 3  BB_DG404DA405:DT431DC432_CC B 404 ? C 432 ? B 405 ? C 431 ? 
1 A DA 4  1_555 B DT 13 1_555 A DA 5  1_555 B DT 12 1_555 0.428  -0.393 3.282 -0.090 7.832  31.827 -2.033 -0.774 3.099 14.017 
0.161  32.752 4  BB_DA405DA406:DT430DT431_CC B 405 ? C 431 ? B 406 ? C 430 ? 
1 A DA 5  1_555 B DT 12 1_555 A DA 6  1_555 B DT 11 1_555 0.255  -0.094 3.311 -1.225 13.574 25.291 -3.276 -0.794 2.872 28.512 
2.573  28.677 5  BB_DA406DA407:DT429DT430_CC B 406 ? C 430 ? B 407 ? C 429 ? 
1 A DA 6  1_555 B DT 11 1_555 A DA 7  1_555 B DT 10 1_555 -0.861 -0.380 3.261 -3.347 -0.154 35.746 -0.594 0.914  3.327 -0.251 
5.437  35.898 6  BB_DA407DA408:DT428DT429_CC B 407 ? C 429 ? B 408 ? C 428 ? 
1 A DA 7  1_555 B DT 10 1_555 A DG 8  1_555 B DC 9  1_555 0.411  -0.413 3.317 -4.085 -0.954 39.667 -0.495 -1.078 3.269 -1.401 
5.999  39.880 7  BB_DA408DG409:DC427DT428_CC B 408 ? C 428 ? B 409 ? C 427 ? 
1 A DG 8  1_555 B DC 9  1_555 A DG 9  1_555 B DC 8  1_555 -0.385 -1.357 3.551 5.287  3.781  35.819 -2.729 1.394  3.307 6.086  
-8.510 36.385 8  BB_DG409DG410:DC426DC427_CC B 409 ? C 427 ? B 410 ? C 426 ? 
1 A DG 9  1_555 B DC 8  1_555 A DT 10 1_555 B DA 7  1_555 0.142  -0.815 3.251 -3.587 1.381  26.214 -2.140 -1.244 3.157 3.025  
7.854  26.489 9  BB_DG410DT411:DA425DC426_CC B 410 ? C 426 ? B 411 ? C 425 ? 
1 A DT 10 1_555 B DA 7  1_555 A DC 11 1_555 B DG 6  1_555 1.253  1.713  3.162 3.826  0.270  39.524 2.491  -1.405 3.275 0.399  
-5.642 39.703 10 BB_DT411DC412:DG424DA425_CC B 411 ? C 425 ? B 412 ? C 424 ? 
1 A DC 11 1_555 B DG 6  1_555 A DA 12 1_555 B DT 5  1_555 -1.336 1.485  3.458 -4.379 2.156  41.027 1.853  1.381  3.646 3.064  
6.221  41.304 11 BB_DC412DA413:DT423DG424_CC B 412 ? C 424 ? B 413 ? C 423 ? 
1 A DA 12 1_555 B DT 5  1_555 A DT 13 1_555 B DA 4  1_555 0.091  -0.594 3.267 1.568  1.930  28.165 -1.662 0.175  3.220 3.957  
-3.215 28.273 12 BB_DA413DT414:DA422DT423_CC B 413 ? C 423 ? B 414 ? C 422 ? 
1 A DT 13 1_555 B DA 4  1_555 A DG 14 1_555 B DC 3  1_555 0.173  0.376  3.194 1.162  4.250  37.777 0.046  -0.120 3.219 6.536  
-1.788 38.024 13 BB_DT414DG415:DC421DA422_CC B 414 ? C 422 ? B 415 ? C 421 ? 
1 A DG 14 1_555 B DC 3  1_555 A DC 15 1_555 B DG 2  1_555 -0.993 0.170  3.161 0.452  -1.212 23.642 0.801  2.566  3.129 -2.956 
-1.103 23.677 14 BB_DG415DC416:DG420DC421_CC B 415 ? C 421 ? B 416 ? C 420 ? 
1 A DC 15 1_555 B DG 2  1_555 A DG 16 1_555 B DC 1  1_555 1.123  0.301  3.599 -4.200 -3.933 49.512 0.668  -1.665 3.467 -4.677 
4.995  49.824 15 BB_DC416DG417:DC419DG420_CC B 416 ? C 420 ? B 417 ? C 419 ? 
# 
loop_
_pdbx_entity_nonpoly.entity_id 
_pdbx_entity_nonpoly.name 
_pdbx_entity_nonpoly.comp_id 
4 'ZINC ION' ZN  
5 water      HOH 
# 
_pdbx_initial_refinement_model.id               1 
_pdbx_initial_refinement_model.entity_id_list   ? 
_pdbx_initial_refinement_model.type             'experimental model' 
_pdbx_initial_refinement_model.source_name      PDB 
_pdbx_initial_refinement_model.accession_code   1HCQ 
_pdbx_initial_refinement_model.details          'PDB ENTRY 1HCQ' 
# 
